data_5GIO
#
_entry.id   5GIO
#
_cell.length_a   241.781
_cell.length_b   241.781
_cell.length_c   145.002
_cell.angle_alpha   90.00
_cell.angle_beta   90.00
_cell.angle_gamma   90.00
#
_symmetry.space_group_name_H-M   'P 41 21 2'
#
loop_
_entity.id
_entity.type
_entity.pdbx_description
1 polymer 'C/D box methylation guide ribonucleoprotein complex aNOP56 subunit'
2 polymer '50S ribosomal protein L7Ae'
3 polymer "Fibrillarin-like rRNA/tRNA 2'-O-methyltransferase"
4 polymer 'C/D RNA'
5 polymer substrate
6 non-polymer S-ADENOSYL-L-HOMOCYSTEINE
#
loop_
_entity_poly.entity_id
_entity_poly.type
_entity_poly.pdbx_seq_one_letter_code
_entity_poly.pdbx_strand_id
1 'polypeptide(L)'
;MVKIYLIEHVIGAVAYDENGNIVDYITNPRDLGKITEELLNNEKGIPFSATVELLKKVNPQEVVVENEAEVPKLQALGYR
VSYEPYSKVSRIFRESLPKVAIDIKFASNEEDYYNFLHELSLEYTRRKLRSAAQKRDLLAIQAVRAMDDIDKTINLFSER
LREWYSIHFPELDKLIEDHEEYATIVSRFGDRGFLTIDSLKELGFNEQRINRILDAAKKSIGADISEDDLSAMRMIANTI
LDLYNIRRNLNNYLEGVMKEVAPNVTALVGPALGARLLSIAGSLDELAKMPASTIQVLGAEKALFRALRSGGRPPKHGII
FQYPAIHTSPRWQRGKIARALAAKLAIAARVDAFSGRFIGDQLNEQLKKRIDEIKEKFAQHHHHHHHH
;
A,B,K
2 'polypeptide(L)'
;MDAMSKASYVKFEVPQDLADKVLEAVRKAKESGKIKKGTNETTKAVERGQAKLVIIAEDVQPEEIVAHLPLLCDEKKIPY
VYVSSKKALGEACGLQVATASAAILEPGEAKDLVDEIIKRVNEIKGKTSS
;
C,D,L
3 'polypeptide(L)'
;MAEVITVKQTNMENIYECEFNDGSFRLCTRNLVPNFNVYGERLIKYEGVEYREWNAFRSKLAGAILKGLKTNPIRKGTKV
LYLGAASGTTISHVSDIIELNGKAYGVEFSPRVVRELLLVAQRRPNIFPLLADARFPQSYKSVVENVDVLYVDIAQPDQT
DIAIYNAKFFLKVNGDMLLVIKARSIDVTKDPKEIYKTEVEKLENSNFETIQIINLDPYDKDHAIVLSKYKG
;
E,F,M
4 'polyribonucleotide' GGGAGUCUUGUGAUGAAACACUCAUGGUCUGAAGACUCCC G,H,N
5 'polyribonucleotide' AGACCAUGAGUGU I,J,O
#
# COMPACT_ATOMS: atom_id res chain seq x y z
N LYS A 3 48.63 53.60 41.33
CA LYS A 3 47.99 52.41 40.78
C LYS A 3 48.13 51.19 41.70
N ILE A 4 47.00 50.67 42.16
CA ILE A 4 46.98 49.53 43.08
C ILE A 4 46.26 48.31 42.49
N TYR A 5 46.95 47.17 42.44
CA TYR A 5 46.39 45.90 41.98
C TYR A 5 45.71 45.17 43.14
N LEU A 6 44.43 44.85 42.98
CA LEU A 6 43.67 44.26 44.07
C LEU A 6 43.35 42.78 43.89
N ILE A 7 43.51 41.99 44.95
CA ILE A 7 43.24 40.55 44.92
C ILE A 7 42.04 40.19 45.80
N GLU A 8 41.21 39.25 45.33
CA GLU A 8 40.12 38.72 46.14
C GLU A 8 40.17 37.19 46.26
N HIS A 9 40.13 36.70 47.50
CA HIS A 9 40.35 35.28 47.79
C HIS A 9 39.64 34.89 49.09
N VAL A 10 39.62 33.61 49.42
CA VAL A 10 39.16 33.14 50.71
C VAL A 10 40.02 33.78 51.82
N ILE A 11 41.30 33.98 51.51
CA ILE A 11 42.28 34.56 52.44
C ILE A 11 41.94 35.98 52.85
N GLY A 12 41.11 36.66 52.05
CA GLY A 12 40.81 38.06 52.28
C GLY A 12 40.97 38.91 51.04
N ALA A 13 41.22 40.19 51.23
CA ALA A 13 41.47 41.10 50.13
C ALA A 13 42.82 41.79 50.30
N VAL A 14 43.71 41.65 49.31
CA VAL A 14 45.05 42.18 49.41
C VAL A 14 45.30 43.22 48.30
N ALA A 15 45.98 44.31 48.64
CA ALA A 15 46.38 45.29 47.66
C ALA A 15 47.86 45.17 47.34
N TYR A 16 48.20 45.25 46.06
CA TYR A 16 49.58 45.12 45.63
C TYR A 16 49.97 46.31 44.78
N ASP A 17 51.25 46.69 44.80
CA ASP A 17 51.75 47.62 43.80
C ASP A 17 52.11 46.79 42.58
N GLU A 18 52.58 47.43 41.52
CA GLU A 18 52.88 46.70 40.29
C GLU A 18 54.10 45.80 40.46
N ASN A 19 54.87 46.05 41.52
CA ASN A 19 56.08 45.27 41.78
C ASN A 19 55.76 43.90 42.37
N GLY A 20 54.68 43.83 43.15
CA GLY A 20 54.31 42.60 43.82
C GLY A 20 54.58 42.62 45.31
N ASN A 21 54.45 43.80 45.92
CA ASN A 21 54.53 43.92 47.38
C ASN A 21 53.19 44.32 47.97
N ILE A 22 52.84 43.67 49.08
CA ILE A 22 51.57 43.92 49.75
C ILE A 22 51.51 45.36 50.27
N VAL A 23 50.75 46.21 49.59
CA VAL A 23 50.58 47.59 50.01
C VAL A 23 49.75 47.65 51.28
N ASP A 24 48.64 46.91 51.27
CA ASP A 24 47.81 46.72 52.45
C ASP A 24 46.89 45.51 52.25
N TYR A 25 46.44 44.92 53.35
CA TYR A 25 45.57 43.75 53.31
C TYR A 25 44.55 43.82 54.43
N ILE A 26 43.38 43.21 54.19
CA ILE A 26 42.41 43.01 55.26
C ILE A 26 41.93 41.57 55.27
N THR A 27 42.36 40.85 56.31
CA THR A 27 42.12 39.42 56.42
C THR A 27 40.64 39.10 56.63
N ASN A 28 40.18 38.04 55.97
CA ASN A 28 38.82 37.54 56.10
C ASN A 28 38.57 36.86 57.44
N PRO A 29 37.30 36.72 57.82
CA PRO A 29 37.01 35.90 59.00
C PRO A 29 37.15 34.42 58.70
N ARG A 30 37.71 33.65 59.62
CA ARG A 30 37.87 32.22 59.45
C ARG A 30 36.55 31.51 59.76
N ASP A 31 35.54 31.81 58.95
CA ASP A 31 34.18 31.29 59.15
C ASP A 31 33.57 30.76 57.85
N LEU A 32 33.29 29.46 57.81
CA LEU A 32 32.69 28.78 56.65
C LEU A 32 31.49 29.51 56.07
N GLY A 33 30.50 29.77 56.91
CA GLY A 33 29.29 30.44 56.49
C GLY A 33 29.49 31.71 55.68
N LYS A 34 30.26 32.64 56.23
CA LYS A 34 30.37 33.99 55.68
C LYS A 34 31.21 34.04 54.40
N ILE A 35 32.30 33.29 54.38
CA ILE A 35 33.19 33.25 53.22
C ILE A 35 32.49 32.65 52.01
N THR A 36 31.83 31.51 52.23
CA THR A 36 31.06 30.84 51.18
C THR A 36 30.09 31.78 50.49
N GLU A 37 29.40 32.61 51.27
CA GLU A 37 28.43 33.53 50.72
C GLU A 37 29.06 34.62 49.86
N GLU A 38 30.20 35.14 50.30
CA GLU A 38 30.88 36.19 49.56
C GLU A 38 31.52 35.63 48.30
N LEU A 39 31.86 34.33 48.32
CA LEU A 39 32.38 33.66 47.14
C LEU A 39 31.26 33.54 46.10
N LEU A 40 30.08 33.13 46.55
CA LEU A 40 28.88 33.12 45.70
C LEU A 40 28.53 34.51 45.19
N ASN A 41 28.62 35.50 46.07
CA ASN A 41 28.30 36.88 45.72
C ASN A 41 29.28 37.49 44.74
N ASN A 42 30.56 37.17 44.92
CA ASN A 42 31.62 37.69 44.06
C ASN A 42 31.43 37.25 42.61
N GLU A 43 30.74 36.13 42.43
CA GLU A 43 30.39 35.63 41.10
C GLU A 43 29.59 36.64 40.29
N LYS A 44 28.71 37.37 40.97
CA LYS A 44 27.83 38.34 40.33
C LYS A 44 28.47 39.73 40.22
N GLY A 45 29.66 39.89 40.80
CA GLY A 45 30.38 41.15 40.78
C GLY A 45 30.49 41.82 42.15
N ILE A 46 29.72 41.34 43.12
CA ILE A 46 29.70 41.93 44.45
C ILE A 46 31.03 41.71 45.15
N PRO A 47 31.69 42.80 45.52
CA PRO A 47 32.96 42.76 46.23
C PRO A 47 32.81 42.21 47.64
N PHE A 48 33.86 41.56 48.13
CA PHE A 48 33.96 41.14 49.51
C PHE A 48 33.75 42.35 50.41
N SER A 49 33.30 42.11 51.64
CA SER A 49 33.18 43.20 52.60
C SER A 49 34.58 43.61 53.07
N ALA A 50 35.51 42.66 52.99
CA ALA A 50 36.91 42.90 53.34
C ALA A 50 37.60 43.80 52.32
N THR A 51 37.12 43.75 51.08
CA THR A 51 37.67 44.57 49.99
C THR A 51 37.28 46.02 50.14
N VAL A 52 36.03 46.26 50.52
CA VAL A 52 35.51 47.60 50.70
C VAL A 52 36.29 48.35 51.78
N GLU A 53 36.52 47.67 52.90
CA GLU A 53 37.29 48.25 53.99
C GLU A 53 38.69 48.60 53.50
N LEU A 54 39.25 47.74 52.65
CA LEU A 54 40.62 47.91 52.16
C LEU A 54 40.73 49.05 51.17
N LEU A 55 39.72 49.21 50.32
CA LEU A 55 39.72 50.30 49.34
C LEU A 55 39.50 51.65 50.03
N LYS A 56 39.17 51.61 51.32
CA LYS A 56 39.02 52.83 52.09
C LYS A 56 40.32 53.20 52.79
N LYS A 57 40.99 52.23 53.41
CA LYS A 57 42.27 52.46 54.06
C LYS A 57 43.27 53.07 53.09
N VAL A 58 43.61 52.33 52.04
CA VAL A 58 44.40 52.88 50.95
C VAL A 58 43.47 53.70 50.06
N ASN A 59 43.98 54.81 49.51
CA ASN A 59 43.17 55.65 48.64
C ASN A 59 43.80 55.76 47.26
N PRO A 60 43.60 54.72 46.44
CA PRO A 60 44.27 54.62 45.14
C PRO A 60 43.46 55.28 44.03
N GLN A 61 44.15 56.02 43.17
CA GLN A 61 43.52 56.73 42.07
C GLN A 61 43.09 55.75 40.98
N GLU A 62 43.99 54.84 40.61
CA GLU A 62 43.69 53.79 39.64
C GLU A 62 43.76 52.42 40.29
N VAL A 63 42.62 51.72 40.37
CA VAL A 63 42.62 50.36 40.89
C VAL A 63 42.28 49.34 39.80
N VAL A 64 42.86 48.14 39.93
CA VAL A 64 42.66 47.08 38.94
C VAL A 64 42.39 45.73 39.60
N VAL A 65 41.28 45.11 39.21
CA VAL A 65 40.81 43.89 39.86
C VAL A 65 40.95 42.67 38.94
N GLU A 66 40.65 41.49 39.46
CA GLU A 66 40.80 40.23 38.75
C GLU A 66 39.61 39.97 37.85
N ASN A 67 38.44 40.41 38.31
CA ASN A 67 37.18 40.08 37.65
C ASN A 67 36.58 41.27 36.92
N GLU A 68 36.04 41.01 35.73
CA GLU A 68 35.41 42.05 34.93
C GLU A 68 33.99 42.37 35.40
N ALA A 69 33.42 41.50 36.23
CA ALA A 69 32.06 41.69 36.75
C ALA A 69 32.05 42.64 37.94
N GLU A 70 33.21 42.77 38.59
CA GLU A 70 33.37 43.65 39.75
C GLU A 70 33.45 45.13 39.33
N VAL A 71 34.06 45.39 38.16
CA VAL A 71 34.33 46.76 37.69
C VAL A 71 33.13 47.73 37.76
N PRO A 72 31.94 47.34 37.24
CA PRO A 72 30.85 48.32 37.33
C PRO A 72 30.38 48.57 38.76
N LYS A 73 30.49 47.55 39.61
CA LYS A 73 30.12 47.68 41.01
C LYS A 73 31.04 48.66 41.74
N LEU A 74 32.33 48.58 41.42
CA LEU A 74 33.34 49.42 42.06
C LEU A 74 33.40 50.83 41.46
N GLN A 75 32.91 50.98 40.23
CA GLN A 75 32.78 52.30 39.60
C GLN A 75 31.64 53.04 40.30
N ALA A 76 30.61 52.28 40.66
CA ALA A 76 29.47 52.79 41.42
C ALA A 76 29.87 53.24 42.83
N LEU A 77 30.99 52.71 43.33
CA LEU A 77 31.43 53.04 44.67
C LEU A 77 32.33 54.27 44.73
N GLY A 78 32.73 54.75 43.56
CA GLY A 78 33.45 56.00 43.47
C GLY A 78 34.83 55.94 42.82
N TYR A 79 35.33 54.73 42.56
CA TYR A 79 36.70 54.56 42.05
C TYR A 79 36.76 54.38 40.52
N ARG A 80 37.91 54.69 39.93
CA ARG A 80 38.18 54.32 38.54
C ARG A 80 38.74 52.90 38.54
N VAL A 81 38.03 51.99 37.88
CA VAL A 81 38.34 50.57 38.00
C VAL A 81 38.39 49.89 36.64
N SER A 82 39.32 48.95 36.49
CA SER A 82 39.40 48.09 35.32
C SER A 82 39.75 46.67 35.75
N TYR A 83 40.05 45.80 34.80
CA TYR A 83 40.47 44.44 35.14
C TYR A 83 41.55 43.90 34.20
N GLU A 84 42.46 43.13 34.77
CA GLU A 84 43.43 42.36 34.00
C GLU A 84 43.26 40.92 34.45
N PRO A 85 42.86 40.03 33.52
CA PRO A 85 42.41 38.68 33.86
C PRO A 85 43.49 37.81 34.53
N TYR A 86 44.61 37.57 33.86
CA TYR A 86 45.65 36.70 34.42
C TYR A 86 46.95 37.49 34.61
N SER A 87 46.86 38.57 35.38
CA SER A 87 47.94 39.52 35.54
C SER A 87 49.12 38.93 36.31
N LYS A 88 50.28 39.57 36.18
CA LYS A 88 51.47 39.12 36.90
C LYS A 88 51.27 39.20 38.40
N VAL A 89 50.48 40.18 38.84
CA VAL A 89 50.22 40.36 40.26
C VAL A 89 49.41 39.21 40.84
N SER A 90 48.33 38.84 40.15
CA SER A 90 47.47 37.74 40.61
C SER A 90 48.26 36.44 40.71
N ARG A 91 49.19 36.25 39.76
CA ARG A 91 50.07 35.10 39.79
C ARG A 91 51.01 35.19 40.99
N ILE A 92 51.65 36.35 41.16
CA ILE A 92 52.54 36.59 42.30
C ILE A 92 51.87 36.21 43.61
N PHE A 93 50.59 36.56 43.74
CA PHE A 93 49.84 36.26 44.95
C PHE A 93 49.73 34.76 45.23
N ARG A 94 49.35 34.00 44.22
CA ARG A 94 49.13 32.57 44.40
C ARG A 94 50.43 31.77 44.50
N GLU A 95 51.52 32.30 43.96
CA GLU A 95 52.81 31.65 44.10
C GLU A 95 53.17 31.54 45.59
N SER A 96 52.67 32.49 46.37
CA SER A 96 52.98 32.59 47.79
C SER A 96 51.77 32.23 48.65
N LEU A 97 50.81 31.54 48.06
CA LEU A 97 49.58 31.18 48.77
C LEU A 97 49.73 30.07 49.82
N PRO A 98 50.70 29.15 49.67
CA PRO A 98 50.96 28.33 50.84
C PRO A 98 51.36 29.18 52.03
N LYS A 99 52.16 30.20 51.78
CA LYS A 99 52.73 31.05 52.82
C LYS A 99 51.79 32.16 53.31
N VAL A 100 51.39 33.07 52.42
CA VAL A 100 50.76 34.33 52.84
C VAL A 100 49.44 34.19 53.59
N ALA A 101 48.98 32.96 53.80
CA ALA A 101 47.83 32.72 54.67
C ALA A 101 48.25 32.97 56.11
N ILE A 102 49.48 32.57 56.42
CA ILE A 102 50.05 32.72 57.75
C ILE A 102 50.52 34.15 57.99
N ASP A 103 51.15 34.74 56.97
CA ASP A 103 51.75 36.09 57.08
C ASP A 103 50.71 37.18 57.39
N ILE A 104 49.55 37.13 56.72
CA ILE A 104 48.47 38.09 56.98
C ILE A 104 47.54 37.52 58.05
N LYS A 105 48.02 36.45 58.69
CA LYS A 105 47.35 35.80 59.81
C LYS A 105 45.89 35.47 59.55
N PHE A 106 45.68 34.60 58.56
CA PHE A 106 44.37 34.02 58.31
C PHE A 106 44.30 32.71 59.09
N ALA A 107 45.45 32.05 59.23
CA ALA A 107 45.59 30.88 60.09
C ALA A 107 46.96 30.87 60.76
N SER A 108 47.09 30.12 61.86
CA SER A 108 48.35 30.10 62.60
C SER A 108 49.45 29.41 61.81
N ASN A 109 49.12 28.25 61.23
CA ASN A 109 50.09 27.51 60.44
C ASN A 109 49.48 26.93 59.17
N GLU A 110 50.32 26.31 58.35
CA GLU A 110 49.87 25.69 57.11
C GLU A 110 48.94 24.50 57.35
N GLU A 111 49.20 23.78 58.43
CA GLU A 111 48.40 22.61 58.84
C GLU A 111 46.88 22.76 58.78
N ASP A 112 46.34 23.81 59.38
CA ASP A 112 44.89 23.96 59.46
C ASP A 112 44.33 25.09 58.59
N TYR A 113 45.14 25.61 57.69
CA TYR A 113 44.65 26.39 56.57
C TYR A 113 43.97 25.48 55.56
N TYR A 114 44.65 24.38 55.24
CA TYR A 114 44.14 23.40 54.29
C TYR A 114 43.00 22.59 54.91
N ASN A 115 43.09 22.31 56.21
CA ASN A 115 41.98 21.67 56.91
C ASN A 115 40.69 22.46 56.74
N PHE A 116 40.81 23.78 56.86
CA PHE A 116 39.69 24.71 56.66
C PHE A 116 39.34 24.84 55.19
N LEU A 117 40.34 25.10 54.34
CA LEU A 117 40.12 25.32 52.91
C LEU A 117 39.41 24.11 52.28
N HIS A 118 39.74 22.93 52.76
CA HIS A 118 39.05 21.69 52.37
C HIS A 118 37.57 21.68 52.70
N GLU A 119 37.24 22.05 53.93
CA GLU A 119 35.87 21.98 54.41
C GLU A 119 35.04 23.09 53.79
N LEU A 120 35.70 24.18 53.43
CA LEU A 120 35.07 25.25 52.64
C LEU A 120 34.73 24.74 51.25
N SER A 121 35.71 24.13 50.59
CA SER A 121 35.53 23.54 49.27
C SER A 121 34.40 22.52 49.26
N LEU A 122 34.41 21.62 50.25
CA LEU A 122 33.31 20.69 50.46
C LEU A 122 31.99 21.44 50.60
N GLU A 123 31.97 22.45 51.48
CA GLU A 123 30.77 23.24 51.71
C GLU A 123 30.41 24.19 50.58
N TYR A 124 31.39 24.65 49.81
CA TYR A 124 31.08 25.56 48.72
C TYR A 124 30.38 24.86 47.56
N THR A 125 30.83 23.65 47.25
CA THR A 125 30.25 22.89 46.15
C THR A 125 28.99 22.19 46.59
N ARG A 126 28.95 21.79 47.85
CA ARG A 126 27.72 21.25 48.42
C ARG A 126 26.57 22.22 48.18
N ARG A 127 26.87 23.51 48.27
CA ARG A 127 25.89 24.56 48.07
C ARG A 127 25.46 24.65 46.60
N LYS A 128 26.45 24.56 45.70
CA LYS A 128 26.23 24.61 44.26
C LYS A 128 25.49 23.36 43.78
N LEU A 129 25.81 22.23 44.40
CA LEU A 129 25.14 20.96 44.12
C LEU A 129 23.62 21.09 44.31
N ARG A 130 23.24 21.92 45.27
CA ARG A 130 21.84 22.12 45.63
C ARG A 130 21.15 23.07 44.66
N SER A 131 21.85 24.13 44.26
CA SER A 131 21.29 25.14 43.35
C SER A 131 21.04 24.55 41.97
N ALA A 132 21.75 23.48 41.66
CA ALA A 132 21.57 22.78 40.40
C ALA A 132 20.34 21.89 40.42
N ALA A 133 20.16 21.16 41.53
CA ALA A 133 19.05 20.23 41.72
C ALA A 133 17.70 20.94 41.86
N GLN A 134 17.76 22.22 42.21
CA GLN A 134 16.55 22.98 42.50
C GLN A 134 15.92 23.51 41.22
N LYS A 135 16.62 23.33 40.10
CA LYS A 135 16.13 23.79 38.80
C LYS A 135 14.90 23.02 38.36
N ARG A 136 13.94 23.77 37.84
CA ARG A 136 12.61 23.24 37.55
C ARG A 136 12.56 22.35 36.31
N ASP A 137 13.43 22.62 35.33
CA ASP A 137 13.38 21.86 34.08
C ASP A 137 13.87 20.42 34.24
N LEU A 138 14.57 20.14 35.32
CA LEU A 138 15.09 18.79 35.56
C LEU A 138 13.93 17.82 35.79
N LEU A 139 12.90 18.30 36.49
CA LEU A 139 11.75 17.47 36.85
C LEU A 139 10.92 17.16 35.63
N ALA A 140 10.93 18.12 34.71
CA ALA A 140 10.30 17.96 33.43
C ALA A 140 10.95 16.83 32.64
N ILE A 141 12.28 16.84 32.59
CA ILE A 141 13.03 15.85 31.81
C ILE A 141 12.86 14.43 32.35
N GLN A 142 13.03 14.25 33.65
CA GLN A 142 12.87 12.92 34.27
C GLN A 142 11.48 12.36 34.08
N ALA A 143 10.49 13.23 34.14
CA ALA A 143 9.10 12.83 33.99
C ALA A 143 8.82 12.26 32.61
N VAL A 144 9.17 13.01 31.57
CA VAL A 144 8.96 12.57 30.19
C VAL A 144 9.83 11.39 29.78
N ARG A 145 11.03 11.28 30.36
CA ARG A 145 11.89 10.13 30.11
C ARG A 145 11.21 8.88 30.65
N ALA A 146 10.63 9.01 31.84
CA ALA A 146 9.92 7.91 32.48
C ALA A 146 8.67 7.56 31.70
N MET A 147 7.99 8.56 31.15
CA MET A 147 6.85 8.33 30.31
C MET A 147 7.21 7.50 29.09
N ASP A 148 8.33 7.80 28.48
CA ASP A 148 8.77 7.06 27.31
C ASP A 148 9.21 5.66 27.72
N ASP A 149 9.61 5.52 28.98
CA ASP A 149 9.95 4.21 29.52
C ASP A 149 8.66 3.39 29.63
N ILE A 150 7.57 4.03 30.04
CA ILE A 150 6.26 3.38 30.19
C ILE A 150 5.63 3.09 28.81
N ASP A 151 5.73 4.06 27.91
CA ASP A 151 5.32 3.88 26.51
C ASP A 151 5.94 2.61 25.96
N LYS A 152 7.25 2.46 26.13
CA LYS A 152 7.97 1.31 25.63
C LYS A 152 7.46 0.01 26.27
N THR A 153 7.18 0.07 27.57
CA THR A 153 6.74 -1.10 28.34
C THR A 153 5.33 -1.53 27.98
N ILE A 154 4.44 -0.55 27.82
CA ILE A 154 3.06 -0.80 27.42
C ILE A 154 3.04 -1.63 26.15
N ASN A 155 3.83 -1.21 25.15
CA ASN A 155 3.89 -1.91 23.87
C ASN A 155 4.44 -3.32 23.97
N LEU A 156 5.52 -3.50 24.72
CA LEU A 156 6.12 -4.82 24.87
C LEU A 156 5.18 -5.82 25.54
N PHE A 157 4.58 -5.41 26.66
CA PHE A 157 3.70 -6.29 27.41
C PHE A 157 2.45 -6.63 26.58
N SER A 158 1.97 -5.65 25.81
CA SER A 158 0.80 -5.84 24.98
C SER A 158 1.03 -6.87 23.87
N GLU A 159 2.20 -6.79 23.23
CA GLU A 159 2.56 -7.74 22.18
C GLU A 159 2.76 -9.13 22.79
N ARG A 160 3.28 -9.16 24.02
CA ARG A 160 3.44 -10.42 24.74
C ARG A 160 2.08 -11.01 25.06
N LEU A 161 1.19 -10.20 25.63
CA LEU A 161 -0.14 -10.68 26.03
C LEU A 161 -0.93 -11.23 24.86
N ARG A 162 -0.89 -10.54 23.72
CA ARG A 162 -1.61 -11.02 22.53
C ARG A 162 -1.09 -12.38 22.10
N GLU A 163 0.23 -12.52 22.05
CA GLU A 163 0.82 -13.79 21.66
C GLU A 163 0.44 -14.89 22.63
N TRP A 164 0.38 -14.51 23.91
CA TRP A 164 0.13 -15.43 25.03
C TRP A 164 -1.33 -15.85 25.12
N TYR A 165 -2.22 -14.86 25.12
CA TYR A 165 -3.65 -15.12 25.28
C TYR A 165 -4.23 -15.82 24.07
N SER A 166 -3.59 -15.63 22.93
CA SER A 166 -4.11 -16.22 21.70
C SER A 166 -3.92 -17.73 21.66
N ILE A 167 -3.28 -18.29 22.68
CA ILE A 167 -3.20 -19.74 22.81
C ILE A 167 -4.61 -20.28 23.09
N HIS A 168 -5.37 -19.47 23.80
CA HIS A 168 -6.73 -19.79 24.22
C HIS A 168 -7.77 -19.22 23.25
N PHE A 169 -7.52 -18.02 22.76
CA PHE A 169 -8.51 -17.25 22.02
C PHE A 169 -7.82 -16.41 20.95
N PRO A 170 -7.41 -17.05 19.85
CA PRO A 170 -6.60 -16.42 18.80
C PRO A 170 -7.31 -15.31 18.02
N GLU A 171 -8.60 -15.50 17.75
CA GLU A 171 -9.37 -14.59 16.91
C GLU A 171 -9.57 -13.22 17.54
N LEU A 172 -9.33 -13.13 18.84
CA LEU A 172 -9.56 -11.88 19.54
C LEU A 172 -8.45 -10.91 19.13
N ASP A 173 -7.28 -11.47 18.84
CA ASP A 173 -6.08 -10.69 18.52
C ASP A 173 -6.31 -9.72 17.35
N LYS A 174 -6.76 -10.25 16.22
CA LYS A 174 -6.97 -9.44 15.04
C LYS A 174 -8.28 -8.65 15.09
N LEU A 175 -9.08 -8.89 16.12
CA LEU A 175 -10.38 -8.25 16.20
C LEU A 175 -10.33 -6.94 16.96
N ILE A 176 -9.35 -6.82 17.84
CA ILE A 176 -9.17 -5.59 18.58
C ILE A 176 -7.83 -4.93 18.27
N GLU A 177 -7.90 -3.81 17.58
CA GLU A 177 -6.72 -3.06 17.18
C GLU A 177 -6.04 -2.48 18.42
N ASP A 178 -6.83 -1.88 19.29
CA ASP A 178 -6.28 -1.13 20.41
C ASP A 178 -5.75 -2.06 21.51
N HIS A 179 -4.54 -1.76 21.97
CA HIS A 179 -3.90 -2.56 23.00
C HIS A 179 -4.67 -2.45 24.32
N GLU A 180 -5.03 -1.22 24.71
CA GLU A 180 -5.76 -0.98 25.95
C GLU A 180 -7.12 -1.69 25.92
N GLU A 181 -7.76 -1.68 24.76
CA GLU A 181 -9.03 -2.40 24.61
C GLU A 181 -8.84 -3.89 24.80
N TYR A 182 -7.89 -4.47 24.06
CA TYR A 182 -7.55 -5.89 24.17
C TYR A 182 -7.26 -6.35 25.59
N ALA A 183 -6.37 -5.63 26.26
CA ALA A 183 -6.02 -5.94 27.64
C ALA A 183 -7.27 -5.94 28.51
N THR A 184 -8.15 -4.97 28.28
CA THR A 184 -9.37 -4.82 29.07
C THR A 184 -10.28 -6.04 28.98
N ILE A 185 -10.31 -6.69 27.83
CA ILE A 185 -11.13 -7.89 27.70
C ILE A 185 -10.60 -9.02 28.56
N VAL A 186 -9.31 -9.31 28.41
CA VAL A 186 -8.67 -10.37 29.16
C VAL A 186 -8.72 -10.12 30.67
N SER A 187 -8.58 -8.87 31.06
CA SER A 187 -8.60 -8.53 32.48
C SER A 187 -9.96 -8.82 33.11
N ARG A 188 -11.02 -8.29 32.51
CA ARG A 188 -12.34 -8.33 33.13
C ARG A 188 -13.02 -9.71 33.02
N PHE A 189 -12.79 -10.43 31.92
CA PHE A 189 -13.51 -11.67 31.66
C PHE A 189 -12.69 -12.92 31.97
N GLY A 190 -11.51 -13.03 31.36
CA GLY A 190 -10.67 -14.20 31.54
C GLY A 190 -10.93 -15.25 30.48
N ASP A 191 -11.59 -16.33 30.87
CA ASP A 191 -11.97 -17.37 29.92
C ASP A 191 -12.83 -16.71 28.85
N ARG A 192 -12.74 -17.21 27.62
CA ARG A 192 -13.46 -16.63 26.49
C ARG A 192 -14.97 -16.86 26.59
N GLY A 193 -15.36 -17.90 27.31
CA GLY A 193 -16.77 -18.22 27.49
C GLY A 193 -17.43 -17.46 28.61
N PHE A 194 -16.77 -16.40 29.07
CA PHE A 194 -17.33 -15.59 30.15
C PHE A 194 -17.78 -14.23 29.63
N LEU A 195 -17.61 -14.02 28.33
CA LEU A 195 -17.94 -12.76 27.69
C LEU A 195 -19.47 -12.55 27.68
N THR A 196 -19.91 -11.37 28.10
CA THR A 196 -21.32 -11.01 28.07
C THR A 196 -21.53 -9.60 27.54
N ILE A 197 -22.69 -9.37 26.93
CA ILE A 197 -22.96 -8.16 26.17
C ILE A 197 -22.83 -6.85 26.95
N ASP A 198 -23.38 -6.81 28.15
CA ASP A 198 -23.48 -5.55 28.87
C ASP A 198 -22.12 -5.09 29.36
N SER A 199 -21.30 -6.05 29.77
CA SER A 199 -19.93 -5.77 30.16
C SER A 199 -19.13 -5.19 29.00
N LEU A 200 -19.51 -5.57 27.78
CA LEU A 200 -18.84 -5.09 26.58
C LEU A 200 -19.42 -3.75 26.10
N LYS A 201 -20.71 -3.54 26.30
CA LYS A 201 -21.29 -2.23 26.01
C LYS A 201 -20.67 -1.15 26.88
N GLU A 202 -20.16 -1.57 28.03
CA GLU A 202 -19.56 -0.68 29.02
C GLU A 202 -18.20 -0.14 28.58
N LEU A 203 -17.52 -0.86 27.71
CA LEU A 203 -16.24 -0.43 27.17
C LEU A 203 -16.38 0.62 26.06
N GLY A 204 -17.52 0.62 25.39
CA GLY A 204 -17.77 1.57 24.32
C GLY A 204 -18.03 0.85 23.01
N PHE A 205 -17.99 -0.47 23.07
CA PHE A 205 -18.18 -1.29 21.88
C PHE A 205 -19.57 -1.10 21.28
N ASN A 206 -19.59 -0.77 20.01
CA ASN A 206 -20.84 -0.65 19.28
C ASN A 206 -21.48 -2.03 19.18
N GLU A 207 -22.80 -2.05 19.14
CA GLU A 207 -23.56 -3.28 19.23
C GLU A 207 -23.15 -4.28 18.15
N GLN A 208 -22.79 -3.79 16.98
CA GLN A 208 -22.35 -4.66 15.88
C GLN A 208 -21.08 -5.47 16.17
N ARG A 209 -20.07 -4.85 16.80
CA ARG A 209 -18.80 -5.55 17.04
C ARG A 209 -18.96 -6.57 18.15
N ILE A 210 -19.79 -6.25 19.13
CA ILE A 210 -20.04 -7.13 20.27
C ILE A 210 -20.43 -8.51 19.79
N ASN A 211 -21.31 -8.55 18.79
CA ASN A 211 -21.74 -9.81 18.20
C ASN A 211 -20.61 -10.53 17.45
N ARG A 212 -19.71 -9.78 16.81
CA ARG A 212 -18.61 -10.39 16.08
C ARG A 212 -17.63 -11.04 17.06
N ILE A 213 -17.35 -10.35 18.16
CA ILE A 213 -16.52 -10.88 19.23
C ILE A 213 -17.12 -12.14 19.87
N LEU A 214 -18.38 -12.05 20.29
CA LEU A 214 -19.06 -13.16 20.95
C LEU A 214 -19.14 -14.41 20.08
N ASP A 215 -19.31 -14.21 18.78
CA ASP A 215 -19.35 -15.34 17.87
C ASP A 215 -17.98 -16.00 17.74
N ALA A 216 -16.95 -15.17 17.72
CA ALA A 216 -15.56 -15.65 17.58
C ALA A 216 -15.14 -16.51 18.76
N ALA A 217 -15.59 -16.14 19.95
CA ALA A 217 -15.27 -16.90 21.16
C ALA A 217 -16.03 -18.20 21.14
N LYS A 218 -17.23 -18.16 20.60
CA LYS A 218 -18.05 -19.36 20.47
C LYS A 218 -17.40 -20.38 19.54
N LYS A 219 -17.01 -19.94 18.36
CA LYS A 219 -16.42 -20.82 17.35
C LYS A 219 -14.90 -20.89 17.42
N SER A 220 -14.33 -20.43 18.52
CA SER A 220 -12.87 -20.33 18.65
C SER A 220 -12.22 -21.71 18.58
N ILE A 221 -11.18 -21.83 17.76
CA ILE A 221 -10.39 -23.06 17.68
C ILE A 221 -9.20 -22.99 18.61
N GLY A 222 -9.38 -22.27 19.72
CA GLY A 222 -8.33 -22.12 20.72
C GLY A 222 -8.29 -23.27 21.70
N ALA A 223 -7.35 -23.20 22.63
CA ALA A 223 -7.16 -24.27 23.59
C ALA A 223 -7.90 -24.00 24.90
N ASP A 224 -8.48 -25.06 25.46
CA ASP A 224 -9.13 -24.99 26.77
C ASP A 224 -8.09 -25.07 27.86
N ILE A 225 -8.21 -24.18 28.84
CA ILE A 225 -7.10 -23.86 29.72
C ILE A 225 -7.59 -23.63 31.15
N SER A 226 -6.74 -23.91 32.14
CA SER A 226 -7.12 -23.81 33.55
C SER A 226 -7.16 -22.36 34.06
N GLU A 227 -7.77 -22.15 35.23
CA GLU A 227 -7.86 -20.80 35.78
C GLU A 227 -6.48 -20.32 36.22
N ASP A 228 -5.61 -21.27 36.55
CA ASP A 228 -4.23 -20.96 36.88
C ASP A 228 -3.56 -20.32 35.66
N ASP A 229 -3.74 -20.97 34.51
CA ASP A 229 -3.20 -20.51 33.25
C ASP A 229 -3.73 -19.13 32.86
N LEU A 230 -5.03 -18.93 33.06
CA LEU A 230 -5.65 -17.67 32.68
C LEU A 230 -5.22 -16.53 33.60
N SER A 231 -5.16 -16.79 34.89
CA SER A 231 -4.84 -15.75 35.87
C SER A 231 -3.42 -15.24 35.66
N ALA A 232 -2.55 -16.12 35.16
CA ALA A 232 -1.19 -15.74 34.81
C ALA A 232 -1.21 -14.65 33.76
N MET A 233 -1.97 -14.88 32.69
CA MET A 233 -2.12 -13.92 31.62
C MET A 233 -2.72 -12.60 32.13
N ARG A 234 -3.74 -12.71 32.96
CA ARG A 234 -4.46 -11.55 33.49
C ARG A 234 -3.59 -10.64 34.38
N MET A 235 -2.50 -11.19 34.92
CA MET A 235 -1.53 -10.38 35.66
C MET A 235 -0.89 -9.36 34.75
N ILE A 236 -0.52 -9.82 33.57
CA ILE A 236 0.08 -8.98 32.55
C ILE A 236 -0.96 -7.98 32.04
N ALA A 237 -2.18 -8.48 31.83
CA ALA A 237 -3.27 -7.65 31.33
C ALA A 237 -3.55 -6.48 32.27
N ASN A 238 -3.53 -6.76 33.56
CA ASN A 238 -3.82 -5.75 34.57
C ASN A 238 -2.71 -4.72 34.70
N THR A 239 -1.47 -5.17 34.50
CA THR A 239 -0.33 -4.28 34.54
C THR A 239 -0.40 -3.28 33.39
N ILE A 240 -0.87 -3.75 32.24
CA ILE A 240 -1.05 -2.90 31.07
C ILE A 240 -1.97 -1.73 31.39
N LEU A 241 -3.10 -2.03 32.01
CA LEU A 241 -4.08 -1.01 32.36
C LEU A 241 -3.56 -0.03 33.40
N ASP A 242 -2.89 -0.55 34.43
CA ASP A 242 -2.19 0.28 35.40
C ASP A 242 -1.32 1.31 34.72
N LEU A 243 -0.51 0.83 33.78
CA LEU A 243 0.47 1.66 33.08
C LEU A 243 -0.20 2.77 32.29
N TYR A 244 -1.33 2.44 31.66
CA TYR A 244 -2.08 3.41 30.88
C TYR A 244 -2.55 4.58 31.73
N ASN A 245 -3.01 4.29 32.94
CA ASN A 245 -3.45 5.32 33.87
C ASN A 245 -2.31 6.22 34.32
N ILE A 246 -1.21 5.58 34.67
CA ILE A 246 -0.02 6.27 35.16
C ILE A 246 0.55 7.20 34.09
N ARG A 247 0.47 6.77 32.83
CA ARG A 247 0.94 7.60 31.73
C ARG A 247 0.18 8.92 31.64
N ARG A 248 -1.14 8.83 31.75
CA ARG A 248 -2.02 10.00 31.67
C ARG A 248 -1.84 10.93 32.85
N ASN A 249 -1.63 10.34 34.03
CA ASN A 249 -1.33 11.11 35.22
C ASN A 249 -0.01 11.83 35.04
N LEU A 250 0.96 11.14 34.43
CA LEU A 250 2.27 11.72 34.15
C LEU A 250 2.14 12.82 33.11
N ASN A 251 1.23 12.61 32.15
CA ASN A 251 0.96 13.59 31.10
C ASN A 251 0.45 14.91 31.65
N ASN A 252 -0.49 14.84 32.59
CA ASN A 252 -1.03 16.04 33.22
C ASN A 252 0.01 16.74 34.09
N TYR A 253 0.81 15.96 34.80
CA TYR A 253 1.89 16.50 35.60
C TYR A 253 2.89 17.22 34.70
N LEU A 254 3.24 16.58 33.59
CA LEU A 254 4.18 17.11 32.61
C LEU A 254 3.67 18.43 32.01
N GLU A 255 2.40 18.43 31.62
CA GLU A 255 1.76 19.63 31.08
C GLU A 255 1.93 20.86 31.97
N GLY A 256 1.72 20.66 33.27
CA GLY A 256 1.84 21.74 34.25
C GLY A 256 3.26 22.27 34.31
N VAL A 257 4.22 21.35 34.41
CA VAL A 257 5.61 21.71 34.55
C VAL A 257 6.11 22.39 33.29
N MET A 258 5.62 21.91 32.15
CA MET A 258 6.11 22.40 30.88
C MET A 258 5.62 23.82 30.61
N LYS A 259 4.38 24.12 31.00
CA LYS A 259 3.85 25.46 30.87
C LYS A 259 4.50 26.40 31.87
N GLU A 260 4.88 25.87 33.03
CA GLU A 260 5.61 26.63 34.04
C GLU A 260 7.02 26.99 33.58
N VAL A 261 7.79 25.99 33.14
CA VAL A 261 9.21 26.19 32.87
C VAL A 261 9.49 26.63 31.43
N ALA A 262 8.59 26.32 30.51
CA ALA A 262 8.77 26.69 29.12
C ALA A 262 7.46 26.84 28.35
N PRO A 263 6.69 27.89 28.66
CA PRO A 263 5.37 28.14 28.05
C PRO A 263 5.44 28.34 26.55
N ASN A 264 6.46 29.06 26.08
CA ASN A 264 6.61 29.39 24.67
C ASN A 264 6.85 28.15 23.80
N VAL A 265 7.76 27.28 24.25
CA VAL A 265 8.04 26.01 23.58
C VAL A 265 6.83 25.10 23.61
N THR A 266 6.19 25.02 24.77
CA THR A 266 4.98 24.22 24.96
C THR A 266 3.89 24.67 24.00
N ALA A 267 3.76 25.98 23.84
CA ALA A 267 2.81 26.56 22.91
C ALA A 267 3.01 26.06 21.48
N LEU A 268 4.25 25.82 21.09
CA LEU A 268 4.54 25.43 19.71
C LEU A 268 4.30 23.95 19.41
N VAL A 269 4.79 23.07 20.28
CA VAL A 269 4.80 21.63 19.99
C VAL A 269 4.10 20.74 21.01
N GLY A 270 3.59 21.32 22.09
CA GLY A 270 2.96 20.56 23.15
C GLY A 270 3.95 20.19 24.24
N PRO A 271 3.43 19.73 25.40
CA PRO A 271 4.24 19.40 26.57
C PRO A 271 5.26 18.27 26.36
N ALA A 272 4.81 17.12 25.85
CA ALA A 272 5.65 15.94 25.71
C ALA A 272 6.88 16.18 24.84
N LEU A 273 6.64 16.63 23.61
CA LEU A 273 7.71 16.85 22.66
C LEU A 273 8.63 17.98 23.13
N GLY A 274 8.06 18.96 23.82
CA GLY A 274 8.85 20.03 24.41
C GLY A 274 9.78 19.47 25.45
N ALA A 275 9.22 18.64 26.33
CA ALA A 275 9.98 17.93 27.34
C ALA A 275 11.07 17.05 26.71
N ARG A 276 10.67 16.33 25.67
CA ARG A 276 11.57 15.45 24.95
C ARG A 276 12.80 16.20 24.44
N LEU A 277 12.58 17.39 23.89
CA LEU A 277 13.68 18.21 23.37
C LEU A 277 14.56 18.71 24.51
N LEU A 278 13.95 19.03 25.64
CA LEU A 278 14.70 19.38 26.84
C LEU A 278 15.54 18.18 27.29
N SER A 279 14.97 16.99 27.18
CA SER A 279 15.66 15.76 27.56
C SER A 279 16.90 15.51 26.71
N ILE A 280 16.83 15.84 25.42
CA ILE A 280 17.97 15.62 24.54
C ILE A 280 19.05 16.69 24.75
N ALA A 281 18.63 17.93 24.92
CA ALA A 281 19.58 19.03 25.12
C ALA A 281 20.24 18.97 26.50
N GLY A 282 19.47 18.53 27.50
CA GLY A 282 19.98 18.43 28.85
C GLY A 282 19.32 19.45 29.76
N SER A 283 19.11 20.65 29.23
CA SER A 283 18.44 21.69 29.99
C SER A 283 17.78 22.67 29.04
N LEU A 284 17.02 23.60 29.61
CA LEU A 284 16.38 24.62 28.80
C LEU A 284 17.41 25.63 28.30
N ASP A 285 18.32 26.02 29.19
CA ASP A 285 19.34 27.00 28.85
C ASP A 285 20.28 26.48 27.77
N GLU A 286 20.43 25.16 27.70
CA GLU A 286 21.23 24.51 26.67
C GLU A 286 20.46 24.35 25.37
N LEU A 287 19.15 24.15 25.50
CA LEU A 287 18.26 24.13 24.35
C LEU A 287 18.22 25.48 23.63
N ALA A 288 18.21 26.54 24.42
CA ALA A 288 18.17 27.89 23.90
C ALA A 288 19.39 28.27 23.06
N LYS A 289 20.57 27.83 23.48
CA LYS A 289 21.81 28.21 22.83
C LYS A 289 22.00 27.49 21.50
N MET A 290 21.07 26.60 21.16
CA MET A 290 21.22 25.79 19.97
C MET A 290 20.75 26.52 18.72
N PRO A 291 21.43 26.27 17.60
CA PRO A 291 20.94 26.75 16.30
C PRO A 291 19.73 25.93 15.88
N ALA A 292 18.92 26.47 14.96
CA ALA A 292 17.75 25.77 14.49
C ALA A 292 18.10 24.47 13.77
N SER A 293 19.24 24.46 13.07
CA SER A 293 19.67 23.30 12.29
C SER A 293 19.99 22.08 13.15
N THR A 294 20.26 22.31 14.43
CA THR A 294 20.52 21.23 15.39
C THR A 294 19.23 20.76 16.04
N ILE A 295 18.44 21.70 16.53
CA ILE A 295 17.13 21.42 17.15
C ILE A 295 16.28 20.61 16.18
N GLN A 296 16.46 20.85 14.89
CA GLN A 296 15.69 20.17 13.85
C GLN A 296 16.00 18.67 13.79
N VAL A 297 17.20 18.27 14.18
CA VAL A 297 17.63 16.88 14.01
C VAL A 297 17.94 16.18 15.33
N LEU A 298 17.71 16.87 16.44
CA LEU A 298 17.88 16.27 17.77
C LEU A 298 17.07 14.99 17.83
N GLY A 299 17.70 13.89 18.22
CA GLY A 299 17.05 12.61 18.27
C GLY A 299 17.28 11.77 17.03
N ALA A 300 18.10 12.30 16.12
CA ALA A 300 18.44 11.58 14.90
C ALA A 300 19.94 11.42 14.74
N GLU A 301 20.61 11.26 15.87
CA GLU A 301 22.06 11.20 15.91
C GLU A 301 22.65 10.08 15.07
N LYS A 302 21.99 8.94 15.01
CA LYS A 302 22.47 7.85 14.14
C LYS A 302 22.44 8.30 12.68
N ALA A 303 21.35 8.94 12.27
CA ALA A 303 21.24 9.38 10.90
C ALA A 303 22.20 10.53 10.60
N LEU A 304 22.32 11.44 11.56
CA LEU A 304 23.09 12.66 11.38
C LEU A 304 24.57 12.36 11.22
N PHE A 305 25.16 11.69 12.21
CA PHE A 305 26.59 11.41 12.19
C PHE A 305 27.01 10.42 11.12
N ARG A 306 26.05 9.69 10.55
CA ARG A 306 26.37 8.85 9.40
C ARG A 306 26.63 9.73 8.18
N ALA A 307 25.79 10.73 8.01
CA ALA A 307 25.89 11.64 6.89
C ALA A 307 27.13 12.52 6.99
N LEU A 308 27.48 12.88 8.22
CA LEU A 308 28.67 13.69 8.42
C LEU A 308 29.92 12.85 8.18
N ARG A 309 29.88 11.56 8.51
CA ARG A 309 31.04 10.68 8.32
C ARG A 309 31.25 10.26 6.87
N SER A 310 30.16 10.11 6.13
CA SER A 310 30.23 9.51 4.79
C SER A 310 29.96 10.51 3.68
N GLY A 311 29.48 11.70 4.05
CA GLY A 311 29.10 12.70 3.08
C GLY A 311 27.83 12.31 2.35
N GLY A 312 27.02 11.48 3.00
CA GLY A 312 25.73 11.10 2.44
C GLY A 312 24.64 12.06 2.84
N ARG A 313 23.39 11.65 2.66
CA ARG A 313 22.22 12.49 2.95
C ARG A 313 21.90 12.54 4.43
N PRO A 314 21.68 13.76 4.95
CA PRO A 314 21.29 13.96 6.35
C PRO A 314 19.80 13.72 6.59
N PRO A 315 19.40 13.45 7.83
CA PRO A 315 17.99 13.31 8.19
C PRO A 315 17.27 14.66 8.09
N LYS A 316 15.99 14.63 7.73
CA LYS A 316 15.21 15.87 7.66
C LYS A 316 14.78 16.35 9.04
N HIS A 317 14.64 15.42 9.97
CA HIS A 317 14.00 15.67 11.24
C HIS A 317 14.40 14.65 12.31
N GLY A 318 14.49 15.09 13.55
CA GLY A 318 14.83 14.18 14.63
C GLY A 318 13.60 13.75 15.40
N ILE A 319 13.52 14.18 16.65
CA ILE A 319 12.35 13.92 17.47
C ILE A 319 11.25 14.89 17.03
N ILE A 320 11.65 15.91 16.29
CA ILE A 320 10.75 16.92 15.73
C ILE A 320 9.73 16.24 14.82
N PHE A 321 10.10 15.07 14.30
CA PHE A 321 9.22 14.28 13.45
C PHE A 321 7.85 14.00 14.05
N GLN A 322 7.78 13.97 15.37
CA GLN A 322 6.53 13.63 16.04
C GLN A 322 5.47 14.71 15.88
N TYR A 323 5.89 15.92 15.51
CA TYR A 323 4.98 17.03 15.28
C TYR A 323 3.96 16.63 14.21
N PRO A 324 2.66 16.64 14.57
CA PRO A 324 1.51 16.22 13.74
C PRO A 324 1.63 16.66 12.29
N ALA A 325 1.94 17.93 12.07
CA ALA A 325 2.06 18.48 10.73
C ALA A 325 3.09 17.76 9.86
N ILE A 326 4.15 17.23 10.47
CA ILE A 326 5.24 16.66 9.69
C ILE A 326 4.96 15.24 9.22
N HIS A 327 4.71 14.33 10.15
CA HIS A 327 4.59 12.90 9.84
C HIS A 327 3.28 12.58 9.13
N THR A 328 2.33 13.50 9.19
CA THR A 328 1.10 13.37 8.43
C THR A 328 1.30 13.77 6.98
N SER A 329 2.20 14.73 6.79
CA SER A 329 2.57 15.26 5.48
C SER A 329 3.46 14.31 4.66
N PRO A 330 3.35 14.39 3.32
CA PRO A 330 4.21 13.70 2.34
C PRO A 330 5.69 14.04 2.52
N ARG A 331 6.57 13.20 1.96
CA ARG A 331 8.01 13.26 2.22
C ARG A 331 8.70 14.59 1.88
N TRP A 332 8.27 15.25 0.81
CA TRP A 332 8.93 16.47 0.33
C TRP A 332 8.54 17.74 1.09
N GLN A 333 7.41 17.69 1.79
CA GLN A 333 6.97 18.84 2.55
C GLN A 333 7.59 18.81 3.96
N ARG A 334 7.97 17.62 4.39
CA ARG A 334 8.47 17.41 5.75
C ARG A 334 9.69 18.25 6.03
N GLY A 335 10.63 18.25 5.08
CA GLY A 335 11.85 19.02 5.18
C GLY A 335 11.62 20.50 5.45
N LYS A 336 10.69 21.09 4.70
CA LYS A 336 10.38 22.51 4.86
C LYS A 336 9.61 22.82 6.13
N ILE A 337 8.71 21.92 6.53
CA ILE A 337 7.96 22.10 7.77
C ILE A 337 8.86 22.00 9.01
N ALA A 338 9.74 21.02 9.00
CA ALA A 338 10.67 20.83 10.11
C ALA A 338 11.59 22.04 10.25
N ARG A 339 12.19 22.46 9.14
CA ARG A 339 13.06 23.62 9.12
C ARG A 339 12.36 24.86 9.67
N ALA A 340 11.08 25.01 9.37
CA ALA A 340 10.31 26.16 9.82
C ALA A 340 10.01 26.05 11.31
N LEU A 341 9.66 24.84 11.73
CA LEU A 341 9.35 24.57 13.13
C LEU A 341 10.57 24.82 14.00
N ALA A 342 11.69 24.17 13.67
CA ALA A 342 12.95 24.33 14.38
C ALA A 342 13.36 25.79 14.50
N ALA A 343 13.12 26.54 13.43
CA ALA A 343 13.37 27.98 13.43
C ALA A 343 12.54 28.67 14.52
N LYS A 344 11.25 28.38 14.55
CA LYS A 344 10.34 28.97 15.54
C LYS A 344 10.63 28.43 16.94
N LEU A 345 11.01 27.16 17.02
CA LEU A 345 11.36 26.53 18.29
C LEU A 345 12.53 27.23 18.96
N ALA A 346 13.53 27.58 18.16
CA ALA A 346 14.72 28.26 18.65
C ALA A 346 14.37 29.62 19.26
N ILE A 347 13.46 30.33 18.61
CA ILE A 347 12.94 31.58 19.14
C ILE A 347 12.19 31.35 20.44
N ALA A 348 11.34 30.32 20.45
CA ALA A 348 10.58 29.93 21.64
C ALA A 348 11.49 29.59 22.81
N ALA A 349 12.53 28.83 22.54
CA ALA A 349 13.46 28.41 23.57
C ALA A 349 14.18 29.60 24.21
N ARG A 350 14.59 30.54 23.37
CA ARG A 350 15.36 31.69 23.83
C ARG A 350 14.54 32.67 24.67
N VAL A 351 13.30 32.92 24.26
CA VAL A 351 12.44 33.79 25.04
C VAL A 351 12.11 33.10 26.36
N ASP A 352 12.06 31.78 26.33
CA ASP A 352 11.85 30.98 27.53
C ASP A 352 13.01 31.01 28.50
N ALA A 353 14.21 30.83 27.96
CA ALA A 353 15.39 30.69 28.79
C ALA A 353 15.77 32.04 29.35
N PHE A 354 15.75 33.07 28.49
CA PHE A 354 16.10 34.42 28.93
C PHE A 354 14.88 35.15 29.49
N SER A 355 13.91 34.36 29.97
CA SER A 355 12.89 34.79 30.93
C SER A 355 11.81 35.67 30.33
N GLY A 356 11.77 35.73 29.00
CA GLY A 356 10.75 36.48 28.32
C GLY A 356 9.37 35.98 28.68
N ARG A 357 8.40 36.90 28.72
CA ARG A 357 7.00 36.56 28.93
C ARG A 357 6.43 35.89 27.68
N PHE A 358 5.30 35.19 27.83
CA PHE A 358 4.72 34.38 26.76
C PHE A 358 4.53 35.14 25.44
N ILE A 359 4.99 34.52 24.35
CA ILE A 359 4.82 35.05 23.00
C ILE A 359 4.46 33.93 22.00
N GLY A 360 4.03 32.79 22.53
CA GLY A 360 3.76 31.61 21.72
C GLY A 360 2.66 31.72 20.67
N ASP A 361 1.68 32.57 20.94
CA ASP A 361 0.53 32.75 20.06
C ASP A 361 0.92 33.25 18.68
N GLN A 362 1.75 34.29 18.64
CA GLN A 362 2.21 34.84 17.38
C GLN A 362 3.15 33.86 16.67
N LEU A 363 3.95 33.13 17.45
CA LEU A 363 4.85 32.11 16.91
C LEU A 363 4.11 30.99 16.20
N ASN A 364 3.05 30.50 16.84
CA ASN A 364 2.18 29.48 16.27
C ASN A 364 1.51 29.98 15.00
N GLU A 365 1.05 31.23 15.06
CA GLU A 365 0.40 31.87 13.95
C GLU A 365 1.36 32.02 12.78
N GLN A 366 2.57 32.49 13.08
CA GLN A 366 3.64 32.59 12.09
C GLN A 366 3.93 31.22 11.46
N LEU A 367 3.98 30.19 12.30
CA LEU A 367 4.28 28.82 11.86
C LEU A 367 3.19 28.24 10.97
N LYS A 368 1.95 28.35 11.43
CA LYS A 368 0.81 27.80 10.71
C LYS A 368 0.65 28.48 9.35
N LYS A 369 1.08 29.74 9.25
CA LYS A 369 1.14 30.45 7.98
C LYS A 369 2.07 29.77 7.00
N ARG A 370 3.34 29.61 7.43
CA ARG A 370 4.38 29.01 6.59
C ARG A 370 4.00 27.59 6.19
N ILE A 371 3.35 26.86 7.08
CA ILE A 371 2.94 25.50 6.79
C ILE A 371 1.91 25.50 5.66
N ASP A 372 0.94 26.39 5.79
CA ASP A 372 -0.11 26.53 4.79
C ASP A 372 0.46 26.95 3.43
N GLU A 373 1.51 27.78 3.46
CA GLU A 373 2.14 28.23 2.22
C GLU A 373 2.77 27.03 1.52
N ILE A 374 3.48 26.23 2.30
CA ILE A 374 4.14 25.02 1.81
C ILE A 374 3.15 24.06 1.16
N LYS A 375 2.00 23.88 1.82
CA LYS A 375 0.99 22.92 1.37
C LYS A 375 0.24 23.36 0.13
N GLU A 376 0.33 24.65 -0.20
CA GLU A 376 -0.30 25.17 -1.40
C GLU A 376 0.66 25.13 -2.59
N LYS A 377 1.01 23.92 -3.00
CA LYS A 377 1.87 23.71 -4.16
C LYS A 377 1.72 22.30 -4.74
N ALA B 7 17.64 48.39 25.24
CA ALA B 7 17.69 46.93 25.24
C ALA B 7 18.50 46.42 26.43
N SER B 8 18.24 45.18 26.83
CA SER B 8 18.81 44.62 28.06
C SER B 8 19.92 43.61 27.76
N TYR B 9 19.95 43.10 26.54
CA TYR B 9 21.00 42.17 26.12
C TYR B 9 22.23 42.92 25.64
N VAL B 10 22.12 44.25 25.58
CA VAL B 10 23.25 45.09 25.24
C VAL B 10 24.08 45.43 26.48
N LYS B 11 25.27 44.84 26.58
CA LYS B 11 26.08 44.95 27.78
C LYS B 11 26.78 46.30 27.91
N PHE B 12 27.31 46.82 26.80
CA PHE B 12 27.99 48.11 26.85
C PHE B 12 27.55 49.06 25.74
N GLU B 13 28.08 50.28 25.80
CA GLU B 13 27.68 51.37 24.91
C GLU B 13 28.66 51.62 23.79
N VAL B 14 28.18 51.55 22.55
CA VAL B 14 29.05 51.74 21.40
C VAL B 14 28.89 53.11 20.77
N PRO B 15 29.97 53.91 20.77
CA PRO B 15 29.90 55.20 20.08
C PRO B 15 29.70 54.99 18.60
N GLN B 16 28.94 55.89 17.97
CA GLN B 16 28.59 55.73 16.56
C GLN B 16 29.77 55.79 15.60
N ASP B 17 30.86 56.41 16.03
CA ASP B 17 32.09 56.38 15.23
C ASP B 17 32.61 54.95 15.16
N LEU B 18 32.56 54.24 16.30
CA LEU B 18 32.90 52.82 16.38
C LEU B 18 31.89 51.96 15.62
N ALA B 19 30.60 52.19 15.88
CA ALA B 19 29.53 51.46 15.20
C ALA B 19 29.63 51.54 13.68
N ASP B 20 30.08 52.68 13.17
CA ASP B 20 30.22 52.87 11.72
C ASP B 20 31.48 52.19 11.21
N LYS B 21 32.56 52.27 12.00
CA LYS B 21 33.82 51.59 11.65
C LYS B 21 33.62 50.08 11.71
N VAL B 22 32.62 49.64 12.46
CA VAL B 22 32.23 48.24 12.50
C VAL B 22 31.64 47.84 11.15
N LEU B 23 30.58 48.52 10.76
CA LEU B 23 29.90 48.24 9.49
C LEU B 23 30.84 48.21 8.30
N GLU B 24 31.81 49.12 8.30
CA GLU B 24 32.78 49.21 7.21
C GLU B 24 33.69 47.95 7.23
N ALA B 25 34.14 47.53 8.41
CA ALA B 25 34.98 46.33 8.56
C ALA B 25 34.30 45.07 8.02
N VAL B 26 32.98 45.00 8.17
CA VAL B 26 32.19 43.89 7.68
C VAL B 26 32.24 43.85 6.15
N ARG B 27 31.98 45.00 5.53
CA ARG B 27 31.90 45.13 4.08
C ARG B 27 33.17 44.69 3.37
N LYS B 28 34.33 45.10 3.91
CA LYS B 28 35.62 44.73 3.34
C LYS B 28 35.83 43.22 3.47
N ALA B 29 35.23 42.63 4.50
CA ALA B 29 35.36 41.20 4.77
C ALA B 29 34.51 40.34 3.85
N LYS B 30 33.44 40.91 3.30
CA LYS B 30 32.65 40.21 2.28
C LYS B 30 33.47 40.03 1.01
N GLU B 31 34.15 41.11 0.63
CA GLU B 31 34.93 41.17 -0.58
C GLU B 31 36.23 40.36 -0.49
N SER B 32 37.01 40.61 0.55
CA SER B 32 38.36 40.05 0.62
C SER B 32 38.46 38.86 1.57
N GLY B 33 37.50 38.70 2.47
CA GLY B 33 37.55 37.62 3.43
C GLY B 33 36.34 36.71 3.44
N LYS B 34 36.02 36.19 4.62
CA LYS B 34 34.87 35.31 4.80
C LYS B 34 34.01 35.72 6.00
N ILE B 35 32.74 36.01 5.74
CA ILE B 35 31.80 36.33 6.82
C ILE B 35 30.61 35.38 6.89
N LYS B 36 29.87 35.47 7.99
CA LYS B 36 28.63 34.71 8.17
C LYS B 36 27.48 35.65 8.50
N LYS B 37 26.32 35.40 7.91
CA LYS B 37 25.15 36.26 8.06
C LYS B 37 23.92 35.50 8.57
N GLY B 38 23.28 36.02 9.60
CA GLY B 38 22.16 35.34 10.22
C GLY B 38 22.47 34.88 11.64
N THR B 39 21.45 34.77 12.48
CA THR B 39 21.65 34.42 13.89
C THR B 39 22.07 32.96 14.09
N ASN B 40 21.51 32.06 13.29
CA ASN B 40 21.85 30.65 13.40
C ASN B 40 23.27 30.31 12.95
N GLU B 41 23.72 30.94 11.86
CA GLU B 41 25.07 30.71 11.37
C GLU B 41 26.12 31.39 12.27
N THR B 42 25.73 32.51 12.88
CA THR B 42 26.60 33.19 13.83
C THR B 42 26.76 32.30 15.04
N THR B 43 25.65 31.68 15.44
CA THR B 43 25.66 30.74 16.56
C THR B 43 26.64 29.60 16.28
N LYS B 44 26.57 29.00 15.10
CA LYS B 44 27.49 27.94 14.73
C LYS B 44 28.93 28.42 14.63
N ALA B 45 29.10 29.69 14.23
CA ALA B 45 30.44 30.24 14.05
C ALA B 45 31.13 30.42 15.40
N VAL B 46 30.34 30.67 16.44
CA VAL B 46 30.87 30.83 17.79
C VAL B 46 31.13 29.45 18.40
N GLU B 47 30.15 28.56 18.22
CA GLU B 47 30.30 27.17 18.65
C GLU B 47 31.51 26.50 18.03
N ARG B 48 31.77 26.79 16.76
CA ARG B 48 32.87 26.17 16.04
C ARG B 48 34.21 26.90 16.19
N GLY B 49 34.17 28.09 16.79
CA GLY B 49 35.38 28.88 16.98
C GLY B 49 35.99 29.44 15.71
N GLN B 50 35.16 29.67 14.70
CA GLN B 50 35.61 30.23 13.43
C GLN B 50 35.62 31.76 13.44
N ALA B 51 34.71 32.35 14.20
CA ALA B 51 34.54 33.80 14.22
C ALA B 51 35.65 34.50 15.00
N LYS B 52 36.10 35.62 14.47
CA LYS B 52 37.07 36.46 15.17
C LYS B 52 36.31 37.61 15.80
N LEU B 53 35.22 38.01 15.16
CA LEU B 53 34.41 39.11 15.62
C LEU B 53 32.93 38.85 15.34
N VAL B 54 32.12 39.03 16.37
CA VAL B 54 30.68 38.79 16.24
C VAL B 54 29.92 40.10 16.35
N ILE B 55 29.08 40.38 15.36
CA ILE B 55 28.32 41.62 15.36
C ILE B 55 26.84 41.33 15.60
N ILE B 56 26.26 41.98 16.62
CA ILE B 56 24.87 41.78 17.03
C ILE B 56 24.10 43.10 16.97
N ALA B 57 22.87 43.07 16.47
CA ALA B 57 22.08 44.30 16.34
C ALA B 57 21.41 44.68 17.66
N GLU B 58 21.19 45.98 17.86
CA GLU B 58 20.61 46.49 19.11
C GLU B 58 19.12 46.70 19.01
N ASP B 59 18.59 46.53 17.80
CA ASP B 59 17.18 46.80 17.55
C ASP B 59 16.44 45.55 17.13
N VAL B 60 16.77 44.42 17.75
CA VAL B 60 16.13 43.16 17.43
C VAL B 60 14.78 43.05 18.16
N GLN B 61 13.77 42.46 17.52
CA GLN B 61 12.46 42.28 18.12
C GLN B 61 11.96 40.87 17.83
N PRO B 62 11.80 40.03 18.87
CA PRO B 62 11.99 40.30 20.30
C PRO B 62 13.44 40.13 20.75
N GLU B 63 13.77 40.79 21.86
CA GLU B 63 15.11 40.85 22.43
C GLU B 63 15.85 39.51 22.53
N GLU B 64 15.15 38.47 23.01
CA GLU B 64 15.77 37.19 23.35
C GLU B 64 16.37 36.39 22.20
N ILE B 65 16.05 36.76 20.97
CA ILE B 65 16.53 36.03 19.80
C ILE B 65 18.06 35.93 19.74
N VAL B 66 18.75 36.99 20.16
CA VAL B 66 20.20 37.02 20.04
C VAL B 66 20.87 37.04 21.42
N ALA B 67 20.06 36.94 22.47
CA ALA B 67 20.54 37.05 23.85
C ALA B 67 21.55 35.97 24.26
N HIS B 68 21.56 34.85 23.56
CA HIS B 68 22.45 33.74 23.88
C HIS B 68 23.88 33.97 23.39
N LEU B 69 24.02 34.86 22.41
CA LEU B 69 25.32 35.15 21.82
C LEU B 69 26.34 35.76 22.80
N PRO B 70 25.90 36.69 23.69
CA PRO B 70 26.85 37.10 24.74
C PRO B 70 27.36 35.95 25.59
N LEU B 71 26.46 35.06 26.01
CA LEU B 71 26.85 33.88 26.78
C LEU B 71 27.83 33.00 26.00
N LEU B 72 27.47 32.70 24.76
CA LEU B 72 28.26 31.79 23.94
C LEU B 72 29.65 32.36 23.65
N CYS B 73 29.69 33.65 23.35
CA CYS B 73 30.91 34.32 22.95
C CYS B 73 31.92 34.44 24.08
N ASP B 74 31.43 34.54 25.32
CA ASP B 74 32.29 34.63 26.49
C ASP B 74 32.81 33.26 26.88
N GLU B 75 32.00 32.24 26.58
CA GLU B 75 32.39 30.85 26.80
C GLU B 75 33.57 30.48 25.91
N LYS B 76 33.49 30.86 24.64
CA LYS B 76 34.55 30.56 23.70
C LYS B 76 35.49 31.76 23.58
N LYS B 77 35.23 32.77 24.40
CA LYS B 77 36.06 33.97 24.50
C LYS B 77 36.28 34.64 23.15
N ILE B 78 35.21 34.74 22.37
CA ILE B 78 35.22 35.47 21.11
C ILE B 78 34.59 36.85 21.30
N PRO B 79 35.32 37.90 20.91
CA PRO B 79 34.79 39.26 21.13
C PRO B 79 33.58 39.57 20.26
N TYR B 80 32.63 40.33 20.81
CA TYR B 80 31.43 40.75 20.07
C TYR B 80 31.18 42.26 20.19
N VAL B 81 30.51 42.83 19.18
CA VAL B 81 30.27 44.28 19.09
C VAL B 81 28.84 44.52 18.63
N TYR B 82 28.25 45.67 19.00
CA TYR B 82 26.88 46.00 18.60
C TYR B 82 26.80 47.10 17.54
N VAL B 83 25.75 47.05 16.74
CA VAL B 83 25.40 48.15 15.84
C VAL B 83 23.98 48.60 16.15
N SER B 84 23.61 49.79 15.69
CA SER B 84 22.33 50.38 16.07
C SER B 84 21.18 49.85 15.22
N SER B 85 21.43 49.65 13.93
CA SER B 85 20.39 49.20 13.01
C SER B 85 20.63 47.81 12.47
N LYS B 86 19.58 46.98 12.50
CA LYS B 86 19.66 45.64 11.95
C LYS B 86 19.52 45.69 10.44
N LYS B 87 18.74 46.64 9.97
CA LYS B 87 18.57 46.85 8.53
C LYS B 87 19.91 47.21 7.90
N ALA B 88 20.67 48.07 8.59
CA ALA B 88 21.95 48.53 8.08
C ALA B 88 22.98 47.42 8.04
N LEU B 89 22.97 46.57 9.06
CA LEU B 89 23.93 45.47 9.18
C LEU B 89 23.67 44.39 8.14
N GLY B 90 22.40 44.10 7.91
CA GLY B 90 22.05 43.13 6.89
C GLY B 90 22.39 43.68 5.53
N GLU B 91 22.04 44.94 5.32
CA GLU B 91 22.29 45.57 4.02
C GLU B 91 23.77 45.87 3.84
N ALA B 92 24.51 45.91 4.93
CA ALA B 92 25.96 45.85 4.86
C ALA B 92 26.40 44.48 4.36
N CYS B 93 25.81 43.42 4.94
CA CYS B 93 26.23 42.04 4.67
C CYS B 93 26.10 41.59 3.21
N GLY B 94 25.53 42.43 2.37
CA GLY B 94 25.32 42.07 0.98
C GLY B 94 23.93 41.50 0.79
N LEU B 95 23.06 41.81 1.74
CA LEU B 95 21.66 41.43 1.69
C LEU B 95 20.82 42.67 1.45
N GLN B 96 19.63 42.49 0.91
CA GLN B 96 18.70 43.61 0.83
C GLN B 96 17.66 43.48 1.94
N VAL B 97 17.91 42.52 2.82
CA VAL B 97 17.09 42.31 4.00
C VAL B 97 17.90 42.51 5.28
N ALA B 98 17.20 42.66 6.40
CA ALA B 98 17.85 42.86 7.70
C ALA B 98 18.60 41.62 8.16
N THR B 99 19.39 41.78 9.23
CA THR B 99 20.00 40.67 9.94
C THR B 99 20.13 41.03 11.42
N ALA B 100 19.92 40.06 12.30
CA ALA B 100 19.96 40.31 13.74
C ALA B 100 21.38 40.23 14.28
N SER B 101 22.18 39.39 13.64
CA SER B 101 23.58 39.23 14.01
C SER B 101 24.40 38.59 12.88
N ALA B 102 25.69 38.90 12.85
CA ALA B 102 26.60 38.35 11.84
C ALA B 102 27.97 38.10 12.45
N ALA B 103 28.84 37.42 11.70
CA ALA B 103 30.17 37.12 12.20
C ALA B 103 31.20 37.18 11.08
N ILE B 104 32.38 37.72 11.39
CA ILE B 104 33.49 37.70 10.44
C ILE B 104 34.43 36.53 10.74
N LEU B 105 34.62 35.65 9.78
CA LEU B 105 35.49 34.49 9.97
C LEU B 105 36.92 34.79 9.54
N GLU B 106 37.05 35.49 8.41
CA GLU B 106 38.36 35.91 7.93
C GLU B 106 38.30 37.39 7.54
N PRO B 107 39.12 38.22 8.19
CA PRO B 107 39.07 39.66 7.99
C PRO B 107 39.56 40.09 6.61
N GLY B 108 40.63 39.45 6.14
CA GLY B 108 41.22 39.82 4.87
C GLY B 108 41.74 41.24 4.90
N GLU B 109 41.24 42.08 4.00
CA GLU B 109 41.59 43.50 3.99
C GLU B 109 40.72 44.30 4.97
N ALA B 110 40.57 43.74 6.16
CA ALA B 110 39.91 44.41 7.27
C ALA B 110 40.62 44.00 8.55
N LYS B 111 41.73 43.30 8.38
CA LYS B 111 42.57 42.82 9.47
C LYS B 111 42.98 43.92 10.44
N ASP B 112 43.56 44.99 9.90
CA ASP B 112 43.97 46.13 10.71
C ASP B 112 42.74 46.80 11.30
N LEU B 113 41.70 46.91 10.50
CA LEU B 113 40.45 47.56 10.90
C LEU B 113 39.75 46.82 12.04
N VAL B 114 39.70 45.50 11.95
CA VAL B 114 39.08 44.67 12.96
C VAL B 114 39.90 44.67 14.24
N ASP B 115 41.21 44.50 14.11
CA ASP B 115 42.12 44.45 15.25
C ASP B 115 42.04 45.70 16.11
N GLU B 116 41.72 46.84 15.50
CA GLU B 116 41.54 48.08 16.24
C GLU B 116 40.19 48.10 16.97
N ILE B 117 39.17 47.54 16.34
CA ILE B 117 37.84 47.46 16.94
C ILE B 117 37.85 46.57 18.17
N ILE B 118 38.39 45.37 18.00
CA ILE B 118 38.41 44.39 19.07
C ILE B 118 39.32 44.86 20.20
N LYS B 119 40.11 45.90 19.94
CA LYS B 119 41.00 46.46 20.95
C LYS B 119 40.40 47.72 21.55
N ARG B 120 39.55 48.42 20.79
CA ARG B 120 38.80 49.54 21.36
C ARG B 120 37.64 49.07 22.23
N VAL B 121 36.98 47.99 21.82
CA VAL B 121 35.85 47.48 22.60
C VAL B 121 36.34 46.82 23.88
N ASN B 122 37.63 46.53 23.92
CA ASN B 122 38.31 46.09 25.14
C ASN B 122 38.47 47.23 26.14
N GLU B 123 38.81 48.42 25.63
CA GLU B 123 39.03 49.59 26.48
C GLU B 123 37.74 50.01 27.17
N ILE B 124 36.65 50.01 26.41
CA ILE B 124 35.34 50.36 26.95
C ILE B 124 34.79 49.22 27.81
N LYS B 125 35.50 48.09 27.80
CA LYS B 125 35.14 46.96 28.62
C LYS B 125 35.96 46.98 29.91
N GLY B 126 36.83 47.98 30.01
CA GLY B 126 37.70 48.16 31.17
C GLY B 126 38.81 47.14 31.28
N LYS B 127 39.47 46.85 30.17
CA LYS B 127 40.52 45.85 30.11
C LYS B 127 41.93 46.46 30.03
N THR B 128 42.82 45.98 30.89
CA THR B 128 44.22 46.40 30.88
C THR B 128 45.08 45.29 30.28
N ILE C 5 52.70 -13.43 45.80
CA ILE C 5 52.51 -11.99 45.75
C ILE C 5 53.77 -11.27 46.23
N THR C 6 54.04 -10.11 45.62
CA THR C 6 55.11 -9.22 46.05
C THR C 6 54.80 -7.82 45.52
N VAL C 7 55.09 -6.80 46.34
CA VAL C 7 54.87 -5.43 45.93
C VAL C 7 56.20 -4.70 46.02
N LYS C 8 56.51 -3.89 45.02
CA LYS C 8 57.76 -3.14 45.03
C LYS C 8 57.67 -1.80 44.33
N GLN C 9 58.49 -0.86 44.79
CA GLN C 9 58.55 0.48 44.24
C GLN C 9 58.89 0.44 42.75
N THR C 10 58.50 1.48 42.02
CA THR C 10 58.89 1.65 40.63
C THR C 10 59.76 2.88 40.51
N ASN C 11 60.14 3.22 39.28
CA ASN C 11 60.94 4.43 39.05
C ASN C 11 60.24 5.71 39.51
N MET C 12 58.92 5.65 39.67
CA MET C 12 58.15 6.83 40.05
C MET C 12 57.63 6.74 41.48
N GLU C 13 57.71 7.87 42.21
CA GLU C 13 57.30 7.93 43.62
C GLU C 13 55.89 7.47 43.89
N ASN C 14 55.73 6.79 45.03
CA ASN C 14 54.45 6.28 45.49
C ASN C 14 53.64 5.56 44.42
N ILE C 15 54.33 4.90 43.51
CA ILE C 15 53.69 4.06 42.51
C ILE C 15 54.37 2.71 42.50
N TYR C 16 53.59 1.64 42.67
CA TYR C 16 54.18 0.33 42.89
C TYR C 16 53.65 -0.70 41.91
N GLU C 17 54.39 -1.79 41.76
CA GLU C 17 53.96 -2.92 40.95
C GLU C 17 53.75 -4.16 41.81
N CYS C 18 52.85 -5.03 41.38
CA CYS C 18 52.60 -6.27 42.10
C CYS C 18 52.98 -7.52 41.33
N GLU C 19 53.82 -8.34 41.96
CA GLU C 19 53.97 -9.71 41.55
C GLU C 19 52.74 -10.42 42.11
N PHE C 20 52.06 -11.21 41.30
CA PHE C 20 50.78 -11.76 41.75
C PHE C 20 50.77 -13.27 41.90
N ASN C 21 49.71 -13.78 42.54
CA ASN C 21 49.49 -15.20 42.75
C ASN C 21 49.83 -16.08 41.53
N ASP C 22 49.58 -15.54 40.34
CA ASP C 22 49.77 -16.27 39.10
C ASP C 22 51.01 -15.81 38.35
N GLY C 23 51.37 -14.55 38.51
CA GLY C 23 52.49 -13.97 37.81
C GLY C 23 52.09 -12.93 36.79
N SER C 24 51.05 -12.16 37.10
CA SER C 24 50.67 -11.02 36.30
C SER C 24 51.16 -9.77 36.99
N PHE C 25 51.27 -8.67 36.25
CA PHE C 25 51.79 -7.45 36.85
C PHE C 25 50.80 -6.30 36.72
N ARG C 26 50.29 -5.82 37.86
CA ARG C 26 49.39 -4.67 37.87
C ARG C 26 49.83 -3.53 38.77
N LEU C 27 49.59 -2.32 38.29
CA LEU C 27 49.94 -1.07 38.99
C LEU C 27 49.14 -0.87 40.27
N CYS C 28 49.72 -0.14 41.22
CA CYS C 28 49.02 0.17 42.45
C CYS C 28 49.58 1.40 43.15
N THR C 29 48.81 1.95 44.09
CA THR C 29 49.25 3.11 44.85
C THR C 29 49.06 2.87 46.35
N ARG C 30 49.81 3.60 47.17
CA ARG C 30 49.75 3.41 48.61
C ARG C 30 48.45 4.04 49.10
N ASN C 31 47.62 3.22 49.74
CA ASN C 31 46.27 3.63 50.09
C ASN C 31 46.28 4.71 51.17
N LEU C 32 45.87 5.91 50.78
CA LEU C 32 45.79 7.04 51.69
C LEU C 32 44.68 6.84 52.71
N VAL C 33 43.62 6.13 52.30
CA VAL C 33 42.51 5.83 53.20
C VAL C 33 42.23 4.34 53.25
N PRO C 34 43.05 3.59 53.99
CA PRO C 34 42.97 2.13 54.06
C PRO C 34 41.58 1.59 54.40
N ASN C 35 41.30 0.39 53.88
CA ASN C 35 40.02 -0.33 54.01
C ASN C 35 38.88 0.26 53.20
N PHE C 36 39.19 1.26 52.37
CA PHE C 36 38.17 1.94 51.58
C PHE C 36 38.60 2.13 50.12
N ASN C 37 37.72 1.73 49.20
CA ASN C 37 37.98 1.77 47.76
C ASN C 37 37.01 2.69 47.01
N VAL C 38 37.53 3.51 46.09
CA VAL C 38 36.72 4.53 45.39
C VAL C 38 35.90 4.00 44.21
N TYR C 39 36.46 3.11 43.41
CA TYR C 39 35.64 2.36 42.45
C TYR C 39 35.65 0.92 42.93
N GLY C 40 35.72 -0.04 42.02
CA GLY C 40 35.70 -1.43 42.45
C GLY C 40 37.06 -2.05 42.73
N GLU C 41 38.10 -1.22 42.77
CA GLU C 41 39.47 -1.73 42.83
C GLU C 41 39.76 -2.65 44.02
N ARG C 42 40.67 -3.58 43.79
CA ARG C 42 41.17 -4.51 44.80
C ARG C 42 42.00 -3.82 45.88
N LEU C 43 41.81 -4.24 47.13
CA LEU C 43 42.72 -3.84 48.19
C LEU C 43 43.74 -4.94 48.49
N ILE C 44 45.03 -4.59 48.54
CA ILE C 44 46.08 -5.58 48.76
C ILE C 44 47.04 -5.16 49.88
N LYS C 45 47.19 -6.04 50.87
CA LYS C 45 48.18 -5.85 51.94
C LYS C 45 49.44 -6.64 51.65
N TYR C 46 50.59 -6.02 51.87
CA TYR C 46 51.87 -6.73 51.76
C TYR C 46 52.84 -6.12 52.76
N GLU C 47 53.43 -6.98 53.60
CA GLU C 47 54.19 -6.54 54.76
C GLU C 47 53.40 -5.51 55.56
N GLY C 48 52.15 -5.82 55.80
CA GLY C 48 51.25 -5.00 56.61
C GLY C 48 51.02 -3.58 56.12
N VAL C 49 51.19 -3.36 54.82
CA VAL C 49 50.87 -2.07 54.24
C VAL C 49 49.90 -2.28 53.08
N GLU C 50 48.89 -1.41 52.98
CA GLU C 50 47.80 -1.59 52.02
C GLU C 50 47.95 -0.74 50.75
N TYR C 51 47.79 -1.38 49.60
CA TYR C 51 47.87 -0.70 48.30
C TYR C 51 46.57 -0.81 47.51
N ARG C 52 46.28 0.20 46.70
CA ARG C 52 45.08 0.20 45.84
C ARG C 52 45.40 -0.16 44.40
N GLU C 53 44.71 -1.17 43.87
CA GLU C 53 44.97 -1.62 42.50
C GLU C 53 44.49 -0.62 41.46
N TRP C 54 45.42 -0.22 40.60
CA TRP C 54 45.21 0.88 39.65
C TRP C 54 44.87 0.39 38.25
N ASN C 55 43.57 0.25 37.97
CA ASN C 55 43.12 -0.21 36.66
C ASN C 55 43.40 0.79 35.53
N ALA C 56 44.24 0.36 34.57
CA ALA C 56 44.67 1.22 33.46
C ALA C 56 43.58 1.51 32.44
N PHE C 57 42.63 0.58 32.29
CA PHE C 57 41.54 0.77 31.34
C PHE C 57 40.62 1.89 31.74
N ARG C 58 40.63 2.22 33.03
CA ARG C 58 39.80 3.29 33.55
C ARG C 58 40.57 4.59 33.68
N SER C 59 41.81 4.51 34.15
CA SER C 59 42.59 5.72 34.39
C SER C 59 43.62 5.95 33.29
N LYS C 60 43.48 7.08 32.60
CA LYS C 60 44.36 7.40 31.49
C LYS C 60 45.79 7.56 31.98
N LEU C 61 45.95 8.03 33.21
CA LEU C 61 47.27 8.25 33.79
C LEU C 61 47.97 6.90 33.92
N ALA C 62 47.25 5.90 34.37
CA ALA C 62 47.82 4.56 34.48
C ALA C 62 48.18 4.02 33.11
N GLY C 63 47.35 4.32 32.12
CA GLY C 63 47.63 3.92 30.75
C GLY C 63 48.91 4.53 30.23
N ALA C 64 49.03 5.84 30.36
CA ALA C 64 50.21 6.55 29.89
C ALA C 64 51.46 6.02 30.59
N ILE C 65 51.32 5.62 31.85
CA ILE C 65 52.41 5.01 32.58
C ILE C 65 52.76 3.67 31.94
N LEU C 66 51.75 2.81 31.74
CA LEU C 66 51.96 1.52 31.08
C LEU C 66 52.36 1.65 29.61
N LYS C 67 52.34 2.87 29.11
CA LYS C 67 52.72 3.10 27.72
C LYS C 67 54.04 3.82 27.57
N GLY C 68 54.80 3.89 28.65
CA GLY C 68 56.15 4.44 28.57
C GLY C 68 56.31 5.90 28.90
N LEU C 69 55.49 6.40 29.82
CA LEU C 69 55.61 7.77 30.29
C LEU C 69 57.02 8.01 30.85
N LYS C 70 57.79 8.85 30.15
CA LYS C 70 59.20 9.09 30.47
C LYS C 70 59.43 9.48 31.92
N THR C 71 58.75 10.53 32.35
CA THR C 71 58.85 11.03 33.72
C THR C 71 57.47 11.42 34.19
N ASN C 72 57.23 11.24 35.48
CA ASN C 72 55.95 11.61 36.06
C ASN C 72 56.14 12.79 36.99
N PRO C 73 55.49 13.92 36.68
CA PRO C 73 55.58 15.15 37.48
C PRO C 73 54.70 15.08 38.72
N ILE C 74 53.95 13.99 38.87
CA ILE C 74 53.13 13.78 40.04
C ILE C 74 53.82 12.86 41.04
N ARG C 75 54.20 13.41 42.19
CA ARG C 75 54.92 12.65 43.21
C ARG C 75 54.53 13.11 44.62
N LYS C 76 55.28 12.65 45.61
CA LYS C 76 55.10 13.07 46.99
C LYS C 76 55.03 14.59 47.10
N GLY C 77 53.95 15.09 47.69
CA GLY C 77 53.81 16.51 47.94
C GLY C 77 53.63 17.42 46.73
N THR C 78 53.00 16.91 45.68
CA THR C 78 52.80 17.70 44.47
C THR C 78 51.50 18.50 44.52
N LYS C 79 51.56 19.74 44.07
CA LYS C 79 50.38 20.59 43.98
C LYS C 79 49.83 20.50 42.56
N VAL C 80 48.66 19.91 42.38
CA VAL C 80 48.11 19.73 41.04
C VAL C 80 46.72 20.35 40.86
N LEU C 81 46.53 21.02 39.72
CA LEU C 81 45.21 21.48 39.31
C LEU C 81 44.63 20.49 38.32
N TYR C 82 43.49 19.91 38.67
CA TYR C 82 42.93 18.80 37.91
C TYR C 82 41.61 19.16 37.24
N LEU C 83 41.68 19.55 35.97
CA LEU C 83 40.47 19.89 35.21
C LEU C 83 39.77 18.64 34.66
N GLY C 84 38.49 18.49 34.99
CA GLY C 84 37.70 17.33 34.58
C GLY C 84 37.82 16.14 35.50
N ALA C 85 37.54 16.34 36.78
CA ALA C 85 37.77 15.30 37.78
C ALA C 85 36.78 14.14 37.65
N ALA C 86 35.61 14.42 37.07
CA ALA C 86 34.57 13.41 36.89
C ALA C 86 34.24 12.72 38.20
N SER C 87 34.05 11.40 38.13
CA SER C 87 33.64 10.62 39.30
C SER C 87 34.74 10.48 40.35
N GLY C 88 35.97 10.82 39.98
CA GLY C 88 37.05 10.84 40.94
C GLY C 88 37.92 9.60 40.91
N THR C 89 37.72 8.80 39.86
CA THR C 89 38.47 7.56 39.69
C THR C 89 39.97 7.85 39.65
N THR C 90 40.38 8.60 38.63
CA THR C 90 41.78 8.90 38.45
C THR C 90 42.31 9.80 39.57
N ILE C 91 41.57 10.84 39.93
CA ILE C 91 42.06 11.82 40.88
C ILE C 91 42.36 11.18 42.25
N SER C 92 41.69 10.06 42.53
CA SER C 92 41.88 9.35 43.78
C SER C 92 43.26 8.72 43.86
N HIS C 93 43.79 8.32 42.71
CA HIS C 93 45.11 7.71 42.67
C HIS C 93 46.20 8.76 42.82
N VAL C 94 45.96 9.96 42.29
CA VAL C 94 46.93 11.04 42.43
C VAL C 94 46.87 11.57 43.86
N SER C 95 45.74 11.35 44.51
CA SER C 95 45.60 11.64 45.93
C SER C 95 46.58 10.77 46.72
N ASP C 96 46.62 9.49 46.41
CA ASP C 96 47.55 8.55 47.04
C ASP C 96 49.01 8.93 46.85
N ILE C 97 49.31 9.43 45.67
CA ILE C 97 50.67 9.79 45.30
C ILE C 97 51.17 11.03 46.04
N ILE C 98 50.38 12.09 46.00
CA ILE C 98 50.82 13.36 46.58
C ILE C 98 50.84 13.32 48.12
N GLU C 99 49.93 12.55 48.71
CA GLU C 99 50.10 12.06 50.09
C GLU C 99 50.10 13.10 51.20
N LEU C 100 49.02 13.89 51.28
CA LEU C 100 48.73 14.79 52.39
C LEU C 100 49.53 16.09 52.30
N ASN C 101 50.82 15.98 51.99
CA ASN C 101 51.65 17.16 51.79
C ASN C 101 51.21 17.86 50.51
N GLY C 102 50.91 17.07 49.48
CA GLY C 102 50.46 17.60 48.21
C GLY C 102 48.98 17.88 48.21
N LYS C 103 48.54 18.75 47.30
CA LYS C 103 47.13 19.11 47.20
C LYS C 103 46.63 19.05 45.76
N ALA C 104 45.39 18.62 45.60
CA ALA C 104 44.79 18.44 44.29
C ALA C 104 43.44 19.14 44.19
N TYR C 105 43.36 20.15 43.33
CA TYR C 105 42.12 20.90 43.15
C TYR C 105 41.39 20.37 41.93
N GLY C 106 40.28 19.68 42.16
CA GLY C 106 39.54 19.02 41.10
C GLY C 106 38.35 19.78 40.55
N VAL C 107 38.49 20.32 39.34
CA VAL C 107 37.39 21.03 38.69
C VAL C 107 36.50 20.07 37.89
N GLU C 108 35.19 20.22 38.02
CA GLU C 108 34.21 19.35 37.36
C GLU C 108 32.82 20.01 37.36
N PHE C 109 32.21 20.18 36.18
CA PHE C 109 30.98 20.99 36.09
C PHE C 109 29.68 20.23 35.85
N SER C 110 29.73 18.91 35.90
CA SER C 110 28.54 18.09 35.74
C SER C 110 28.03 17.59 37.09
N PRO C 111 26.90 18.16 37.55
CA PRO C 111 26.36 17.92 38.90
C PRO C 111 26.04 16.46 39.18
N ARG C 112 25.51 15.77 38.16
CA ARG C 112 25.18 14.35 38.27
C ARG C 112 26.39 13.52 38.69
N VAL C 113 27.57 14.06 38.41
CA VAL C 113 28.81 13.32 38.55
C VAL C 113 29.63 13.83 39.74
N VAL C 114 29.63 15.15 39.94
CA VAL C 114 30.22 15.79 41.13
C VAL C 114 29.60 15.24 42.41
N ARG C 115 28.38 14.75 42.26
CA ARG C 115 27.66 14.07 43.33
C ARG C 115 28.51 12.98 44.01
N GLU C 116 29.10 12.07 43.23
CA GLU C 116 29.92 11.01 43.83
C GLU C 116 31.38 11.42 44.04
N LEU C 117 31.75 12.52 43.40
CA LEU C 117 33.06 13.11 43.62
C LEU C 117 33.11 13.60 45.07
N LEU C 118 32.01 14.20 45.51
CA LEU C 118 31.81 14.57 46.92
C LEU C 118 32.25 13.46 47.88
N LEU C 119 31.72 12.26 47.65
CA LEU C 119 32.02 11.11 48.49
C LEU C 119 33.51 10.81 48.59
N VAL C 120 34.20 10.93 47.47
CA VAL C 120 35.64 10.69 47.43
C VAL C 120 36.40 11.76 48.18
N ALA C 121 35.95 12.99 48.04
CA ALA C 121 36.68 14.13 48.58
C ALA C 121 36.47 14.25 50.08
N GLN C 122 35.40 13.65 50.58
CA GLN C 122 35.16 13.64 52.02
C GLN C 122 36.22 12.85 52.77
N ARG C 123 36.40 11.60 52.38
CA ARG C 123 37.41 10.74 53.01
C ARG C 123 38.84 11.22 52.73
N ARG C 124 39.02 12.14 51.79
CA ARG C 124 40.37 12.51 51.36
C ARG C 124 40.68 14.00 51.46
N PRO C 125 41.40 14.39 52.52
CA PRO C 125 41.85 15.78 52.72
C PRO C 125 42.75 16.29 51.61
N ASN C 126 43.35 15.38 50.84
CA ASN C 126 44.13 15.73 49.66
C ASN C 126 43.37 16.55 48.62
N ILE C 127 42.08 16.30 48.52
CA ILE C 127 41.28 16.74 47.37
C ILE C 127 40.29 17.85 47.67
N PHE C 128 40.32 18.89 46.84
CA PHE C 128 39.46 20.04 47.03
C PHE C 128 38.51 20.15 45.82
N PRO C 129 37.32 19.54 45.93
CA PRO C 129 36.32 19.49 44.85
C PRO C 129 35.81 20.88 44.44
N LEU C 130 35.55 21.07 43.16
CA LEU C 130 35.01 22.34 42.67
C LEU C 130 34.00 22.15 41.54
N LEU C 131 32.71 22.34 41.84
CA LEU C 131 31.69 22.26 40.81
C LEU C 131 31.70 23.54 39.99
N ALA C 132 32.52 23.56 38.95
CA ALA C 132 32.65 24.77 38.15
C ALA C 132 33.03 24.48 36.72
N ASP C 133 32.89 25.49 35.88
CA ASP C 133 33.23 25.39 34.46
C ASP C 133 34.70 25.79 34.25
N ALA C 134 35.51 24.85 33.76
CA ALA C 134 36.93 25.07 33.57
C ALA C 134 37.25 26.16 32.54
N ARG C 135 36.24 26.61 31.81
CA ARG C 135 36.40 27.72 30.88
C ARG C 135 36.46 29.08 31.59
N PHE C 136 35.95 29.13 32.82
CA PHE C 136 36.00 30.36 33.60
C PHE C 136 36.78 30.18 34.89
N PRO C 137 38.11 30.28 34.81
CA PRO C 137 38.95 30.12 35.98
C PRO C 137 38.73 31.20 37.05
N GLN C 138 37.98 32.25 36.72
CA GLN C 138 37.66 33.31 37.66
C GLN C 138 36.78 32.79 38.79
N SER C 139 35.98 31.78 38.50
CA SER C 139 35.06 31.24 39.50
C SER C 139 35.70 30.33 40.54
N TYR C 140 36.88 29.79 40.24
CA TYR C 140 37.63 29.02 41.25
C TYR C 140 38.98 29.68 41.59
N LYS C 141 39.27 30.79 40.93
CA LYS C 141 40.38 31.68 41.27
C LYS C 141 40.56 31.87 42.78
N SER C 142 39.43 32.00 43.47
CA SER C 142 39.42 32.36 44.87
C SER C 142 39.51 31.17 45.84
N VAL C 143 39.94 30.02 45.34
CA VAL C 143 40.06 28.85 46.20
C VAL C 143 41.43 28.18 46.02
N VAL C 144 41.93 28.23 44.80
CA VAL C 144 43.16 27.50 44.48
C VAL C 144 44.41 28.37 44.57
N GLU C 145 45.56 27.73 44.47
CA GLU C 145 46.84 28.42 44.41
C GLU C 145 47.45 28.15 43.04
N ASN C 146 48.71 28.52 42.84
CA ASN C 146 49.42 28.09 41.65
C ASN C 146 49.87 26.66 41.85
N VAL C 147 50.15 25.94 40.77
CA VAL C 147 50.33 24.49 40.87
C VAL C 147 51.56 24.00 40.10
N ASP C 148 52.01 22.79 40.43
CA ASP C 148 53.17 22.18 39.77
C ASP C 148 52.75 21.44 38.50
N VAL C 149 51.61 20.76 38.59
CA VAL C 149 51.11 19.97 37.47
C VAL C 149 49.70 20.38 37.07
N LEU C 150 49.49 20.61 35.78
CA LEU C 150 48.15 20.90 35.26
C LEU C 150 47.63 19.68 34.50
N TYR C 151 46.82 18.87 35.18
CA TYR C 151 46.26 17.67 34.56
C TYR C 151 44.91 17.98 33.96
N VAL C 152 44.81 17.79 32.66
CA VAL C 152 43.63 18.16 31.91
C VAL C 152 43.04 16.95 31.19
N ASP C 153 41.88 16.50 31.67
CA ASP C 153 41.11 15.43 31.03
C ASP C 153 39.65 15.83 30.85
N ILE C 154 39.39 16.79 29.96
CA ILE C 154 38.03 17.29 29.79
C ILE C 154 37.52 17.04 28.37
N ALA C 155 36.30 16.55 28.26
CA ALA C 155 35.68 16.34 26.95
C ALA C 155 35.08 17.64 26.43
N GLN C 156 35.82 18.31 25.55
CA GLN C 156 35.42 19.60 24.99
C GLN C 156 36.12 19.82 23.65
N PRO C 157 35.41 20.43 22.68
CA PRO C 157 36.04 20.74 21.39
C PRO C 157 37.21 21.72 21.54
N ASP C 158 37.08 22.68 22.44
CA ASP C 158 38.15 23.64 22.66
C ASP C 158 39.00 23.31 23.90
N GLN C 159 39.09 22.02 24.21
CA GLN C 159 39.75 21.56 25.42
C GLN C 159 41.18 22.09 25.56
N THR C 160 41.89 22.17 24.45
CA THR C 160 43.27 22.61 24.45
C THR C 160 43.38 24.09 24.81
N ASP C 161 42.54 24.91 24.18
CA ASP C 161 42.48 26.33 24.51
C ASP C 161 42.14 26.55 25.99
N ILE C 162 41.16 25.82 26.50
CA ILE C 162 40.81 25.84 27.91
C ILE C 162 41.99 25.58 28.83
N ALA C 163 42.77 24.54 28.51
CA ALA C 163 43.93 24.18 29.31
C ALA C 163 44.92 25.33 29.38
N ILE C 164 45.20 25.94 28.24
CA ILE C 164 46.16 27.04 28.15
C ILE C 164 45.69 28.23 28.98
N TYR C 165 44.39 28.51 28.92
CA TYR C 165 43.81 29.60 29.69
C TYR C 165 44.03 29.36 31.18
N ASN C 166 43.71 28.16 31.63
CA ASN C 166 43.95 27.77 33.00
C ASN C 166 45.42 27.81 33.41
N ALA C 167 46.30 27.49 32.46
CA ALA C 167 47.73 27.40 32.73
C ALA C 167 48.32 28.74 33.13
N LYS C 168 48.09 29.75 32.30
CA LYS C 168 48.62 31.08 32.53
C LYS C 168 47.98 31.74 33.75
N PHE C 169 46.94 31.08 34.28
CA PHE C 169 46.40 31.40 35.58
C PHE C 169 47.19 30.70 36.70
N PHE C 170 47.25 29.37 36.65
CA PHE C 170 47.66 28.57 37.81
C PHE C 170 48.93 27.73 37.64
N LEU C 171 49.42 27.60 36.41
CA LEU C 171 50.57 26.74 36.18
C LEU C 171 51.89 27.49 36.35
N LYS C 172 52.66 27.10 37.37
CA LYS C 172 54.00 27.64 37.61
C LYS C 172 54.86 27.59 36.35
N VAL C 173 55.76 28.56 36.19
CA VAL C 173 56.74 28.50 35.12
C VAL C 173 57.64 27.30 35.42
N ASN C 174 58.00 26.54 34.38
CA ASN C 174 58.73 25.27 34.52
C ASN C 174 57.87 24.22 35.19
N GLY C 175 56.57 24.48 35.27
CA GLY C 175 55.60 23.48 35.70
C GLY C 175 55.22 22.60 34.53
N ASP C 176 54.56 21.48 34.80
CA ASP C 176 54.19 20.53 33.74
C ASP C 176 52.67 20.44 33.51
N MET C 177 52.27 20.22 32.27
CA MET C 177 50.86 19.95 31.94
C MET C 177 50.68 18.60 31.25
N LEU C 178 49.83 17.76 31.84
CA LEU C 178 49.42 16.52 31.18
C LEU C 178 48.09 16.74 30.49
N LEU C 179 48.14 16.78 29.17
CA LEU C 179 46.93 17.06 28.40
C LEU C 179 46.42 15.81 27.72
N VAL C 180 45.24 15.36 28.12
CA VAL C 180 44.59 14.26 27.44
C VAL C 180 43.83 14.81 26.25
N ILE C 181 44.20 14.35 25.05
CA ILE C 181 43.54 14.78 23.82
C ILE C 181 42.48 13.77 23.42
N LYS C 182 41.22 14.16 23.54
CA LYS C 182 40.12 13.30 23.12
C LYS C 182 39.74 13.59 21.70
N ALA C 183 40.29 12.80 20.77
CA ALA C 183 40.09 12.98 19.35
C ALA C 183 38.60 13.02 18.94
N ARG C 184 37.84 12.04 19.38
CA ARG C 184 36.45 11.90 18.95
C ARG C 184 35.52 12.89 19.63
N SER C 185 36.03 13.61 20.62
CA SER C 185 35.24 14.64 21.28
C SER C 185 35.74 16.00 20.83
N ILE C 186 36.77 15.98 20.00
CA ILE C 186 37.26 17.17 19.32
C ILE C 186 36.64 17.22 17.93
N ASP C 187 36.66 16.10 17.23
CA ASP C 187 36.03 15.98 15.91
C ASP C 187 35.93 14.50 15.52
N VAL C 188 34.71 13.99 15.42
CA VAL C 188 34.51 12.58 15.07
C VAL C 188 34.83 12.26 13.61
N THR C 189 34.89 13.29 12.78
CA THR C 189 35.15 13.09 11.36
C THR C 189 36.64 13.03 11.03
N LYS C 190 37.40 13.99 11.52
CA LYS C 190 38.83 14.02 11.24
C LYS C 190 39.55 12.80 11.79
N ASP C 191 40.72 12.53 11.22
CA ASP C 191 41.57 11.45 11.66
C ASP C 191 42.17 11.85 13.01
N PRO C 192 42.07 10.96 14.00
CA PRO C 192 42.62 11.20 15.34
C PRO C 192 44.07 11.66 15.29
N LYS C 193 44.83 11.15 14.31
CA LYS C 193 46.24 11.46 14.22
C LYS C 193 46.45 12.90 13.72
N GLU C 194 45.51 13.40 12.94
CA GLU C 194 45.58 14.80 12.52
C GLU C 194 45.38 15.73 13.70
N ILE C 195 44.40 15.40 14.53
CA ILE C 195 44.08 16.23 15.68
C ILE C 195 45.27 16.34 16.60
N TYR C 196 45.93 15.23 16.86
CA TYR C 196 47.08 15.23 17.76
C TYR C 196 48.15 16.23 17.33
N LYS C 197 48.44 16.27 16.04
CA LYS C 197 49.52 17.14 15.56
C LYS C 197 49.12 18.60 15.71
N THR C 198 47.87 18.90 15.39
CA THR C 198 47.39 20.27 15.44
C THR C 198 47.23 20.77 16.87
N GLU C 199 46.89 19.87 17.80
CA GLU C 199 46.73 20.28 19.18
C GLU C 199 48.08 20.51 19.85
N VAL C 200 49.05 19.65 19.58
CA VAL C 200 50.38 19.82 20.15
C VAL C 200 51.00 21.12 19.64
N GLU C 201 50.73 21.46 18.39
CA GLU C 201 51.19 22.70 17.81
C GLU C 201 50.65 23.90 18.58
N LYS C 202 49.39 23.81 18.98
CA LYS C 202 48.78 24.86 19.79
C LYS C 202 49.54 25.08 21.09
N LEU C 203 50.00 23.99 21.67
CA LEU C 203 50.74 24.03 22.92
C LEU C 203 52.10 24.68 22.69
N GLU C 204 52.69 24.38 21.54
CA GLU C 204 54.03 24.84 21.22
C GLU C 204 54.05 26.33 20.90
N ASN C 205 52.93 26.84 20.37
CA ASN C 205 52.77 28.28 20.18
C ASN C 205 52.56 29.10 21.45
N SER C 206 51.97 28.49 22.46
CA SER C 206 51.77 29.12 23.76
C SER C 206 52.93 28.81 24.69
N ASN C 207 54.12 28.68 24.10
CA ASN C 207 55.40 28.42 24.76
C ASN C 207 55.28 27.34 25.85
N PHE C 208 54.67 26.23 25.46
CA PHE C 208 54.79 24.96 26.17
C PHE C 208 55.84 24.11 25.47
N GLU C 209 56.63 23.37 26.25
CA GLU C 209 57.74 22.61 25.69
C GLU C 209 57.38 21.14 25.68
N THR C 210 56.83 20.67 24.55
CA THR C 210 56.41 19.28 24.40
C THR C 210 57.52 18.29 24.78
N ILE C 211 57.27 17.50 25.81
CA ILE C 211 58.26 16.58 26.33
C ILE C 211 58.01 15.18 25.76
N GLN C 212 56.74 14.77 25.76
CA GLN C 212 56.40 13.42 25.35
C GLN C 212 54.96 13.30 24.85
N ILE C 213 54.76 12.50 23.81
CA ILE C 213 53.43 12.24 23.25
C ILE C 213 53.09 10.75 23.25
N ILE C 214 52.09 10.39 24.06
CA ILE C 214 51.69 9.00 24.23
C ILE C 214 50.32 8.67 23.62
N ASN C 215 50.22 7.51 22.98
CA ASN C 215 48.93 7.01 22.50
C ASN C 215 48.30 6.04 23.49
N LEU C 216 47.13 6.37 24.02
CA LEU C 216 46.58 5.58 25.11
C LEU C 216 45.98 4.25 24.66
N ASP C 217 45.87 4.04 23.35
CA ASP C 217 45.42 2.76 22.80
C ASP C 217 46.34 1.63 23.25
N PRO C 218 45.78 0.46 23.62
CA PRO C 218 44.40 -0.01 23.55
C PRO C 218 43.54 0.27 24.79
N TYR C 219 44.13 0.85 25.83
CA TYR C 219 43.41 1.13 27.06
C TYR C 219 42.30 2.15 26.82
N ASP C 220 42.59 3.17 26.03
CA ASP C 220 41.57 4.15 25.63
C ASP C 220 41.67 4.39 24.12
N LYS C 221 40.56 4.17 23.43
CA LYS C 221 40.52 4.30 21.97
C LYS C 221 40.47 5.76 21.53
N ASP C 222 41.26 6.10 20.50
CA ASP C 222 41.30 7.46 19.94
C ASP C 222 41.66 8.51 21.00
N HIS C 223 42.65 8.19 21.82
CA HIS C 223 43.12 9.13 22.82
C HIS C 223 44.64 9.27 22.81
N ALA C 224 45.11 10.46 23.17
CA ALA C 224 46.52 10.69 23.37
C ALA C 224 46.71 11.64 24.53
N ILE C 225 47.86 11.53 25.19
CA ILE C 225 48.16 12.41 26.30
C ILE C 225 49.52 13.10 26.06
N VAL C 226 49.56 14.41 26.33
CA VAL C 226 50.77 15.17 26.14
C VAL C 226 51.40 15.58 27.47
N LEU C 227 52.71 15.39 27.60
CA LEU C 227 53.44 15.94 28.72
C LEU C 227 54.31 17.07 28.19
N SER C 228 54.16 18.26 28.76
CA SER C 228 54.93 19.40 28.31
C SER C 228 55.21 20.38 29.45
N LYS C 229 56.21 21.24 29.24
CA LYS C 229 56.64 22.18 30.27
C LYS C 229 56.31 23.60 29.84
N TYR C 230 55.64 24.33 30.73
CA TYR C 230 55.26 25.70 30.48
C TYR C 230 56.44 26.64 30.73
N LYS C 231 56.59 27.66 29.91
CA LYS C 231 57.71 28.57 30.05
C LYS C 231 57.24 29.96 30.47
N LYS D 3 -2.45 -58.88 -7.41
CA LYS D 3 -1.89 -57.70 -6.75
C LYS D 3 -2.76 -56.47 -6.97
N ILE D 4 -3.23 -55.89 -5.86
CA ILE D 4 -4.10 -54.72 -5.93
C ILE D 4 -3.46 -53.50 -5.27
N TYR D 5 -3.38 -52.41 -6.03
CA TYR D 5 -2.89 -51.14 -5.52
C TYR D 5 -4.03 -50.36 -4.87
N LEU D 6 -3.82 -49.97 -3.61
CA LEU D 6 -4.89 -49.34 -2.85
C LEU D 6 -4.67 -47.84 -2.73
N ILE D 7 -5.72 -47.08 -2.98
CA ILE D 7 -5.68 -45.63 -2.91
C ILE D 7 -6.58 -45.20 -1.77
N GLU D 8 -6.16 -44.20 -1.00
CA GLU D 8 -7.03 -43.66 0.04
C GLU D 8 -7.15 -42.15 -0.13
N HIS D 9 -8.38 -41.65 -0.18
CA HIS D 9 -8.60 -40.26 -0.49
C HIS D 9 -9.87 -39.77 0.17
N VAL D 10 -10.10 -38.46 0.09
CA VAL D 10 -11.35 -37.84 0.50
C VAL D 10 -12.47 -38.50 -0.28
N ILE D 11 -12.14 -38.85 -1.52
CA ILE D 11 -13.05 -39.44 -2.49
C ILE D 11 -13.63 -40.77 -2.01
N GLY D 12 -12.93 -41.42 -1.08
CA GLY D 12 -13.32 -42.75 -0.66
C GLY D 12 -12.12 -43.64 -0.67
N ALA D 13 -12.34 -44.94 -0.83
CA ALA D 13 -11.24 -45.91 -0.93
C ALA D 13 -11.35 -46.67 -2.24
N VAL D 14 -10.29 -46.60 -3.06
CA VAL D 14 -10.29 -47.20 -4.39
C VAL D 14 -9.19 -48.25 -4.57
N ALA D 15 -9.53 -49.34 -5.25
CA ALA D 15 -8.57 -50.38 -5.60
C ALA D 15 -8.21 -50.33 -7.08
N TYR D 16 -6.93 -50.52 -7.38
CA TYR D 16 -6.42 -50.49 -8.76
C TYR D 16 -5.66 -51.77 -9.06
N ASP D 17 -5.66 -52.20 -10.32
CA ASP D 17 -4.73 -53.24 -10.78
C ASP D 17 -3.42 -52.55 -11.14
N GLU D 18 -2.39 -53.30 -11.54
CA GLU D 18 -1.10 -52.69 -11.82
C GLU D 18 -1.09 -51.83 -13.08
N ASN D 19 -2.12 -51.99 -13.92
CA ASN D 19 -2.22 -51.22 -15.16
C ASN D 19 -2.72 -49.81 -14.88
N GLY D 20 -3.55 -49.69 -13.84
CA GLY D 20 -4.17 -48.42 -13.51
C GLY D 20 -5.64 -48.38 -13.85
N ASN D 21 -6.31 -49.53 -13.74
CA ASN D 21 -7.75 -49.58 -13.96
C ASN D 21 -8.50 -49.88 -12.65
N ILE D 22 -9.56 -49.12 -12.41
CA ILE D 22 -10.33 -49.26 -11.17
C ILE D 22 -11.02 -50.60 -11.08
N VAL D 23 -10.48 -51.48 -10.24
CA VAL D 23 -11.06 -52.80 -9.98
C VAL D 23 -12.30 -52.73 -9.11
N ASP D 24 -12.22 -51.95 -8.04
CA ASP D 24 -13.36 -51.71 -7.17
C ASP D 24 -13.21 -50.47 -6.30
N TYR D 25 -14.32 -49.91 -5.85
CA TYR D 25 -14.30 -48.72 -5.03
C TYR D 25 -15.39 -48.71 -3.98
N ILE D 26 -15.15 -48.03 -2.86
CA ILE D 26 -16.22 -47.74 -1.92
C ILE D 26 -16.18 -46.27 -1.52
N THR D 27 -17.17 -45.52 -1.99
CA THR D 27 -17.20 -44.08 -1.79
C THR D 27 -17.44 -43.71 -0.33
N ASN D 28 -16.76 -42.67 0.11
CA ASN D 28 -16.92 -42.16 1.46
C ASN D 28 -18.27 -41.46 1.60
N PRO D 29 -18.76 -41.30 2.84
CA PRO D 29 -19.95 -40.47 3.03
C PRO D 29 -19.59 -39.00 2.87
N ARG D 30 -20.45 -38.22 2.24
CA ARG D 30 -20.18 -36.80 2.07
C ARG D 30 -20.48 -36.07 3.38
N ASP D 31 -19.68 -36.36 4.40
CA ASP D 31 -19.84 -35.81 5.73
C ASP D 31 -18.53 -35.26 6.27
N LEU D 32 -18.46 -33.94 6.45
CA LEU D 32 -17.28 -33.27 6.99
C LEU D 32 -16.74 -33.97 8.24
N GLY D 33 -17.62 -34.17 9.22
CA GLY D 33 -17.26 -34.80 10.48
C GLY D 33 -16.44 -36.10 10.39
N LYS D 34 -16.93 -37.07 9.63
CA LYS D 34 -16.31 -38.40 9.62
C LYS D 34 -14.99 -38.44 8.85
N ILE D 35 -14.93 -37.73 7.73
CA ILE D 35 -13.71 -37.73 6.94
C ILE D 35 -12.56 -37.08 7.69
N THR D 36 -12.82 -35.88 8.24
CA THR D 36 -11.81 -35.16 9.02
C THR D 36 -11.22 -36.06 10.10
N GLU D 37 -12.08 -36.81 10.79
CA GLU D 37 -11.62 -37.72 11.83
C GLU D 37 -10.82 -38.88 11.24
N GLU D 38 -11.23 -39.36 10.07
CA GLU D 38 -10.53 -40.49 9.45
C GLU D 38 -9.18 -40.10 8.88
N LEU D 39 -9.05 -38.84 8.46
CA LEU D 39 -7.76 -38.35 8.01
C LEU D 39 -6.80 -38.20 9.17
N LEU D 40 -7.29 -37.64 10.28
CA LEU D 40 -6.49 -37.55 11.50
C LEU D 40 -6.05 -38.94 11.98
N ASN D 41 -6.97 -39.91 11.93
CA ASN D 41 -6.70 -41.28 12.35
C ASN D 41 -5.72 -41.98 11.42
N ASN D 42 -5.81 -41.66 10.13
CA ASN D 42 -4.94 -42.25 9.14
C ASN D 42 -3.47 -41.89 9.38
N GLU D 43 -3.23 -40.74 10.00
CA GLU D 43 -1.88 -40.30 10.38
C GLU D 43 -1.20 -41.33 11.28
N LYS D 44 -1.97 -41.96 12.16
CA LYS D 44 -1.38 -42.91 13.11
C LYS D 44 -1.24 -44.29 12.48
N GLY D 45 -1.74 -44.44 11.25
CA GLY D 45 -1.66 -45.73 10.58
C GLY D 45 -3.00 -46.40 10.41
N ILE D 46 -4.01 -45.89 11.12
CA ILE D 46 -5.36 -46.45 11.10
C ILE D 46 -6.01 -46.33 9.73
N PRO D 47 -6.41 -47.47 9.14
CA PRO D 47 -7.08 -47.53 7.84
C PRO D 47 -8.47 -46.92 7.86
N PHE D 48 -8.90 -46.35 6.73
CA PHE D 48 -10.27 -45.90 6.56
C PHE D 48 -11.24 -47.03 6.84
N SER D 49 -12.46 -46.71 7.25
CA SER D 49 -13.47 -47.74 7.44
C SER D 49 -13.94 -48.20 6.07
N ALA D 50 -13.88 -47.29 5.10
CA ALA D 50 -14.24 -47.59 3.73
C ALA D 50 -13.19 -48.50 3.10
N THR D 51 -11.96 -48.37 3.58
CA THR D 51 -10.87 -49.21 3.08
C THR D 51 -11.05 -50.62 3.60
N VAL D 52 -11.49 -50.74 4.85
CA VAL D 52 -11.74 -52.04 5.46
C VAL D 52 -12.80 -52.83 4.68
N GLU D 53 -13.89 -52.15 4.36
CA GLU D 53 -14.97 -52.76 3.58
C GLU D 53 -14.50 -53.19 2.20
N LEU D 54 -13.65 -52.38 1.58
CA LEU D 54 -13.19 -52.63 0.21
C LEU D 54 -12.25 -53.82 0.20
N LEU D 55 -11.44 -53.95 1.25
CA LEU D 55 -10.52 -55.07 1.37
C LEU D 55 -11.27 -56.37 1.65
N LYS D 56 -12.57 -56.25 1.92
CA LYS D 56 -13.44 -57.41 2.07
C LYS D 56 -14.10 -57.74 0.74
N LYS D 57 -14.62 -56.72 0.07
CA LYS D 57 -15.25 -56.88 -1.24
C LYS D 57 -14.31 -57.61 -2.19
N VAL D 58 -13.18 -56.97 -2.49
CA VAL D 58 -12.13 -57.65 -3.23
C VAL D 58 -11.45 -58.54 -2.19
N ASN D 59 -10.99 -59.71 -2.61
CA ASN D 59 -10.31 -60.60 -1.70
C ASN D 59 -8.90 -60.84 -2.23
N PRO D 60 -8.02 -59.86 -2.01
CA PRO D 60 -6.70 -59.75 -2.64
C PRO D 60 -5.58 -60.47 -1.91
N GLN D 61 -4.73 -61.15 -2.67
CA GLN D 61 -3.61 -61.88 -2.11
C GLN D 61 -2.49 -60.91 -1.69
N GLU D 62 -2.10 -60.01 -2.59
CA GLU D 62 -1.10 -58.97 -2.32
C GLU D 62 -1.65 -57.56 -2.45
N VAL D 63 -1.65 -56.82 -1.34
CA VAL D 63 -2.03 -55.41 -1.39
C VAL D 63 -0.84 -54.50 -1.09
N VAL D 64 -0.86 -53.31 -1.69
CA VAL D 64 0.19 -52.33 -1.51
C VAL D 64 -0.44 -50.95 -1.28
N VAL D 65 -0.08 -50.32 -0.17
CA VAL D 65 -0.75 -49.08 0.23
C VAL D 65 0.20 -47.90 0.03
N GLU D 66 -0.32 -46.70 0.26
CA GLU D 66 0.45 -45.48 0.06
C GLU D 66 1.32 -45.20 1.27
N ASN D 67 0.81 -45.56 2.44
CA ASN D 67 1.51 -45.26 3.69
C ASN D 67 2.09 -46.50 4.35
N GLU D 68 3.31 -46.35 4.86
CA GLU D 68 4.04 -47.43 5.54
C GLU D 68 3.51 -47.60 6.95
N ALA D 69 2.74 -46.61 7.40
CA ALA D 69 2.19 -46.65 8.74
C ALA D 69 0.94 -47.53 8.75
N GLU D 70 0.31 -47.65 7.60
CA GLU D 70 -0.88 -48.49 7.43
C GLU D 70 -0.54 -49.97 7.38
N VAL D 71 0.61 -50.28 6.79
CA VAL D 71 1.02 -51.65 6.51
C VAL D 71 0.87 -52.63 7.69
N PRO D 72 1.40 -52.28 8.88
CA PRO D 72 1.23 -53.27 9.96
C PRO D 72 -0.21 -53.41 10.42
N LYS D 73 -0.98 -52.33 10.30
CA LYS D 73 -2.38 -52.33 10.68
C LYS D 73 -3.19 -53.28 9.82
N LEU D 74 -2.91 -53.32 8.52
CA LEU D 74 -3.63 -54.18 7.60
C LEU D 74 -3.12 -55.61 7.67
N GLN D 75 -1.90 -55.78 8.17
CA GLN D 75 -1.35 -57.11 8.42
C GLN D 75 -2.07 -57.76 9.58
N ALA D 76 -2.38 -56.94 10.59
CA ALA D 76 -3.15 -57.39 11.75
C ALA D 76 -4.57 -57.76 11.33
N LEU D 77 -5.00 -57.23 10.19
CA LEU D 77 -6.36 -57.47 9.70
C LEU D 77 -6.46 -58.71 8.83
N GLY D 78 -5.32 -59.31 8.50
CA GLY D 78 -5.31 -60.60 7.84
C GLY D 78 -4.62 -60.71 6.48
N TYR D 79 -4.25 -59.56 5.90
CA TYR D 79 -3.66 -59.56 4.57
C TYR D 79 -2.13 -59.45 4.59
N ARG D 80 -1.51 -59.86 3.48
CA ARG D 80 -0.09 -59.59 3.24
C ARG D 80 0.06 -58.22 2.58
N VAL D 81 0.80 -57.32 3.22
CA VAL D 81 0.80 -55.91 2.84
C VAL D 81 2.21 -55.34 2.68
N SER D 82 2.38 -54.45 1.70
CA SER D 82 3.60 -53.67 1.55
C SER D 82 3.25 -52.24 1.19
N TYR D 83 4.26 -51.42 0.87
CA TYR D 83 3.99 -50.05 0.44
C TYR D 83 4.97 -49.57 -0.64
N GLU D 84 4.46 -48.75 -1.56
CA GLU D 84 5.31 -48.04 -2.51
C GLU D 84 5.01 -46.55 -2.42
N PRO D 85 6.03 -45.75 -2.10
CA PRO D 85 5.85 -44.34 -1.70
C PRO D 85 5.21 -43.47 -2.78
N TYR D 86 5.84 -43.38 -3.95
CA TYR D 86 5.33 -42.54 -5.02
C TYR D 86 5.06 -43.39 -6.27
N SER D 87 4.20 -44.39 -6.11
CA SER D 87 3.96 -45.39 -7.14
C SER D 87 3.27 -44.78 -8.35
N LYS D 88 3.36 -45.44 -9.49
CA LYS D 88 2.70 -44.98 -10.71
C LYS D 88 1.18 -44.96 -10.58
N VAL D 89 0.64 -45.90 -9.82
CA VAL D 89 -0.80 -45.98 -9.61
C VAL D 89 -1.35 -44.80 -8.81
N SER D 90 -0.65 -44.44 -7.74
CA SER D 90 -1.05 -43.31 -6.91
C SER D 90 -1.08 -42.01 -7.72
N ARG D 91 -0.17 -41.88 -8.67
CA ARG D 91 -0.18 -40.74 -9.58
C ARG D 91 -1.38 -40.80 -10.52
N ILE D 92 -1.60 -41.97 -11.11
CA ILE D 92 -2.73 -42.20 -12.02
C ILE D 92 -4.07 -41.74 -11.45
N PHE D 93 -4.31 -42.06 -10.19
CA PHE D 93 -5.55 -41.68 -9.52
C PHE D 93 -5.69 -40.16 -9.44
N ARG D 94 -4.62 -39.51 -9.01
CA ARG D 94 -4.60 -38.07 -8.81
C ARG D 94 -4.56 -37.31 -10.14
N GLU D 95 -4.06 -37.95 -11.19
CA GLU D 95 -4.13 -37.39 -12.54
C GLU D 95 -5.57 -37.32 -13.04
N SER D 96 -6.38 -38.24 -12.54
CA SER D 96 -7.76 -38.34 -12.98
C SER D 96 -8.70 -37.93 -11.86
N LEU D 97 -8.15 -37.23 -10.87
CA LEU D 97 -8.93 -36.83 -9.69
C LEU D 97 -9.93 -35.69 -9.90
N PRO D 98 -9.67 -34.78 -10.87
CA PRO D 98 -10.81 -33.92 -11.19
C PRO D 98 -12.02 -34.75 -11.65
N LYS D 99 -11.75 -35.81 -12.40
CA LYS D 99 -12.80 -36.64 -13.00
C LYS D 99 -13.43 -37.69 -12.08
N VAL D 100 -12.61 -38.63 -11.59
CA VAL D 100 -13.12 -39.82 -10.92
C VAL D 100 -13.87 -39.55 -9.63
N ALA D 101 -13.97 -38.29 -9.24
CA ALA D 101 -14.81 -37.90 -8.11
C ALA D 101 -16.27 -38.04 -8.51
N ILE D 102 -16.54 -37.69 -9.76
CA ILE D 102 -17.89 -37.76 -10.32
C ILE D 102 -18.24 -39.21 -10.68
N ASP D 103 -17.27 -39.95 -11.20
CA ASP D 103 -17.50 -41.32 -11.65
C ASP D 103 -17.97 -42.23 -10.52
N ILE D 104 -17.34 -42.15 -9.35
CA ILE D 104 -17.74 -42.98 -8.24
C ILE D 104 -18.83 -42.32 -7.40
N LYS D 105 -19.39 -41.24 -7.93
CA LYS D 105 -20.48 -40.51 -7.32
C LYS D 105 -20.20 -40.08 -5.87
N PHE D 106 -19.18 -39.23 -5.71
CA PHE D 106 -18.91 -38.56 -4.44
C PHE D 106 -19.63 -37.23 -4.47
N ALA D 107 -19.69 -36.66 -5.68
CA ALA D 107 -20.47 -35.47 -5.96
C ALA D 107 -21.02 -35.57 -7.37
N SER D 108 -22.06 -34.80 -7.65
CA SER D 108 -22.69 -34.81 -8.95
C SER D 108 -21.79 -34.17 -10.00
N ASN D 109 -21.20 -33.03 -9.68
CA ASN D 109 -20.33 -32.33 -10.61
C ASN D 109 -19.08 -31.79 -9.94
N GLU D 110 -18.19 -31.21 -10.75
CA GLU D 110 -16.96 -30.63 -10.25
C GLU D 110 -17.22 -29.44 -9.33
N GLU D 111 -18.25 -28.64 -9.65
CA GLU D 111 -18.60 -27.46 -8.84
C GLU D 111 -18.62 -27.67 -7.33
N ASP D 112 -19.31 -28.70 -6.86
CA ASP D 112 -19.45 -28.90 -5.42
C ASP D 112 -18.67 -30.09 -4.88
N TYR D 113 -17.78 -30.65 -5.69
CA TYR D 113 -16.71 -31.49 -5.16
C TYR D 113 -15.72 -30.56 -4.48
N TYR D 114 -15.34 -29.50 -5.20
CA TYR D 114 -14.38 -28.54 -4.70
C TYR D 114 -14.96 -27.74 -3.55
N ASN D 115 -16.25 -27.42 -3.63
CA ASN D 115 -16.92 -26.78 -2.50
C ASN D 115 -16.75 -27.59 -1.22
N PHE D 116 -16.85 -28.92 -1.35
CA PHE D 116 -16.67 -29.81 -0.20
C PHE D 116 -15.21 -29.90 0.23
N LEU D 117 -14.34 -30.17 -0.73
CA LEU D 117 -12.91 -30.32 -0.45
C LEU D 117 -12.34 -29.06 0.18
N HIS D 118 -12.84 -27.89 -0.26
CA HIS D 118 -12.44 -26.61 0.33
C HIS D 118 -12.80 -26.55 1.81
N GLU D 119 -14.04 -26.89 2.14
CA GLU D 119 -14.49 -26.83 3.53
C GLU D 119 -14.01 -28.02 4.34
N LEU D 120 -13.62 -29.10 3.67
CA LEU D 120 -12.93 -30.18 4.37
C LEU D 120 -11.60 -29.65 4.86
N SER D 121 -10.85 -29.05 3.94
CA SER D 121 -9.55 -28.46 4.24
C SER D 121 -9.65 -27.42 5.36
N LEU D 122 -10.62 -26.52 5.26
CA LEU D 122 -10.87 -25.54 6.31
C LEU D 122 -11.08 -26.23 7.67
N GLU D 123 -11.93 -27.24 7.69
CA GLU D 123 -12.22 -28.00 8.92
C GLU D 123 -11.10 -28.96 9.34
N TYR D 124 -10.34 -29.43 8.36
CA TYR D 124 -9.26 -30.36 8.66
C TYR D 124 -8.12 -29.65 9.37
N THR D 125 -7.80 -28.43 8.93
CA THR D 125 -6.71 -27.66 9.52
C THR D 125 -7.17 -26.94 10.79
N ARG D 126 -8.43 -26.53 10.82
CA ARG D 126 -9.03 -25.98 12.04
C ARG D 126 -8.80 -26.92 13.22
N ARG D 127 -8.90 -28.22 12.93
CA ARG D 127 -8.70 -29.26 13.93
C ARG D 127 -7.24 -29.36 14.34
N LYS D 128 -6.37 -29.32 13.34
CA LYS D 128 -4.94 -29.40 13.58
C LYS D 128 -4.49 -28.14 14.29
N LEU D 129 -5.04 -27.00 13.90
CA LEU D 129 -4.74 -25.73 14.57
C LEU D 129 -5.02 -25.80 16.07
N ARG D 130 -6.02 -26.59 16.45
CA ARG D 130 -6.43 -26.68 17.84
C ARG D 130 -5.51 -27.58 18.65
N SER D 131 -5.11 -28.71 18.07
CA SER D 131 -4.23 -29.64 18.78
C SER D 131 -2.84 -29.06 19.04
N ALA D 132 -2.48 -28.04 18.27
CA ALA D 132 -1.20 -27.35 18.46
C ALA D 132 -1.29 -26.43 19.67
N ALA D 133 -2.43 -25.74 19.79
CA ALA D 133 -2.65 -24.83 20.89
C ALA D 133 -2.78 -25.57 22.21
N GLN D 134 -3.14 -26.85 22.15
CA GLN D 134 -3.42 -27.61 23.35
C GLN D 134 -2.15 -28.16 23.98
N LYS D 135 -1.02 -27.99 23.30
CA LYS D 135 0.25 -28.45 23.86
C LYS D 135 0.61 -27.62 25.08
N ARG D 136 1.03 -28.29 26.15
CA ARG D 136 1.21 -27.65 27.44
C ARG D 136 2.48 -26.80 27.55
N ASP D 137 3.51 -27.15 26.79
CA ASP D 137 4.78 -26.43 26.89
C ASP D 137 4.71 -25.00 26.36
N LEU D 138 3.64 -24.67 25.63
CA LEU D 138 3.51 -23.33 25.07
C LEU D 138 3.34 -22.28 26.16
N LEU D 139 2.57 -22.66 27.17
CA LEU D 139 2.24 -21.74 28.24
C LEU D 139 3.46 -21.54 29.12
N ALA D 140 4.27 -22.59 29.19
CA ALA D 140 5.54 -22.54 29.87
C ALA D 140 6.41 -21.47 29.21
N ILE D 141 6.48 -21.52 27.89
CA ILE D 141 7.28 -20.61 27.10
C ILE D 141 6.81 -19.16 27.22
N GLN D 142 5.51 -18.95 27.05
CA GLN D 142 4.95 -17.62 27.14
C GLN D 142 5.22 -17.02 28.53
N ALA D 143 5.19 -17.87 29.55
CA ALA D 143 5.41 -17.44 30.91
C ALA D 143 6.79 -16.83 31.13
N VAL D 144 7.83 -17.57 30.75
CA VAL D 144 9.20 -17.12 30.92
C VAL D 144 9.52 -15.88 30.09
N ARG D 145 8.85 -15.76 28.94
CA ARG D 145 8.98 -14.61 28.08
C ARG D 145 8.43 -13.35 28.75
N ALA D 146 7.27 -13.48 29.37
CA ALA D 146 6.70 -12.38 30.13
C ALA D 146 7.56 -12.09 31.34
N MET D 147 8.07 -13.16 31.94
CA MET D 147 8.96 -13.03 33.08
C MET D 147 10.18 -12.21 32.74
N ASP D 148 10.75 -12.48 31.57
CA ASP D 148 11.93 -11.78 31.14
C ASP D 148 11.59 -10.34 30.76
N ASP D 149 10.34 -10.13 30.38
CA ASP D 149 9.89 -8.79 30.09
C ASP D 149 9.78 -8.00 31.40
N ILE D 150 9.28 -8.66 32.44
CA ILE D 150 9.15 -8.00 33.73
C ILE D 150 10.52 -7.74 34.34
N ASP D 151 11.39 -8.73 34.25
CA ASP D 151 12.79 -8.57 34.65
C ASP D 151 13.41 -7.33 34.06
N LYS D 152 13.24 -7.21 32.74
CA LYS D 152 13.80 -6.09 32.01
C LYS D 152 13.16 -4.78 32.44
N THR D 153 11.84 -4.80 32.62
CA THR D 153 11.12 -3.58 32.94
C THR D 153 11.48 -3.09 34.34
N ILE D 154 11.56 -4.02 35.28
CA ILE D 154 11.94 -3.71 36.64
C ILE D 154 13.24 -2.93 36.64
N ASN D 155 14.23 -3.41 35.89
CA ASN D 155 15.52 -2.74 35.83
C ASN D 155 15.42 -1.33 35.24
N LEU D 156 14.67 -1.21 34.15
CA LEU D 156 14.50 0.08 33.49
C LEU D 156 13.84 1.09 34.43
N PHE D 157 12.76 0.65 35.05
CA PHE D 157 11.99 1.50 35.94
C PHE D 157 12.78 1.87 37.17
N SER D 158 13.54 0.93 37.71
CA SER D 158 14.34 1.18 38.88
C SER D 158 15.45 2.17 38.58
N GLU D 159 16.08 2.02 37.42
CA GLU D 159 17.16 2.92 37.01
C GLU D 159 16.63 4.33 36.79
N ARG D 160 15.40 4.40 36.29
CA ARG D 160 14.72 5.66 36.09
C ARG D 160 14.40 6.34 37.42
N LEU D 161 13.78 5.57 38.32
CA LEU D 161 13.35 6.07 39.62
C LEU D 161 14.51 6.66 40.40
N ARG D 162 15.63 5.96 40.40
CA ARG D 162 16.83 6.42 41.10
C ARG D 162 17.33 7.76 40.57
N GLU D 163 17.40 7.89 39.25
CA GLU D 163 17.83 9.13 38.61
C GLU D 163 16.87 10.26 38.93
N TRP D 164 15.59 9.91 39.01
CA TRP D 164 14.50 10.86 39.26
C TRP D 164 14.38 11.28 40.73
N TYR D 165 14.28 10.30 41.63
CA TYR D 165 14.07 10.56 43.04
C TYR D 165 15.28 11.23 43.69
N SER D 166 16.46 11.02 43.10
CA SER D 166 17.70 11.58 43.64
C SER D 166 17.81 13.10 43.46
N ILE D 167 16.81 13.71 42.82
CA ILE D 167 16.73 15.17 42.78
C ILE D 167 16.38 15.68 44.18
N HIS D 168 15.59 14.87 44.88
CA HIS D 168 15.12 15.22 46.21
C HIS D 168 16.04 14.66 47.29
N PHE D 169 16.54 13.44 47.07
CA PHE D 169 17.28 12.72 48.09
C PHE D 169 18.38 11.90 47.42
N PRO D 170 19.45 12.59 46.98
CA PRO D 170 20.51 11.97 46.20
C PRO D 170 21.29 10.92 47.00
N GLU D 171 21.46 11.19 48.29
CA GLU D 171 22.28 10.33 49.15
C GLU D 171 21.66 8.96 49.36
N LEU D 172 20.38 8.83 49.06
CA LEU D 172 19.66 7.58 49.27
C LEU D 172 20.03 6.49 48.27
N ASP D 173 20.41 6.92 47.07
CA ASP D 173 20.72 6.00 45.98
C ASP D 173 21.84 4.98 46.29
N LYS D 174 23.00 5.49 46.69
CA LYS D 174 24.16 4.65 46.98
C LYS D 174 24.10 4.01 48.37
N LEU D 175 23.06 4.33 49.14
CA LEU D 175 22.92 3.81 50.50
C LEU D 175 22.08 2.55 50.52
N ILE D 176 21.21 2.41 49.53
CA ILE D 176 20.39 1.22 49.41
C ILE D 176 20.69 0.52 48.09
N GLU D 177 21.31 -0.64 48.22
CA GLU D 177 21.76 -1.43 47.08
C GLU D 177 20.59 -1.99 46.28
N ASP D 178 19.64 -2.62 46.97
CA ASP D 178 18.56 -3.36 46.31
C ASP D 178 17.46 -2.45 45.76
N HIS D 179 17.00 -2.77 44.56
CA HIS D 179 15.95 -1.98 43.92
C HIS D 179 14.60 -2.02 44.61
N GLU D 180 14.17 -3.20 45.03
CA GLU D 180 12.88 -3.29 45.70
C GLU D 180 12.84 -2.47 46.99
N GLU D 181 13.94 -2.50 47.75
CA GLU D 181 14.05 -1.71 48.98
C GLU D 181 13.93 -0.21 48.67
N TYR D 182 14.75 0.26 47.73
CA TYR D 182 14.69 1.64 47.25
C TYR D 182 13.28 2.02 46.88
N ALA D 183 12.65 1.15 46.10
CA ALA D 183 11.27 1.32 45.65
C ALA D 183 10.26 1.49 46.77
N THR D 184 10.37 0.64 47.80
CA THR D 184 9.45 0.69 48.92
C THR D 184 9.56 1.99 49.69
N ILE D 185 10.77 2.50 49.86
CA ILE D 185 10.99 3.74 50.59
C ILE D 185 10.34 4.93 49.87
N VAL D 186 10.61 5.07 48.58
CA VAL D 186 10.01 6.15 47.80
C VAL D 186 8.49 6.06 47.82
N SER D 187 7.97 4.83 47.81
CA SER D 187 6.54 4.58 47.84
C SER D 187 5.87 5.05 49.13
N ARG D 188 6.42 4.63 50.27
CA ARG D 188 5.78 4.83 51.57
C ARG D 188 5.86 6.24 52.11
N PHE D 189 6.99 6.92 51.85
CA PHE D 189 7.23 8.21 52.47
C PHE D 189 7.10 9.42 51.54
N GLY D 190 7.86 9.45 50.46
CA GLY D 190 7.86 10.62 49.60
C GLY D 190 8.96 11.57 50.01
N ASP D 191 8.59 12.67 50.66
CA ASP D 191 9.58 13.63 51.19
C ASP D 191 10.51 12.94 52.17
N ARG D 192 11.78 13.33 52.16
CA ARG D 192 12.78 12.69 53.01
C ARG D 192 12.54 13.01 54.47
N GLY D 193 11.89 14.14 54.72
CA GLY D 193 11.64 14.58 56.08
C GLY D 193 10.42 13.94 56.71
N PHE D 194 9.94 12.86 56.10
CA PHE D 194 8.81 12.11 56.67
C PHE D 194 9.28 10.73 57.15
N LEU D 195 10.57 10.48 57.00
CA LEU D 195 11.17 9.21 57.42
C LEU D 195 11.21 9.10 58.95
N THR D 196 10.74 7.99 59.49
CA THR D 196 10.73 7.80 60.93
C THR D 196 11.24 6.42 61.32
N ILE D 197 11.80 6.34 62.52
CA ILE D 197 12.49 5.14 62.98
C ILE D 197 11.55 3.94 62.96
N ASP D 198 10.30 4.13 63.38
CA ASP D 198 9.39 3.02 63.57
C ASP D 198 8.91 2.41 62.25
N SER D 199 8.59 3.27 61.30
CA SER D 199 8.20 2.84 59.96
C SER D 199 9.33 2.13 59.22
N LEU D 200 10.57 2.53 59.53
CA LEU D 200 11.74 1.95 58.89
C LEU D 200 12.20 0.65 59.57
N LYS D 201 11.99 0.54 60.87
CA LYS D 201 12.25 -0.73 61.57
C LYS D 201 11.32 -1.82 61.06
N GLU D 202 10.20 -1.42 60.48
CA GLU D 202 9.21 -2.37 60.02
C GLU D 202 9.65 -3.17 58.78
N LEU D 203 10.55 -2.60 57.98
CA LEU D 203 11.07 -3.29 56.80
C LEU D 203 12.12 -4.34 57.15
N GLY D 204 12.78 -4.18 58.28
CA GLY D 204 13.76 -5.16 58.70
C GLY D 204 15.14 -4.55 58.83
N PHE D 205 15.20 -3.25 58.58
CA PHE D 205 16.45 -2.51 58.64
C PHE D 205 17.03 -2.55 60.05
N ASN D 206 18.28 -2.97 60.16
CA ASN D 206 18.95 -2.89 61.43
C ASN D 206 19.10 -1.41 61.77
N GLU D 207 19.03 -1.11 63.06
CA GLU D 207 18.94 0.27 63.52
C GLU D 207 20.17 1.07 63.02
N GLN D 208 21.32 0.40 62.88
CA GLN D 208 22.54 1.07 62.43
C GLN D 208 22.36 1.70 61.05
N ARG D 209 21.67 1.00 60.14
CA ARG D 209 21.45 1.54 58.80
C ARG D 209 20.41 2.63 58.78
N ILE D 210 19.37 2.46 59.59
CA ILE D 210 18.29 3.46 59.69
C ILE D 210 18.83 4.83 60.05
N ASN D 211 19.73 4.87 61.02
CA ASN D 211 20.33 6.14 61.43
C ASN D 211 21.16 6.74 60.30
N ARG D 212 21.82 5.87 59.53
CA ARG D 212 22.62 6.32 58.39
C ARG D 212 21.71 6.89 57.31
N ILE D 213 20.57 6.23 57.09
CA ILE D 213 19.56 6.75 56.17
C ILE D 213 19.04 8.10 56.66
N LEU D 214 18.61 8.12 57.92
CA LEU D 214 18.06 9.32 58.52
C LEU D 214 19.08 10.46 58.59
N ASP D 215 20.34 10.13 58.87
CA ASP D 215 21.39 11.16 58.93
C ASP D 215 21.58 11.76 57.55
N ALA D 216 21.56 10.90 56.53
CA ALA D 216 21.71 11.33 55.13
C ALA D 216 20.53 12.20 54.71
N ALA D 217 19.34 11.85 55.21
CA ALA D 217 18.13 12.62 54.91
C ALA D 217 18.16 13.96 55.62
N LYS D 218 18.66 13.96 56.85
CA LYS D 218 18.82 15.20 57.60
C LYS D 218 19.83 16.10 56.91
N LYS D 219 21.00 15.54 56.59
CA LYS D 219 22.07 16.32 55.98
C LYS D 219 22.03 16.37 54.46
N SER D 220 20.91 16.00 53.86
CA SER D 220 20.80 15.92 52.39
C SER D 220 20.96 17.25 51.66
N ILE D 221 21.79 17.23 50.61
CA ILE D 221 21.97 18.39 49.76
C ILE D 221 20.99 18.32 48.61
N GLY D 222 19.84 17.69 48.87
CA GLY D 222 18.82 17.53 47.84
C GLY D 222 17.97 18.78 47.72
N ALA D 223 17.04 18.77 46.79
CA ALA D 223 16.19 19.93 46.53
C ALA D 223 14.86 19.84 47.27
N ASP D 224 14.38 20.96 47.80
CA ASP D 224 13.07 20.98 48.43
C ASP D 224 12.01 21.04 47.33
N ILE D 225 11.05 20.13 47.38
CA ILE D 225 10.20 19.88 46.22
C ILE D 225 8.75 19.64 46.64
N SER D 226 7.82 20.00 45.76
CA SER D 226 6.40 19.99 46.11
C SER D 226 5.84 18.58 46.17
N GLU D 227 4.64 18.46 46.72
CA GLU D 227 3.98 17.17 46.88
C GLU D 227 3.51 16.58 45.56
N ASP D 228 3.25 17.44 44.58
CA ASP D 228 2.94 17.00 43.23
C ASP D 228 4.14 16.31 42.59
N ASP D 229 5.30 16.94 42.71
CA ASP D 229 6.52 16.42 42.13
C ASP D 229 6.84 15.05 42.70
N LEU D 230 6.67 14.89 44.02
CA LEU D 230 7.00 13.64 44.68
C LEU D 230 6.01 12.52 44.31
N SER D 231 4.73 12.86 44.28
CA SER D 231 3.68 11.89 43.99
C SER D 231 3.76 11.39 42.55
N ALA D 232 4.28 12.23 41.67
CA ALA D 232 4.55 11.85 40.29
C ALA D 232 5.54 10.67 40.26
N MET D 233 6.65 10.82 41.00
CA MET D 233 7.65 9.76 41.13
C MET D 233 7.10 8.49 41.75
N ARG D 234 6.25 8.65 42.77
CA ARG D 234 5.72 7.51 43.51
C ARG D 234 4.88 6.55 42.69
N MET D 235 4.39 7.00 41.55
CA MET D 235 3.68 6.09 40.66
C MET D 235 4.60 4.99 40.15
N ILE D 236 5.80 5.36 39.76
CA ILE D 236 6.79 4.41 39.28
C ILE D 236 7.22 3.48 40.40
N ALA D 237 7.46 4.06 41.58
CA ALA D 237 7.90 3.28 42.72
C ALA D 237 6.90 2.19 43.06
N ASN D 238 5.62 2.51 42.98
CA ASN D 238 4.57 1.55 43.28
C ASN D 238 4.47 0.49 42.20
N THR D 239 4.68 0.90 40.96
CA THR D 239 4.63 -0.03 39.83
C THR D 239 5.78 -1.01 39.89
N ILE D 240 6.96 -0.52 40.26
CA ILE D 240 8.11 -1.38 40.44
C ILE D 240 7.80 -2.43 41.49
N LEU D 241 7.18 -2.00 42.58
CA LEU D 241 6.78 -2.89 43.66
C LEU D 241 5.72 -3.89 43.20
N ASP D 242 4.75 -3.41 42.42
CA ASP D 242 3.78 -4.29 41.75
C ASP D 242 4.43 -5.40 40.94
N LEU D 243 5.37 -5.03 40.07
CA LEU D 243 5.99 -5.99 39.16
C LEU D 243 6.78 -7.09 39.88
N TYR D 244 7.48 -6.72 40.95
CA TYR D 244 8.22 -7.69 41.73
C TYR D 244 7.29 -8.76 42.29
N ASN D 245 6.10 -8.34 42.72
CA ASN D 245 5.11 -9.27 43.23
C ASN D 245 4.63 -10.18 42.11
N ILE D 246 4.32 -9.59 40.96
CA ILE D 246 3.82 -10.35 39.81
C ILE D 246 4.87 -11.36 39.34
N ARG D 247 6.13 -10.93 39.37
CA ARG D 247 7.25 -11.79 39.00
C ARG D 247 7.34 -13.01 39.90
N ARG D 248 7.20 -12.79 41.20
CA ARG D 248 7.27 -13.87 42.17
C ARG D 248 6.09 -14.83 41.99
N ASN D 249 4.93 -14.28 41.65
CA ASN D 249 3.77 -15.08 41.31
C ASN D 249 3.97 -15.90 40.04
N LEU D 250 4.57 -15.29 39.03
CA LEU D 250 4.80 -15.98 37.76
C LEU D 250 5.85 -17.09 37.87
N ASN D 251 6.89 -16.84 38.65
CA ASN D 251 7.93 -17.84 38.88
C ASN D 251 7.32 -19.08 39.52
N ASN D 252 6.42 -18.86 40.48
CA ASN D 252 5.71 -19.96 41.13
C ASN D 252 4.80 -20.72 40.19
N TYR D 253 4.11 -20.00 39.31
CA TYR D 253 3.30 -20.62 38.28
C TYR D 253 4.15 -21.42 37.31
N LEU D 254 5.25 -20.81 36.87
CA LEU D 254 6.17 -21.40 35.92
C LEU D 254 6.72 -22.71 36.48
N GLU D 255 7.16 -22.67 37.74
CA GLU D 255 7.61 -23.87 38.45
C GLU D 255 6.56 -24.98 38.38
N GLY D 256 5.29 -24.60 38.55
CA GLY D 256 4.22 -25.56 38.52
C GLY D 256 4.08 -26.25 37.17
N VAL D 257 4.02 -25.46 36.11
CA VAL D 257 3.85 -25.97 34.75
C VAL D 257 5.10 -26.72 34.28
N MET D 258 6.26 -26.23 34.68
CA MET D 258 7.52 -26.81 34.21
C MET D 258 7.80 -28.18 34.79
N LYS D 259 7.45 -28.40 36.06
CA LYS D 259 7.64 -29.70 36.68
C LYS D 259 6.67 -30.66 36.03
N GLU D 260 5.54 -30.11 35.59
CA GLU D 260 4.54 -30.87 34.86
C GLU D 260 5.02 -31.33 33.48
N VAL D 261 5.50 -30.39 32.66
CA VAL D 261 5.78 -30.70 31.26
C VAL D 261 7.19 -31.21 30.95
N ALA D 262 8.15 -30.87 31.80
CA ALA D 262 9.54 -31.28 31.60
C ALA D 262 10.32 -31.35 32.91
N PRO D 263 10.02 -32.37 33.75
CA PRO D 263 10.58 -32.51 35.09
C PRO D 263 12.09 -32.67 35.15
N ASN D 264 12.68 -33.48 34.27
CA ASN D 264 14.11 -33.74 34.31
C ASN D 264 14.94 -32.51 34.03
N VAL D 265 14.51 -31.73 33.03
CA VAL D 265 15.17 -30.48 32.71
C VAL D 265 15.06 -29.54 33.90
N THR D 266 13.87 -29.47 34.49
CA THR D 266 13.64 -28.65 35.68
C THR D 266 14.55 -29.13 36.81
N ALA D 267 14.66 -30.45 36.94
CA ALA D 267 15.56 -31.05 37.93
C ALA D 267 17.00 -30.58 37.77
N LEU D 268 17.40 -30.36 36.52
CA LEU D 268 18.77 -29.99 36.21
C LEU D 268 19.06 -28.50 36.32
N VAL D 269 18.20 -27.66 35.74
CA VAL D 269 18.50 -26.24 35.68
C VAL D 269 17.41 -25.36 36.29
N GLY D 270 16.33 -25.97 36.75
CA GLY D 270 15.24 -25.21 37.34
C GLY D 270 14.25 -24.76 36.31
N PRO D 271 13.08 -24.28 36.76
CA PRO D 271 11.98 -23.88 35.88
C PRO D 271 12.36 -22.73 34.95
N ALA D 272 12.89 -21.65 35.50
CA ALA D 272 13.18 -20.44 34.73
C ALA D 272 14.12 -20.74 33.56
N LEU D 273 15.31 -21.27 33.88
CA LEU D 273 16.30 -21.57 32.85
C LEU D 273 15.82 -22.70 31.94
N GLY D 274 15.06 -23.63 32.50
CA GLY D 274 14.47 -24.70 31.73
C GLY D 274 13.46 -24.17 30.73
N ALA D 275 12.54 -23.33 31.21
CA ALA D 275 11.57 -22.69 30.35
C ALA D 275 12.29 -21.90 29.28
N ARG D 276 13.31 -21.16 29.71
CA ARG D 276 14.10 -20.32 28.85
C ARG D 276 14.66 -21.10 27.65
N LEU D 277 15.13 -22.32 27.90
CA LEU D 277 15.64 -23.18 26.83
C LEU D 277 14.55 -23.70 25.91
N LEU D 278 13.38 -23.97 26.46
CA LEU D 278 12.24 -24.34 25.63
C LEU D 278 11.86 -23.19 24.70
N SER D 279 11.91 -21.97 25.23
CA SER D 279 11.55 -20.80 24.42
C SER D 279 12.51 -20.64 23.25
N ILE D 280 13.78 -20.95 23.50
CA ILE D 280 14.82 -20.81 22.49
C ILE D 280 14.71 -21.91 21.45
N ALA D 281 14.44 -23.13 21.91
CA ALA D 281 14.32 -24.27 21.01
C ALA D 281 13.04 -24.19 20.17
N GLY D 282 11.98 -23.66 20.77
CA GLY D 282 10.69 -23.54 20.11
C GLY D 282 9.63 -24.45 20.73
N SER D 283 10.03 -25.65 21.10
CA SER D 283 9.13 -26.59 21.77
C SER D 283 9.94 -27.58 22.59
N LEU D 284 9.24 -28.44 23.34
CA LEU D 284 9.93 -29.47 24.10
C LEU D 284 10.53 -30.50 23.16
N ASP D 285 9.78 -30.86 22.13
CA ASP D 285 10.22 -31.86 21.16
C ASP D 285 11.40 -31.41 20.30
N GLU D 286 11.55 -30.11 20.11
CA GLU D 286 12.71 -29.59 19.38
C GLU D 286 13.94 -29.58 20.26
N LEU D 287 13.76 -29.27 21.55
CA LEU D 287 14.89 -29.35 22.47
C LEU D 287 15.38 -30.80 22.52
N ALA D 288 14.46 -31.74 22.50
CA ALA D 288 14.80 -33.16 22.57
C ALA D 288 15.67 -33.63 21.40
N LYS D 289 15.37 -33.15 20.20
CA LYS D 289 16.08 -33.58 18.99
C LYS D 289 17.46 -32.94 18.84
N MET D 290 17.81 -32.04 19.74
CA MET D 290 19.05 -31.28 19.62
C MET D 290 20.24 -32.05 20.15
N PRO D 291 21.41 -31.87 19.54
CA PRO D 291 22.67 -32.35 20.10
C PRO D 291 23.10 -31.46 21.26
N ALA D 292 23.93 -31.97 22.16
CA ALA D 292 24.37 -31.20 23.30
C ALA D 292 25.13 -29.98 22.82
N SER D 293 25.80 -30.14 21.69
CA SER D 293 26.61 -29.08 21.12
C SER D 293 25.79 -27.84 20.73
N THR D 294 24.48 -28.03 20.57
CA THR D 294 23.56 -26.93 20.30
C THR D 294 23.00 -26.32 21.57
N ILE D 295 22.50 -27.18 22.46
CA ILE D 295 21.97 -26.76 23.73
C ILE D 295 23.00 -25.90 24.46
N GLN D 296 24.27 -26.22 24.26
CA GLN D 296 25.35 -25.54 24.94
C GLN D 296 25.48 -24.08 24.53
N VAL D 297 25.04 -23.76 23.31
CA VAL D 297 25.26 -22.41 22.78
C VAL D 297 23.97 -21.67 22.48
N LEU D 298 22.83 -22.28 22.80
CA LEU D 298 21.53 -21.60 22.64
C LEU D 298 21.48 -20.26 23.38
N GLY D 299 21.15 -19.21 22.66
CA GLY D 299 21.12 -17.86 23.24
C GLY D 299 22.40 -17.07 22.99
N ALA D 300 23.32 -17.67 22.25
CA ALA D 300 24.59 -17.01 21.90
C ALA D 300 24.79 -16.97 20.39
N GLU D 301 23.69 -16.78 19.67
CA GLU D 301 23.68 -16.84 18.22
C GLU D 301 24.56 -15.78 17.54
N LYS D 302 24.58 -14.57 18.08
CA LYS D 302 25.44 -13.53 17.54
C LYS D 302 26.89 -13.94 17.68
N ALA D 303 27.23 -14.45 18.85
CA ALA D 303 28.59 -14.88 19.17
C ALA D 303 28.94 -16.14 18.37
N LEU D 304 27.95 -17.01 18.21
CA LEU D 304 28.16 -18.31 17.58
C LEU D 304 28.48 -18.16 16.11
N PHE D 305 27.59 -17.54 15.35
CA PHE D 305 27.78 -17.40 13.91
C PHE D 305 28.93 -16.47 13.58
N ARG D 306 29.37 -15.70 14.58
CA ARG D 306 30.55 -14.87 14.41
C ARG D 306 31.73 -15.83 14.24
N ALA D 307 31.75 -16.87 15.08
CA ALA D 307 32.81 -17.87 15.05
C ALA D 307 32.76 -18.78 13.83
N LEU D 308 31.55 -19.10 13.37
CA LEU D 308 31.34 -19.98 12.22
C LEU D 308 31.70 -19.35 10.86
N ARG D 309 31.46 -18.06 10.73
CA ARG D 309 31.74 -17.37 9.47
C ARG D 309 33.23 -17.18 9.30
N SER D 310 33.92 -16.93 10.42
CA SER D 310 35.32 -16.50 10.38
C SER D 310 36.29 -17.55 10.90
N GLY D 311 35.77 -18.61 11.50
CA GLY D 311 36.62 -19.62 12.08
C GLY D 311 37.25 -19.10 13.36
N GLY D 312 36.58 -18.17 14.01
CA GLY D 312 37.06 -17.63 15.26
C GLY D 312 36.64 -18.46 16.45
N ARG D 313 36.76 -17.88 17.64
CA ARG D 313 36.47 -18.57 18.87
C ARG D 313 34.97 -18.65 19.09
N PRO D 314 34.44 -19.86 19.37
CA PRO D 314 33.02 -20.07 19.64
C PRO D 314 32.65 -19.73 21.08
N PRO D 315 31.36 -19.50 21.36
CA PRO D 315 30.92 -19.28 22.74
C PRO D 315 31.01 -20.56 23.56
N LYS D 316 31.37 -20.45 24.84
CA LYS D 316 31.44 -21.62 25.69
C LYS D 316 30.03 -22.00 26.11
N HIS D 317 29.16 -21.00 26.17
CA HIS D 317 27.86 -21.16 26.79
C HIS D 317 26.87 -20.13 26.24
N GLY D 318 25.60 -20.50 26.17
CA GLY D 318 24.60 -19.55 25.71
C GLY D 318 23.80 -18.98 26.87
N ILE D 319 22.53 -19.34 26.93
CA ILE D 319 21.69 -18.96 28.05
C ILE D 319 22.06 -19.84 29.24
N ILE D 320 22.81 -20.90 28.95
CA ILE D 320 23.29 -21.83 29.96
C ILE D 320 24.16 -21.12 30.99
N PHE D 321 24.72 -19.97 30.61
CA PHE D 321 25.55 -19.16 31.52
C PHE D 321 24.91 -18.89 32.87
N GLN D 322 23.58 -18.88 32.91
CA GLN D 322 22.85 -18.55 34.13
C GLN D 322 22.97 -19.62 35.21
N TYR D 323 23.35 -20.83 34.81
CA TYR D 323 23.56 -21.93 35.73
C TYR D 323 24.63 -21.56 36.77
N PRO D 324 24.26 -21.60 38.06
CA PRO D 324 25.09 -21.23 39.21
C PRO D 324 26.54 -21.71 39.10
N ALA D 325 26.72 -22.98 38.78
CA ALA D 325 28.05 -23.57 38.67
C ALA D 325 28.94 -22.82 37.68
N ILE D 326 28.34 -22.20 36.67
CA ILE D 326 29.12 -21.59 35.61
C ILE D 326 29.62 -20.18 35.91
N HIS D 327 28.72 -19.24 36.14
CA HIS D 327 29.14 -17.85 36.25
C HIS D 327 29.82 -17.53 37.58
N THR D 328 29.66 -18.41 38.57
CA THR D 328 30.36 -18.26 39.83
C THR D 328 31.77 -18.85 39.76
N SER D 329 31.93 -19.89 38.94
CA SER D 329 33.22 -20.53 38.76
C SER D 329 34.18 -19.66 37.97
N PRO D 330 35.48 -19.81 38.23
CA PRO D 330 36.54 -19.15 37.45
C PRO D 330 36.44 -19.44 35.96
N ARG D 331 37.09 -18.59 35.17
CA ARG D 331 36.95 -18.58 33.71
C ARG D 331 37.35 -19.87 32.99
N TRP D 332 38.36 -20.57 33.49
CA TRP D 332 38.89 -21.74 32.80
C TRP D 332 38.05 -23.00 33.02
N GLN D 333 37.24 -23.00 34.07
CA GLN D 333 36.38 -24.14 34.37
C GLN D 333 35.06 -24.08 33.61
N ARG D 334 34.65 -22.88 33.22
CA ARG D 334 33.33 -22.65 32.64
C ARG D 334 33.06 -23.51 31.41
N GLY D 335 34.03 -23.56 30.51
CA GLY D 335 33.91 -24.35 29.29
C GLY D 335 33.51 -25.80 29.55
N LYS D 336 34.20 -26.43 30.49
CA LYS D 336 33.97 -27.84 30.81
C LYS D 336 32.65 -28.07 31.53
N ILE D 337 32.26 -27.15 32.40
CA ILE D 337 31.00 -27.26 33.11
C ILE D 337 29.84 -27.17 32.14
N ALA D 338 29.93 -26.22 31.21
CA ALA D 338 28.90 -26.02 30.19
C ALA D 338 28.80 -27.25 29.28
N ARG D 339 29.94 -27.74 28.80
CA ARG D 339 29.99 -28.96 28.00
C ARG D 339 29.39 -30.16 28.72
N ALA D 340 29.59 -30.23 30.03
CA ALA D 340 29.07 -31.33 30.82
C ALA D 340 27.56 -31.18 31.04
N LEU D 341 27.13 -29.96 31.31
CA LEU D 341 25.72 -29.66 31.57
C LEU D 341 24.87 -29.99 30.36
N ALA D 342 25.27 -29.41 29.23
CA ALA D 342 24.59 -29.58 27.94
C ALA D 342 24.37 -31.04 27.59
N ALA D 343 25.36 -31.87 27.88
CA ALA D 343 25.26 -33.30 27.66
C ALA D 343 24.10 -33.90 28.44
N LYS D 344 24.03 -33.58 29.73
CA LYS D 344 22.97 -34.09 30.59
C LYS D 344 21.63 -33.46 30.25
N LEU D 345 21.63 -32.17 29.90
CA LEU D 345 20.39 -31.50 29.53
C LEU D 345 19.76 -32.20 28.33
N ALA D 346 20.60 -32.55 27.36
CA ALA D 346 20.12 -33.20 26.15
C ALA D 346 19.46 -34.52 26.47
N ILE D 347 20.07 -35.30 27.37
CA ILE D 347 19.47 -36.55 27.83
C ILE D 347 18.18 -36.25 28.58
N ALA D 348 18.23 -35.24 29.45
CA ALA D 348 17.06 -34.83 30.22
C ALA D 348 15.90 -34.45 29.32
N ALA D 349 16.18 -33.69 28.25
CA ALA D 349 15.16 -33.25 27.32
C ALA D 349 14.49 -34.44 26.65
N ARG D 350 15.31 -35.42 26.29
CA ARG D 350 14.84 -36.60 25.57
C ARG D 350 14.02 -37.53 26.46
N VAL D 351 14.47 -37.78 27.68
CA VAL D 351 13.69 -38.63 28.56
C VAL D 351 12.38 -37.90 28.92
N ASP D 352 12.45 -36.57 29.01
CA ASP D 352 11.25 -35.77 29.30
C ASP D 352 10.24 -35.81 28.16
N ALA D 353 10.71 -35.61 26.94
CA ALA D 353 9.84 -35.45 25.77
C ALA D 353 9.21 -36.78 25.36
N PHE D 354 10.01 -37.84 25.37
CA PHE D 354 9.55 -39.17 25.00
C PHE D 354 8.96 -39.87 26.22
N SER D 355 8.48 -39.05 27.15
CA SER D 355 7.50 -39.42 28.18
C SER D 355 8.06 -40.21 29.37
N GLY D 356 9.36 -40.22 29.51
CA GLY D 356 9.97 -40.84 30.67
C GLY D 356 9.54 -40.21 31.99
N ARG D 357 9.47 -41.04 33.02
CA ARG D 357 9.24 -40.59 34.38
C ARG D 357 10.54 -39.96 34.92
N PHE D 358 10.43 -39.19 35.99
CA PHE D 358 11.55 -38.46 36.59
C PHE D 358 12.77 -39.34 36.88
N ILE D 359 13.94 -38.87 36.45
CA ILE D 359 15.20 -39.55 36.74
C ILE D 359 16.26 -38.51 37.06
N GLY D 360 15.80 -37.30 37.37
CA GLY D 360 16.67 -36.16 37.58
C GLY D 360 17.66 -36.32 38.72
N ASP D 361 17.33 -37.14 39.71
CA ASP D 361 18.21 -37.29 40.85
C ASP D 361 19.58 -37.86 40.45
N GLN D 362 19.60 -38.93 39.67
CA GLN D 362 20.86 -39.49 39.21
C GLN D 362 21.55 -38.58 38.19
N LEU D 363 20.75 -37.88 37.40
CA LEU D 363 21.31 -36.92 36.45
C LEU D 363 22.05 -35.80 37.17
N ASN D 364 21.42 -35.24 38.20
CA ASN D 364 22.08 -34.22 39.01
C ASN D 364 23.32 -34.76 39.71
N GLU D 365 23.21 -35.98 40.23
CA GLU D 365 24.32 -36.63 40.92
C GLU D 365 25.51 -36.86 39.99
N GLN D 366 25.24 -37.38 38.80
CA GLN D 366 26.25 -37.54 37.78
C GLN D 366 26.92 -36.23 37.43
N LEU D 367 26.12 -35.17 37.31
CA LEU D 367 26.61 -33.86 36.94
C LEU D 367 27.54 -33.28 37.99
N LYS D 368 27.08 -33.29 39.24
CA LYS D 368 27.86 -32.75 40.35
C LYS D 368 29.13 -33.56 40.60
N LYS D 369 29.09 -34.84 40.24
CA LYS D 369 30.30 -35.66 40.27
C LYS D 369 31.30 -35.09 39.29
N ARG D 370 30.85 -34.95 38.05
CA ARG D 370 31.66 -34.41 36.97
C ARG D 370 32.17 -33.00 37.27
N ILE D 371 31.32 -32.20 37.91
CA ILE D 371 31.69 -30.84 38.27
C ILE D 371 32.77 -30.83 39.35
N ASP D 372 32.59 -31.67 40.37
CA ASP D 372 33.55 -31.73 41.49
C ASP D 372 34.94 -32.10 41.00
N GLU D 373 35.02 -32.94 39.98
CA GLU D 373 36.30 -33.36 39.42
C GLU D 373 36.99 -32.17 38.76
N ILE D 374 36.22 -31.41 38.00
CA ILE D 374 36.73 -30.24 37.32
C ILE D 374 37.36 -29.25 38.29
N LYS D 375 36.69 -29.01 39.42
CA LYS D 375 37.16 -28.00 40.37
C LYS D 375 38.42 -28.41 41.16
N GLU D 376 38.72 -29.70 41.19
CA GLU D 376 39.93 -30.16 41.87
C GLU D 376 41.11 -30.27 40.91
N LYS D 377 41.55 -29.13 40.39
CA LYS D 377 42.72 -29.03 39.54
C LYS D 377 43.28 -27.60 39.51
N ALA E 7 12.70 -53.28 23.48
CA ALA E 7 12.89 -51.83 23.47
C ALA E 7 11.83 -51.16 22.62
N SER E 8 11.58 -49.87 22.89
CA SER E 8 10.46 -49.18 22.28
C SER E 8 10.85 -48.20 21.18
N TYR E 9 12.11 -47.77 21.17
CA TYR E 9 12.56 -46.89 20.12
C TYR E 9 13.00 -47.69 18.92
N VAL E 10 13.02 -49.01 19.10
CA VAL E 10 13.38 -49.93 18.03
C VAL E 10 12.16 -50.22 17.16
N LYS E 11 12.14 -49.65 15.96
CA LYS E 11 10.97 -49.68 15.11
C LYS E 11 10.74 -51.02 14.42
N PHE E 12 11.82 -51.66 13.94
CA PHE E 12 11.69 -52.95 13.27
C PHE E 12 12.67 -53.98 13.82
N GLU E 13 12.58 -55.21 13.32
CA GLU E 13 13.34 -56.33 13.88
C GLU E 13 14.56 -56.69 13.03
N VAL E 14 15.75 -56.62 13.62
CA VAL E 14 16.98 -56.93 12.88
C VAL E 14 17.60 -58.28 13.25
N PRO E 15 17.68 -59.19 12.27
CA PRO E 15 18.32 -60.51 12.39
C PRO E 15 19.83 -60.41 12.55
N GLN E 16 20.42 -61.36 13.29
CA GLN E 16 21.85 -61.28 13.61
C GLN E 16 22.74 -61.37 12.38
N ASP E 17 22.25 -61.99 11.32
CA ASP E 17 22.99 -62.02 10.05
C ASP E 17 23.09 -60.64 9.44
N LEU E 18 21.99 -59.90 9.47
CA LEU E 18 21.99 -58.52 9.01
C LEU E 18 22.82 -57.69 9.97
N ALA E 19 22.56 -57.84 11.25
CA ALA E 19 23.27 -57.11 12.30
C ALA E 19 24.78 -57.24 12.19
N ASP E 20 25.26 -58.40 11.75
CA ASP E 20 26.69 -58.62 11.61
C ASP E 20 27.24 -57.90 10.39
N LYS E 21 26.47 -57.88 9.31
CA LYS E 21 26.90 -57.17 8.11
C LYS E 21 26.98 -55.68 8.39
N VAL E 22 26.21 -55.21 9.37
CA VAL E 22 26.30 -53.83 9.79
C VAL E 22 27.64 -53.56 10.47
N LEU E 23 27.90 -54.26 11.58
CA LEU E 23 29.14 -54.06 12.34
C LEU E 23 30.38 -54.15 11.47
N GLU E 24 30.38 -55.08 10.51
CA GLU E 24 31.47 -55.17 9.56
C GLU E 24 31.52 -53.93 8.68
N ALA E 25 30.35 -53.53 8.17
CA ALA E 25 30.24 -52.35 7.31
C ALA E 25 30.74 -51.10 7.99
N VAL E 26 30.50 -50.99 9.28
CA VAL E 26 31.00 -49.85 10.03
C VAL E 26 32.53 -49.94 10.02
N ARG E 27 33.07 -51.11 10.34
CA ARG E 27 34.52 -51.28 10.46
C ARG E 27 35.31 -50.89 9.22
N LYS E 28 34.83 -51.32 8.06
CA LYS E 28 35.50 -50.98 6.80
C LYS E 28 35.41 -49.49 6.52
N ALA E 29 34.36 -48.86 7.02
CA ALA E 29 34.15 -47.44 6.81
C ALA E 29 35.07 -46.60 7.70
N LYS E 30 35.55 -47.15 8.81
CA LYS E 30 36.58 -46.47 9.60
C LYS E 30 37.87 -46.38 8.82
N GLU E 31 38.21 -47.49 8.19
CA GLU E 31 39.45 -47.64 7.45
C GLU E 31 39.44 -46.88 6.13
N SER E 32 38.38 -47.07 5.35
CA SER E 32 38.34 -46.54 3.98
C SER E 32 37.46 -45.31 3.78
N GLY E 33 36.54 -45.06 4.70
CA GLY E 33 35.62 -43.94 4.55
C GLY E 33 35.63 -42.99 5.74
N LYS E 34 34.47 -42.39 6.01
CA LYS E 34 34.32 -41.48 7.13
C LYS E 34 33.09 -41.85 7.94
N ILE E 35 33.28 -42.07 9.24
CA ILE E 35 32.17 -42.31 10.14
C ILE E 35 32.12 -41.30 11.29
N LYS E 36 31.00 -41.30 12.00
CA LYS E 36 30.86 -40.51 13.21
C LYS E 36 30.43 -41.45 14.34
N LYS E 37 31.03 -41.26 15.52
CA LYS E 37 30.76 -42.16 16.63
C LYS E 37 30.25 -41.37 17.83
N GLY E 38 29.15 -41.82 18.41
CA GLY E 38 28.50 -41.10 19.49
C GLY E 38 27.16 -40.56 19.05
N THR E 39 26.26 -40.41 20.02
CA THR E 39 24.89 -40.01 19.72
C THR E 39 24.80 -38.56 19.29
N ASN E 40 25.60 -37.70 19.92
CA ASN E 40 25.55 -36.29 19.59
C ASN E 40 26.08 -36.02 18.17
N GLU E 41 27.15 -36.69 17.78
CA GLU E 41 27.73 -36.52 16.45
C GLU E 41 26.82 -37.14 15.39
N THR E 42 26.13 -38.21 15.77
CA THR E 42 25.18 -38.87 14.88
C THR E 42 23.99 -37.95 14.63
N THR E 43 23.52 -37.33 15.69
CA THR E 43 22.43 -36.36 15.60
C THR E 43 22.82 -35.21 14.67
N LYS E 44 24.03 -34.68 14.86
CA LYS E 44 24.53 -33.61 14.02
C LYS E 44 24.68 -34.09 12.57
N ALA E 45 25.01 -35.36 12.41
CA ALA E 45 25.22 -35.90 11.08
C ALA E 45 23.91 -36.00 10.29
N VAL E 46 22.82 -36.26 11.01
CA VAL E 46 21.52 -36.40 10.38
C VAL E 46 20.89 -35.04 10.10
N GLU E 47 20.94 -34.14 11.08
CA GLU E 47 20.48 -32.77 10.92
C GLU E 47 21.14 -32.12 9.69
N ARG E 48 22.42 -32.42 9.48
CA ARG E 48 23.20 -31.83 8.38
C ARG E 48 23.01 -32.62 7.10
N GLY E 49 22.39 -33.79 7.21
CA GLY E 49 22.14 -34.65 6.06
C GLY E 49 23.38 -35.25 5.42
N GLN E 50 24.42 -35.48 6.22
CA GLN E 50 25.66 -36.07 5.71
C GLN E 50 25.61 -37.60 5.73
N ALA E 51 24.86 -38.15 6.67
CA ALA E 51 24.86 -39.60 6.91
C ALA E 51 24.13 -40.39 5.83
N LYS E 52 24.72 -41.54 5.47
CA LYS E 52 24.09 -42.45 4.52
C LYS E 52 23.41 -43.60 5.23
N LEU E 53 23.94 -43.97 6.40
CA LEU E 53 23.37 -45.06 7.18
C LEU E 53 23.53 -44.85 8.67
N VAL E 54 22.43 -44.98 9.42
CA VAL E 54 22.46 -44.78 10.87
C VAL E 54 22.31 -46.10 11.60
N ILE E 55 23.22 -46.36 12.53
CA ILE E 55 23.20 -47.59 13.32
C ILE E 55 22.91 -47.34 14.79
N ILE E 56 21.89 -48.01 15.32
CA ILE E 56 21.49 -47.77 16.70
C ILE E 56 21.56 -49.04 17.55
N ALA E 57 22.08 -48.91 18.77
CA ALA E 57 22.21 -50.05 19.67
C ALA E 57 20.87 -50.30 20.37
N GLU E 58 20.63 -51.55 20.78
CA GLU E 58 19.36 -51.93 21.37
C GLU E 58 19.35 -51.95 22.90
N ASP E 59 20.51 -51.70 23.51
CA ASP E 59 20.61 -51.77 24.96
C ASP E 59 21.02 -50.45 25.58
N VAL E 60 20.46 -49.34 25.10
CA VAL E 60 20.80 -48.06 25.69
C VAL E 60 19.97 -47.80 26.96
N GLN E 61 20.61 -47.22 27.98
CA GLN E 61 19.96 -46.90 29.24
C GLN E 61 20.38 -45.53 29.76
N PRO E 62 19.42 -44.58 29.82
CA PRO E 62 18.05 -44.94 29.42
C PRO E 62 17.80 -44.85 27.92
N GLU E 63 16.87 -45.66 27.44
CA GLU E 63 16.52 -45.75 26.02
C GLU E 63 16.25 -44.42 25.31
N GLU E 64 15.56 -43.50 25.98
CA GLU E 64 15.10 -42.27 25.33
C GLU E 64 16.25 -41.44 24.76
N ILE E 65 17.47 -41.77 25.15
CA ILE E 65 18.67 -41.07 24.70
C ILE E 65 18.76 -41.06 23.18
N VAL E 66 18.37 -42.17 22.58
CA VAL E 66 18.49 -42.37 21.14
C VAL E 66 17.14 -42.52 20.45
N ALA E 67 16.06 -42.32 21.21
CA ALA E 67 14.72 -42.48 20.66
C ALA E 67 14.44 -41.50 19.55
N HIS E 68 15.18 -40.40 19.54
CA HIS E 68 14.95 -39.33 18.58
C HIS E 68 15.50 -39.59 17.19
N LEU E 69 16.45 -40.50 17.07
CA LEU E 69 17.08 -40.80 15.78
C LEU E 69 16.11 -41.37 14.72
N PRO E 70 15.20 -42.29 15.10
CA PRO E 70 14.17 -42.68 14.13
C PRO E 70 13.37 -41.48 13.61
N LEU E 71 12.98 -40.59 14.51
CA LEU E 71 12.27 -39.36 14.15
C LEU E 71 13.09 -38.48 13.21
N LEU E 72 14.34 -38.24 13.58
CA LEU E 72 15.22 -37.37 12.81
C LEU E 72 15.51 -37.98 11.44
N CYS E 73 15.70 -39.29 11.40
CA CYS E 73 16.07 -39.96 10.17
C CYS E 73 14.95 -39.95 9.12
N ASP E 74 13.70 -39.90 9.56
CA ASP E 74 12.56 -39.88 8.65
C ASP E 74 12.30 -38.49 8.09
N GLU E 75 12.61 -37.47 8.88
CA GLU E 75 12.50 -36.10 8.40
C GLU E 75 13.46 -35.86 7.24
N LYS E 76 14.71 -36.25 7.42
CA LYS E 76 15.74 -36.02 6.42
C LYS E 76 15.89 -37.23 5.52
N LYS E 77 15.03 -38.22 5.74
CA LYS E 77 14.95 -39.44 4.93
C LYS E 77 16.26 -40.23 4.81
N ILE E 78 16.96 -40.35 5.94
CA ILE E 78 18.15 -41.20 6.03
C ILE E 78 17.80 -42.53 6.67
N PRO E 79 18.16 -43.64 6.02
CA PRO E 79 17.85 -45.00 6.52
C PRO E 79 18.60 -45.36 7.81
N TYR E 80 17.93 -46.07 8.72
CA TYR E 80 18.55 -46.47 9.99
C TYR E 80 18.42 -47.96 10.28
N VAL E 81 19.37 -48.49 11.06
CA VAL E 81 19.47 -49.92 11.34
C VAL E 81 19.84 -50.15 12.81
N TYR E 82 19.45 -51.29 13.35
CA TYR E 82 19.76 -51.62 14.74
C TYR E 82 20.81 -52.74 14.88
N VAL E 83 21.60 -52.66 15.94
CA VAL E 83 22.49 -53.75 16.38
C VAL E 83 22.17 -54.08 17.83
N SER E 84 22.64 -55.23 18.29
CA SER E 84 22.25 -55.74 19.61
C SER E 84 23.02 -55.17 20.81
N SER E 85 24.33 -54.99 20.67
CA SER E 85 25.14 -54.51 21.79
C SER E 85 25.79 -53.15 21.52
N LYS E 86 25.71 -52.26 22.51
CA LYS E 86 26.33 -50.95 22.38
C LYS E 86 27.85 -51.03 22.57
N LYS E 87 28.30 -51.95 23.42
CA LYS E 87 29.73 -52.22 23.58
C LYS E 87 30.30 -52.74 22.27
N ALA E 88 29.52 -53.57 21.59
CA ALA E 88 29.95 -54.17 20.34
C ALA E 88 30.07 -53.13 19.22
N LEU E 89 29.12 -52.19 19.20
CA LEU E 89 29.10 -51.15 18.18
C LEU E 89 30.27 -50.18 18.37
N GLY E 90 30.56 -49.86 19.63
CA GLY E 90 31.69 -49.02 19.98
C GLY E 90 33.06 -49.65 19.75
N GLU E 91 33.19 -50.92 20.11
CA GLU E 91 34.45 -51.62 19.96
C GLU E 91 34.71 -51.96 18.50
N ALA E 92 33.65 -51.93 17.70
CA ALA E 92 33.82 -51.92 16.26
C ALA E 92 34.42 -50.58 15.84
N CYS E 93 33.82 -49.51 16.35
CA CYS E 93 34.15 -48.13 15.94
C CYS E 93 35.59 -47.67 16.21
N GLY E 94 36.39 -48.50 16.86
CA GLY E 94 37.76 -48.15 17.16
C GLY E 94 37.86 -47.49 18.51
N LEU E 95 36.84 -47.73 19.32
CA LEU E 95 36.84 -47.25 20.69
C LEU E 95 36.96 -48.45 21.62
N GLN E 96 37.46 -48.22 22.82
CA GLN E 96 37.49 -49.27 23.82
C GLN E 96 36.36 -49.06 24.82
N VAL E 97 35.49 -48.09 24.50
CA VAL E 97 34.29 -47.85 25.29
C VAL E 97 33.08 -48.09 24.38
N ALA E 98 31.90 -48.20 24.98
CA ALA E 98 30.67 -48.42 24.23
C ALA E 98 30.26 -47.22 23.38
N THR E 99 29.29 -47.43 22.49
CA THR E 99 28.64 -46.32 21.82
C THR E 99 27.18 -46.67 21.58
N ALA E 100 26.31 -45.68 21.74
CA ALA E 100 24.87 -45.91 21.65
C ALA E 100 24.40 -45.88 20.21
N SER E 101 25.06 -45.06 19.41
CA SER E 101 24.71 -44.93 18.01
C SER E 101 25.86 -44.37 17.21
N ALA E 102 25.90 -44.71 15.93
CA ALA E 102 26.96 -44.25 15.06
C ALA E 102 26.39 -43.99 13.68
N ALA E 103 27.19 -43.37 12.82
CA ALA E 103 26.74 -43.09 11.46
C ALA E 103 27.87 -43.19 10.45
N ILE E 104 27.56 -43.73 9.28
CA ILE E 104 28.51 -43.73 8.17
C ILE E 104 28.21 -42.58 7.22
N LEU E 105 29.15 -41.66 7.09
CA LEU E 105 28.95 -40.50 6.23
C LEU E 105 29.46 -40.84 4.84
N GLU E 106 30.60 -41.52 4.79
CA GLU E 106 31.18 -41.96 3.53
C GLU E 106 31.59 -43.43 3.64
N PRO E 107 31.00 -44.29 2.81
CA PRO E 107 31.14 -45.75 2.88
C PRO E 107 32.53 -46.26 2.52
N GLY E 108 33.11 -45.70 1.46
CA GLY E 108 34.41 -46.14 0.97
C GLY E 108 34.40 -47.57 0.47
N GLU E 109 35.26 -48.40 1.04
CA GLU E 109 35.34 -49.82 0.68
C GLU E 109 34.27 -50.63 1.41
N ALA E 110 33.07 -50.06 1.48
CA ALA E 110 31.94 -50.75 2.07
C ALA E 110 30.66 -50.37 1.34
N LYS E 111 30.79 -49.61 0.26
CA LYS E 111 29.64 -49.17 -0.53
C LYS E 111 28.70 -50.32 -0.91
N ASP E 112 29.27 -51.39 -1.46
CA ASP E 112 28.48 -52.55 -1.84
C ASP E 112 27.84 -53.20 -0.62
N LEU E 113 28.61 -53.27 0.46
CA LEU E 113 28.13 -53.86 1.71
C LEU E 113 26.99 -53.02 2.28
N VAL E 114 27.14 -51.70 2.24
CA VAL E 114 26.12 -50.80 2.77
C VAL E 114 24.86 -50.87 1.91
N ASP E 115 25.02 -50.84 0.60
CA ASP E 115 23.90 -50.87 -0.32
C ASP E 115 23.01 -52.09 -0.12
N GLU E 116 23.61 -53.20 0.32
CA GLU E 116 22.81 -54.38 0.61
C GLU E 116 22.04 -54.22 1.91
N ILE E 117 22.67 -53.60 2.90
CA ILE E 117 22.01 -53.39 4.18
C ILE E 117 20.83 -52.43 4.04
N ILE E 118 21.06 -51.29 3.40
CA ILE E 118 20.03 -50.27 3.26
C ILE E 118 18.89 -50.75 2.37
N LYS E 119 19.10 -51.86 1.67
CA LYS E 119 18.07 -52.39 0.80
C LYS E 119 17.38 -53.61 1.41
N ARG E 120 18.09 -54.32 2.27
CA ARG E 120 17.47 -55.41 3.01
C ARG E 120 16.55 -54.88 4.11
N VAL E 121 16.96 -53.79 4.76
CA VAL E 121 16.14 -53.19 5.81
C VAL E 121 14.93 -52.52 5.20
N ASN E 122 14.97 -52.30 3.89
CA ASN E 122 13.81 -51.85 3.14
C ASN E 122 12.76 -52.94 3.04
N GLU E 123 13.21 -54.17 2.80
CA GLU E 123 12.32 -55.31 2.59
C GLU E 123 11.55 -55.66 3.86
N ILE E 124 12.26 -55.67 4.99
CA ILE E 124 11.65 -55.95 6.28
C ILE E 124 10.81 -54.75 6.73
N LYS E 125 10.91 -53.67 5.98
CA LYS E 125 10.16 -52.45 6.23
C LYS E 125 8.91 -52.48 5.34
N GLY E 126 8.80 -53.53 4.54
CA GLY E 126 7.68 -53.72 3.63
C GLY E 126 7.64 -52.74 2.47
N LYS E 127 8.81 -52.46 1.87
CA LYS E 127 8.89 -51.47 0.79
C LYS E 127 9.06 -52.12 -0.57
N THR E 128 8.22 -51.69 -1.53
CA THR E 128 8.30 -52.18 -2.90
C THR E 128 8.89 -51.11 -3.83
N ILE F 5 -4.26 8.12 -13.52
CA ILE F 5 -4.18 6.67 -13.38
C ILE F 5 -4.55 5.97 -14.69
N THR F 6 -3.90 4.83 -14.94
CA THR F 6 -4.24 3.97 -16.07
C THR F 6 -3.77 2.55 -15.79
N VAL F 7 -4.61 1.57 -16.13
CA VAL F 7 -4.26 0.16 -15.95
C VAL F 7 -4.39 -0.56 -17.28
N LYS F 8 -3.42 -1.44 -17.58
CA LYS F 8 -3.46 -2.23 -18.81
C LYS F 8 -2.80 -3.60 -18.62
N GLN F 9 -3.27 -4.57 -19.39
CA GLN F 9 -2.76 -5.94 -19.35
C GLN F 9 -1.26 -5.99 -19.63
N THR F 10 -0.62 -7.06 -19.15
CA THR F 10 0.78 -7.31 -19.42
C THR F 10 0.95 -8.56 -20.26
N ASN F 11 2.20 -8.91 -20.53
CA ASN F 11 2.53 -10.10 -21.31
C ASN F 11 1.96 -11.39 -20.71
N MET F 12 1.66 -11.35 -19.42
CA MET F 12 1.19 -12.51 -18.70
C MET F 12 -0.28 -12.39 -18.28
N GLU F 13 -0.99 -13.51 -18.33
CA GLU F 13 -2.40 -13.58 -17.94
C GLU F 13 -2.70 -13.06 -16.53
N ASN F 14 -3.82 -12.33 -16.42
CA ASN F 14 -4.28 -11.75 -15.16
C ASN F 14 -3.21 -11.01 -14.35
N ILE F 15 -2.28 -10.37 -15.04
CA ILE F 15 -1.26 -9.54 -14.41
C ILE F 15 -1.18 -8.18 -15.10
N TYR F 16 -1.29 -7.11 -14.33
CA TYR F 16 -1.44 -5.77 -14.90
C TYR F 16 -0.43 -4.76 -14.33
N GLU F 17 -0.22 -3.66 -15.06
CA GLU F 17 0.62 -2.57 -14.57
C GLU F 17 -0.21 -1.30 -14.41
N CYS F 18 0.19 -0.44 -13.48
CA CYS F 18 -0.49 0.83 -13.25
C CYS F 18 0.34 2.07 -13.55
N GLU F 19 -0.18 2.93 -14.41
CA GLU F 19 0.26 4.31 -14.51
C GLU F 19 -0.40 5.06 -13.36
N PHE F 20 0.35 5.86 -12.61
CA PHE F 20 -0.21 6.49 -11.42
C PHE F 20 -0.29 8.00 -11.49
N ASN F 21 -0.99 8.58 -10.52
CA ASN F 21 -1.14 10.03 -10.37
C ASN F 21 0.17 10.81 -10.58
N ASP F 22 1.28 10.19 -10.23
CA ASP F 22 2.59 10.83 -10.29
C ASP F 22 3.40 10.36 -11.50
N GLY F 23 3.16 9.11 -11.90
CA GLY F 23 3.89 8.51 -13.00
C GLY F 23 4.78 7.36 -12.57
N SER F 24 4.32 6.60 -11.57
CA SER F 24 5.03 5.39 -11.13
C SER F 24 4.39 4.13 -11.69
N PHE F 25 5.14 3.04 -11.72
CA PHE F 25 4.66 1.77 -12.27
C PHE F 25 4.72 0.62 -11.27
N ARG F 26 3.56 0.13 -10.83
CA ARG F 26 3.52 -0.99 -9.91
C ARG F 26 2.65 -2.14 -10.42
N LEU F 27 3.10 -3.38 -10.22
CA LEU F 27 2.35 -4.57 -10.62
C LEU F 27 1.06 -4.76 -9.83
N CYS F 28 0.07 -5.41 -10.45
CA CYS F 28 -1.18 -5.72 -9.77
C CYS F 28 -1.93 -6.92 -10.39
N THR F 29 -2.85 -7.50 -9.61
CA THR F 29 -3.68 -8.62 -10.08
C THR F 29 -5.16 -8.32 -9.81
N ARG F 30 -6.03 -9.00 -10.54
CA ARG F 30 -7.46 -8.77 -10.49
C ARG F 30 -8.12 -9.33 -9.22
N ASN F 31 -8.80 -8.45 -8.48
CA ASN F 31 -9.29 -8.78 -7.15
C ASN F 31 -10.38 -9.85 -7.20
N LEU F 32 -10.04 -11.03 -6.71
CA LEU F 32 -10.98 -12.14 -6.66
C LEU F 32 -12.07 -11.91 -5.61
N VAL F 33 -11.71 -11.19 -4.55
CA VAL F 33 -12.64 -10.84 -3.48
C VAL F 33 -12.66 -9.34 -3.29
N PRO F 34 -13.38 -8.64 -4.18
CA PRO F 34 -13.38 -7.17 -4.21
C PRO F 34 -13.71 -6.55 -2.87
N ASN F 35 -13.12 -5.39 -2.60
CA ASN F 35 -13.25 -4.66 -1.33
C ASN F 35 -12.50 -5.32 -0.18
N PHE F 36 -11.70 -6.36 -0.47
CA PHE F 36 -10.96 -7.07 0.58
C PHE F 36 -9.49 -7.33 0.26
N ASN F 37 -8.63 -6.90 1.18
CA ASN F 37 -7.18 -7.01 1.02
C ASN F 37 -6.58 -7.89 2.10
N VAL F 38 -5.66 -8.76 1.72
CA VAL F 38 -5.08 -9.72 2.67
C VAL F 38 -3.96 -9.07 3.50
N TYR F 39 -3.13 -8.22 2.90
CA TYR F 39 -2.26 -7.36 3.71
C TYR F 39 -2.66 -5.89 3.56
N GLY F 40 -1.68 -4.99 3.53
CA GLY F 40 -1.97 -3.57 3.47
C GLY F 40 -2.06 -2.98 2.07
N GLU F 41 -2.07 -3.86 1.06
CA GLU F 41 -1.94 -3.43 -0.33
C GLU F 41 -3.06 -2.50 -0.77
N ARG F 42 -2.73 -1.62 -1.70
CA ARG F 42 -3.71 -0.72 -2.27
C ARG F 42 -4.77 -1.48 -3.05
N LEU F 43 -6.03 -1.09 -2.86
CA LEU F 43 -7.10 -1.54 -3.74
C LEU F 43 -7.38 -0.45 -4.74
N ILE F 44 -7.42 -0.80 -6.01
CA ILE F 44 -7.57 0.20 -7.06
C ILE F 44 -8.67 -0.15 -8.06
N LYS F 45 -9.60 0.77 -8.26
CA LYS F 45 -10.63 0.64 -9.29
C LYS F 45 -10.21 1.36 -10.55
N TYR F 46 -10.39 0.70 -11.69
CA TYR F 46 -10.16 1.36 -12.97
C TYR F 46 -11.15 0.78 -13.97
N GLU F 47 -11.94 1.67 -14.57
CA GLU F 47 -13.12 1.28 -15.33
C GLU F 47 -13.97 0.29 -14.54
N GLY F 48 -14.24 0.63 -13.28
CA GLY F 48 -15.12 -0.14 -12.42
C GLY F 48 -14.70 -1.58 -12.18
N VAL F 49 -13.40 -1.85 -12.28
CA VAL F 49 -12.88 -3.16 -11.93
C VAL F 49 -11.77 -2.99 -10.89
N GLU F 50 -11.76 -3.83 -9.86
CA GLU F 50 -10.84 -3.63 -8.74
C GLU F 50 -9.63 -4.54 -8.84
N TYR F 51 -8.45 -3.95 -8.67
CA TYR F 51 -7.20 -4.69 -8.71
C TYR F 51 -6.45 -4.57 -7.39
N ARG F 52 -5.64 -5.59 -7.07
CA ARG F 52 -4.83 -5.58 -5.86
C ARG F 52 -3.36 -5.29 -6.15
N GLU F 53 -2.79 -4.28 -5.47
CA GLU F 53 -1.41 -3.90 -5.70
C GLU F 53 -0.47 -4.98 -5.20
N TRP F 54 0.38 -5.45 -6.10
CA TRP F 54 1.22 -6.60 -5.82
C TRP F 54 2.65 -6.18 -5.46
N ASN F 55 2.91 -5.93 -4.18
CA ASN F 55 4.24 -5.48 -3.75
C ASN F 55 5.29 -6.56 -3.97
N ALA F 56 6.27 -6.26 -4.81
CA ALA F 56 7.32 -7.20 -5.17
C ALA F 56 8.26 -7.46 -4.00
N PHE F 57 8.41 -6.47 -3.13
CA PHE F 57 9.30 -6.59 -2.00
C PHE F 57 8.81 -7.65 -1.01
N ARG F 58 7.50 -7.94 -1.06
CA ARG F 58 6.88 -8.92 -0.16
C ARG F 58 6.72 -10.28 -0.84
N SER F 59 6.38 -10.26 -2.11
CA SER F 59 6.15 -11.48 -2.88
C SER F 59 7.30 -11.78 -3.83
N LYS F 60 7.89 -12.96 -3.68
CA LYS F 60 9.02 -13.37 -4.53
C LYS F 60 8.63 -13.53 -6.00
N LEU F 61 7.37 -13.89 -6.26
CA LEU F 61 6.89 -14.06 -7.63
C LEU F 61 6.85 -12.72 -8.36
N ALA F 62 6.32 -11.71 -7.68
CA ALA F 62 6.26 -10.37 -8.26
C ALA F 62 7.66 -9.85 -8.53
N GLY F 63 8.59 -10.20 -7.63
CA GLY F 63 9.99 -9.87 -7.80
C GLY F 63 10.57 -10.53 -9.04
N ALA F 64 10.34 -11.84 -9.17
CA ALA F 64 10.86 -12.61 -10.29
C ALA F 64 10.38 -12.07 -11.62
N ILE F 65 9.14 -11.59 -11.65
CA ILE F 65 8.56 -10.96 -12.82
C ILE F 65 9.28 -9.65 -13.12
N LEU F 66 9.37 -8.76 -12.13
CA LEU F 66 10.05 -7.48 -12.29
C LEU F 66 11.55 -7.65 -12.54
N LYS F 67 12.05 -8.87 -12.43
CA LYS F 67 13.45 -9.13 -12.72
C LYS F 67 13.59 -9.88 -14.04
N GLY F 68 12.52 -9.89 -14.81
CA GLY F 68 12.55 -10.45 -16.15
C GLY F 68 12.12 -11.89 -16.30
N LEU F 69 11.17 -12.34 -15.48
CA LEU F 69 10.66 -13.70 -15.61
C LEU F 69 10.12 -13.90 -17.02
N LYS F 70 10.81 -14.74 -17.77
CA LYS F 70 10.55 -14.95 -19.19
C LYS F 70 9.10 -15.31 -19.47
N THR F 71 8.64 -16.37 -18.82
CA THR F 71 7.27 -16.85 -18.95
C THR F 71 6.75 -17.30 -17.59
N ASN F 72 5.45 -17.14 -17.39
CA ASN F 72 4.80 -17.54 -16.15
C ASN F 72 3.89 -18.74 -16.37
N PRO F 73 4.20 -19.88 -15.72
CA PRO F 73 3.41 -21.11 -15.82
C PRO F 73 2.17 -21.07 -14.95
N ILE F 74 2.03 -19.98 -14.20
CA ILE F 74 0.84 -19.76 -13.39
C ILE F 74 -0.08 -18.77 -14.10
N ARG F 75 -1.23 -19.26 -14.55
CA ARG F 75 -2.16 -18.43 -15.31
C ARG F 75 -3.59 -18.82 -14.98
N LYS F 76 -4.54 -18.30 -15.77
CA LYS F 76 -5.94 -18.66 -15.66
C LYS F 76 -6.17 -20.17 -15.61
N GLY F 77 -6.81 -20.63 -14.54
CA GLY F 77 -7.19 -22.02 -14.40
C GLY F 77 -6.08 -23.03 -14.20
N THR F 78 -4.97 -22.61 -13.60
CA THR F 78 -3.83 -23.49 -13.36
C THR F 78 -3.94 -24.20 -12.00
N LYS F 79 -3.54 -25.46 -11.96
CA LYS F 79 -3.49 -26.21 -10.70
C LYS F 79 -2.08 -26.20 -10.10
N VAL F 80 -1.92 -25.57 -8.94
CA VAL F 80 -0.61 -25.38 -8.33
C VAL F 80 -0.48 -25.98 -6.94
N LEU F 81 0.68 -26.59 -6.67
CA LEU F 81 1.04 -26.97 -5.31
C LEU F 81 1.98 -25.91 -4.71
N TYR F 82 1.56 -25.28 -3.63
CA TYR F 82 2.29 -24.16 -3.04
C TYR F 82 2.83 -24.57 -1.67
N LEU F 83 4.08 -25.02 -1.63
CA LEU F 83 4.70 -25.41 -0.37
C LEU F 83 5.24 -24.19 0.37
N GLY F 84 4.79 -24.00 1.61
CA GLY F 84 5.22 -22.88 2.42
C GLY F 84 4.38 -21.64 2.13
N ALA F 85 3.06 -21.78 2.26
CA ALA F 85 2.14 -20.70 1.90
C ALA F 85 2.20 -19.56 2.92
N ALA F 86 2.59 -19.92 4.15
CA ALA F 86 2.73 -18.98 5.26
C ALA F 86 1.47 -18.15 5.49
N SER F 87 1.65 -16.86 5.76
CA SER F 87 0.56 -15.99 6.13
C SER F 87 -0.43 -15.78 4.98
N GLY F 88 0.00 -16.16 3.77
CA GLY F 88 -0.88 -16.11 2.61
C GLY F 88 -0.68 -14.89 1.73
N THR F 89 0.41 -14.17 1.95
CA THR F 89 0.69 -12.98 1.17
C THR F 89 0.77 -13.28 -0.34
N THR F 90 1.75 -14.09 -0.73
CA THR F 90 1.96 -14.41 -2.14
C THR F 90 0.85 -15.28 -2.74
N ILE F 91 0.42 -16.30 -2.01
CA ILE F 91 -0.56 -17.24 -2.53
C ILE F 91 -1.92 -16.59 -2.82
N SER F 92 -2.21 -15.48 -2.16
CA SER F 92 -3.46 -14.76 -2.37
C SER F 92 -3.50 -14.14 -3.76
N HIS F 93 -2.33 -13.75 -4.25
CA HIS F 93 -2.20 -13.18 -5.57
C HIS F 93 -2.29 -14.22 -6.67
N VAL F 94 -1.80 -15.43 -6.41
CA VAL F 94 -1.91 -16.49 -7.41
C VAL F 94 -3.35 -16.95 -7.45
N SER F 95 -4.06 -16.72 -6.34
CA SER F 95 -5.49 -16.96 -6.28
C SER F 95 -6.20 -16.07 -7.29
N ASP F 96 -5.82 -14.79 -7.29
CA ASP F 96 -6.35 -13.84 -8.24
C ASP F 96 -6.06 -14.28 -9.68
N ILE F 97 -4.86 -14.82 -9.89
CA ILE F 97 -4.43 -15.22 -11.22
C ILE F 97 -5.18 -16.45 -11.75
N ILE F 98 -5.17 -17.55 -11.00
CA ILE F 98 -5.77 -18.80 -11.48
C ILE F 98 -7.30 -18.74 -11.52
N GLU F 99 -7.89 -17.95 -10.63
CA GLU F 99 -9.24 -17.42 -10.82
C GLU F 99 -10.38 -18.45 -10.82
N LEU F 100 -10.49 -19.22 -9.74
CA LEU F 100 -11.64 -20.10 -9.49
C LEU F 100 -11.57 -21.38 -10.31
N ASN F 101 -11.14 -21.25 -11.56
CA ASN F 101 -10.99 -22.40 -12.42
C ASN F 101 -9.84 -23.25 -11.92
N GLY F 102 -8.76 -22.57 -11.55
CA GLY F 102 -7.55 -23.21 -11.05
C GLY F 102 -7.64 -23.52 -9.58
N LYS F 103 -6.76 -24.38 -9.09
CA LYS F 103 -6.78 -24.74 -7.68
C LYS F 103 -5.39 -24.61 -7.07
N ALA F 104 -5.35 -24.14 -5.83
CA ALA F 104 -4.09 -23.88 -5.14
C ALA F 104 -4.05 -24.56 -3.77
N TYR F 105 -3.13 -25.51 -3.61
CA TYR F 105 -2.97 -26.23 -2.36
C TYR F 105 -1.78 -25.72 -1.52
N GLY F 106 -2.08 -25.05 -0.41
CA GLY F 106 -1.05 -24.43 0.41
C GLY F 106 -0.62 -25.25 1.61
N VAL F 107 0.56 -25.85 1.51
CA VAL F 107 1.14 -26.59 2.63
C VAL F 107 1.96 -25.64 3.50
N GLU F 108 1.79 -25.73 4.81
CA GLU F 108 2.47 -24.84 5.75
C GLU F 108 2.40 -25.48 7.13
N PHE F 109 3.53 -25.59 7.82
CA PHE F 109 3.55 -26.37 9.06
C PHE F 109 3.65 -25.50 10.31
N SER F 110 3.59 -24.18 10.12
CA SER F 110 3.67 -23.27 11.25
C SER F 110 2.29 -22.77 11.64
N PRO F 111 1.73 -23.31 12.74
CA PRO F 111 0.36 -23.01 13.17
C PRO F 111 0.18 -21.54 13.49
N ARG F 112 1.20 -20.93 14.10
CA ARG F 112 1.17 -19.51 14.44
C ARG F 112 0.86 -18.68 13.21
N VAL F 113 1.16 -19.26 12.06
CA VAL F 113 1.13 -18.54 10.80
C VAL F 113 -0.05 -19.03 9.95
N VAL F 114 -0.32 -20.33 9.97
CA VAL F 114 -1.51 -20.88 9.33
C VAL F 114 -2.78 -20.23 9.91
N ARG F 115 -2.67 -19.78 11.16
CA ARG F 115 -3.71 -19.02 11.84
C ARG F 115 -4.25 -17.90 10.97
N GLU F 116 -3.34 -17.11 10.40
CA GLU F 116 -3.73 -16.01 9.53
C GLU F 116 -3.89 -16.45 8.08
N LEU F 117 -3.37 -17.62 7.75
CA LEU F 117 -3.59 -18.21 6.42
C LEU F 117 -5.05 -18.58 6.23
N LEU F 118 -5.61 -19.17 7.26
CA LEU F 118 -7.03 -19.50 7.32
C LEU F 118 -7.93 -18.35 6.84
N LEU F 119 -7.71 -17.17 7.41
CA LEU F 119 -8.51 -15.99 7.08
C LEU F 119 -8.49 -15.69 5.58
N VAL F 120 -7.33 -15.83 4.96
CA VAL F 120 -7.20 -15.61 3.52
C VAL F 120 -7.93 -16.71 2.75
N ALA F 121 -7.86 -17.94 3.25
CA ALA F 121 -8.40 -19.11 2.54
C ALA F 121 -9.91 -19.31 2.69
N GLN F 122 -10.51 -18.72 3.73
CA GLN F 122 -11.97 -18.73 3.82
C GLN F 122 -12.58 -17.91 2.71
N ARG F 123 -12.13 -16.66 2.59
CA ARG F 123 -12.64 -15.71 1.59
C ARG F 123 -12.37 -16.13 0.14
N ARG F 124 -11.51 -17.12 -0.04
CA ARG F 124 -11.05 -17.48 -1.37
C ARG F 124 -11.17 -19.00 -1.61
N PRO F 125 -12.20 -19.40 -2.38
CA PRO F 125 -12.46 -20.79 -2.77
C PRO F 125 -11.30 -21.42 -3.55
N ASN F 126 -10.45 -20.59 -4.13
CA ASN F 126 -9.24 -21.04 -4.80
C ASN F 126 -8.30 -21.89 -3.95
N ILE F 127 -8.20 -21.54 -2.67
CA ILE F 127 -7.09 -21.97 -1.83
C ILE F 127 -7.52 -23.01 -0.79
N PHE F 128 -6.76 -24.10 -0.72
CA PHE F 128 -7.07 -25.21 0.17
C PHE F 128 -5.99 -25.39 1.21
N PRO F 129 -6.15 -24.73 2.36
CA PRO F 129 -5.10 -24.77 3.39
C PRO F 129 -4.80 -26.17 3.91
N LEU F 130 -3.53 -26.44 4.19
CA LEU F 130 -3.11 -27.70 4.76
C LEU F 130 -1.97 -27.55 5.76
N LEU F 131 -2.30 -27.68 7.04
CA LEU F 131 -1.29 -27.64 8.08
C LEU F 131 -0.56 -28.98 8.08
N ALA F 132 0.52 -29.07 7.31
CA ALA F 132 1.30 -30.30 7.22
C ALA F 132 2.76 -30.02 6.89
N ASP F 133 3.60 -31.01 7.14
CA ASP F 133 5.03 -30.89 6.90
C ASP F 133 5.34 -31.33 5.48
N ALA F 134 5.87 -30.41 4.68
CA ALA F 134 6.16 -30.70 3.27
C ALA F 134 7.20 -31.80 3.08
N ARG F 135 7.89 -32.17 4.15
CA ARG F 135 8.84 -33.27 4.08
C ARG F 135 8.11 -34.61 4.03
N PHE F 136 6.85 -34.60 4.47
CA PHE F 136 6.02 -35.80 4.42
C PHE F 136 4.79 -35.59 3.55
N PRO F 137 4.95 -35.71 2.23
CA PRO F 137 3.82 -35.53 1.31
C PRO F 137 2.73 -36.59 1.47
N GLN F 138 3.00 -37.63 2.23
CA GLN F 138 1.99 -38.65 2.50
C GLN F 138 0.86 -38.09 3.34
N SER F 139 1.16 -37.11 4.18
CA SER F 139 0.15 -36.62 5.12
C SER F 139 -0.93 -35.73 4.49
N TYR F 140 -0.64 -35.16 3.32
CA TYR F 140 -1.65 -34.38 2.58
C TYR F 140 -1.94 -35.03 1.23
N LYS F 141 -1.26 -36.14 0.97
CA LYS F 141 -1.56 -37.06 -0.13
C LYS F 141 -3.05 -37.33 -0.37
N SER F 142 -3.78 -37.48 0.72
CA SER F 142 -5.18 -37.88 0.67
C SER F 142 -6.17 -36.72 0.55
N VAL F 143 -5.69 -35.55 0.12
CA VAL F 143 -6.58 -34.40 -0.02
C VAL F 143 -6.45 -33.73 -1.37
N VAL F 144 -5.24 -33.74 -1.91
CA VAL F 144 -4.95 -33.03 -3.15
C VAL F 144 -5.03 -33.92 -4.37
N GLU F 145 -4.93 -33.30 -5.54
CA GLU F 145 -4.84 -33.98 -6.82
C GLU F 145 -3.45 -33.70 -7.39
N ASN F 146 -3.18 -34.09 -8.63
CA ASN F 146 -1.92 -33.66 -9.26
C ASN F 146 -2.01 -32.26 -9.84
N VAL F 147 -0.87 -31.62 -10.03
CA VAL F 147 -0.83 -30.20 -10.35
C VAL F 147 0.10 -29.87 -11.51
N ASP F 148 -0.07 -28.67 -12.07
CA ASP F 148 0.76 -28.20 -13.17
C ASP F 148 2.03 -27.52 -12.66
N VAL F 149 1.88 -26.73 -11.60
CA VAL F 149 3.00 -25.95 -11.09
C VAL F 149 3.30 -26.30 -9.64
N LEU F 150 4.59 -26.48 -9.36
CA LEU F 150 5.08 -26.69 -8.00
C LEU F 150 5.83 -25.46 -7.51
N TYR F 151 5.16 -24.60 -6.78
CA TYR F 151 5.81 -23.39 -6.28
C TYR F 151 6.36 -23.70 -4.89
N VAL F 152 7.67 -23.59 -4.73
CA VAL F 152 8.31 -23.98 -3.48
C VAL F 152 9.11 -22.83 -2.88
N ASP F 153 8.57 -22.26 -1.81
CA ASP F 153 9.22 -21.20 -1.06
C ASP F 153 9.26 -21.59 0.40
N ILE F 154 10.12 -22.56 0.73
CA ILE F 154 10.21 -23.05 2.11
C ILE F 154 11.60 -22.86 2.71
N ALA F 155 11.62 -22.37 3.93
CA ALA F 155 12.88 -22.22 4.66
C ALA F 155 13.28 -23.55 5.24
N GLN F 156 14.18 -24.25 4.56
CA GLN F 156 14.65 -25.56 4.98
C GLN F 156 16.04 -25.80 4.40
N PRO F 157 16.92 -26.43 5.19
CA PRO F 157 18.28 -26.71 4.71
C PRO F 157 18.26 -27.63 3.50
N ASP F 158 17.39 -28.63 3.52
CA ASP F 158 17.27 -29.56 2.40
C ASP F 158 16.06 -29.22 1.54
N GLN F 159 15.75 -27.93 1.43
CA GLN F 159 14.54 -27.46 0.74
C GLN F 159 14.39 -28.01 -0.67
N THR F 160 15.51 -28.14 -1.37
CA THR F 160 15.49 -28.59 -2.76
C THR F 160 15.06 -30.05 -2.87
N ASP F 161 15.65 -30.89 -2.03
CA ASP F 161 15.29 -32.31 -1.95
C ASP F 161 13.80 -32.50 -1.63
N ILE F 162 13.31 -31.74 -0.65
CA ILE F 162 11.88 -31.73 -0.32
C ILE F 162 11.05 -31.47 -1.57
N ALA F 163 11.44 -30.44 -2.31
CA ALA F 163 10.74 -30.05 -3.52
C ALA F 163 10.69 -31.18 -4.55
N ILE F 164 11.84 -31.83 -4.77
CA ILE F 164 11.94 -32.94 -5.70
C ILE F 164 11.09 -34.10 -5.23
N TYR F 165 11.11 -34.34 -3.92
CA TYR F 165 10.30 -35.40 -3.31
C TYR F 165 8.81 -35.16 -3.56
N ASN F 166 8.34 -33.95 -3.26
CA ASN F 166 6.97 -33.55 -3.52
C ASN F 166 6.62 -33.60 -4.99
N ALA F 167 7.62 -33.35 -5.83
CA ALA F 167 7.44 -33.30 -7.28
C ALA F 167 7.02 -34.66 -7.84
N LYS F 168 7.79 -35.69 -7.52
CA LYS F 168 7.48 -37.03 -8.03
C LYS F 168 6.21 -37.63 -7.42
N PHE F 169 5.64 -36.93 -6.44
CA PHE F 169 4.30 -37.24 -5.97
C PHE F 169 3.20 -36.58 -6.80
N PHE F 170 3.26 -35.26 -6.91
CA PHE F 170 2.11 -34.51 -7.36
C PHE F 170 2.30 -33.73 -8.66
N LEU F 171 3.55 -33.58 -9.09
CA LEU F 171 3.81 -32.72 -10.25
C LEU F 171 3.60 -33.49 -11.53
N LYS F 172 2.62 -33.04 -12.31
CA LYS F 172 2.37 -33.58 -13.64
C LYS F 172 3.66 -33.60 -14.47
N VAL F 173 3.81 -34.59 -15.33
CA VAL F 173 4.95 -34.62 -16.25
C VAL F 173 4.85 -33.42 -17.17
N ASN F 174 5.99 -32.78 -17.43
CA ASN F 174 6.06 -31.53 -18.20
C ASN F 174 5.42 -30.36 -17.46
N GLY F 175 5.23 -30.52 -16.15
CA GLY F 175 4.80 -29.41 -15.33
C GLY F 175 6.00 -28.55 -15.00
N ASP F 176 5.76 -27.37 -14.43
CA ASP F 176 6.84 -26.47 -14.14
C ASP F 176 7.03 -26.33 -12.65
N MET F 177 8.25 -26.12 -12.21
CA MET F 177 8.51 -25.89 -10.80
C MET F 177 9.22 -24.56 -10.60
N LEU F 178 8.62 -23.70 -9.78
CA LEU F 178 9.32 -22.51 -9.33
C LEU F 178 9.88 -22.80 -7.94
N LEU F 179 11.20 -22.96 -7.85
CA LEU F 179 11.85 -23.28 -6.59
C LEU F 179 12.62 -22.05 -6.13
N VAL F 180 12.22 -21.51 -4.98
CA VAL F 180 12.93 -20.38 -4.38
C VAL F 180 14.11 -20.90 -3.56
N ILE F 181 15.31 -20.47 -3.92
CA ILE F 181 16.52 -20.88 -3.21
C ILE F 181 16.91 -19.88 -2.14
N LYS F 182 16.78 -20.28 -0.88
CA LYS F 182 17.21 -19.46 0.23
C LYS F 182 18.63 -19.82 0.65
N ALA F 183 19.59 -19.08 0.10
CA ALA F 183 21.00 -19.34 0.35
C ALA F 183 21.26 -19.34 1.84
N ARG F 184 20.79 -18.30 2.51
CA ARG F 184 21.15 -18.11 3.91
C ARG F 184 20.38 -19.04 4.85
N SER F 185 19.37 -19.73 4.33
CA SER F 185 18.62 -20.70 5.13
C SER F 185 19.03 -22.10 4.72
N ILE F 186 19.97 -22.17 3.78
CA ILE F 186 20.65 -23.42 3.46
C ILE F 186 21.98 -23.43 4.20
N ASP F 187 22.69 -22.30 4.13
CA ASP F 187 23.96 -22.12 4.84
C ASP F 187 24.39 -20.64 4.87
N VAL F 188 24.43 -20.05 6.06
CA VAL F 188 24.88 -18.66 6.20
C VAL F 188 26.38 -18.50 6.01
N THR F 189 27.12 -19.61 6.06
CA THR F 189 28.58 -19.56 5.93
C THR F 189 29.00 -19.49 4.47
N LYS F 190 28.46 -20.41 3.68
CA LYS F 190 28.78 -20.49 2.26
C LYS F 190 28.31 -19.26 1.48
N ASP F 191 28.98 -18.99 0.35
CA ASP F 191 28.62 -17.86 -0.53
C ASP F 191 27.35 -18.19 -1.32
N PRO F 192 26.38 -17.26 -1.31
CA PRO F 192 25.07 -17.43 -1.97
C PRO F 192 25.15 -17.90 -3.42
N LYS F 193 26.16 -17.42 -4.15
CA LYS F 193 26.30 -17.73 -5.57
C LYS F 193 26.79 -19.16 -5.76
N GLU F 194 27.51 -19.67 -4.77
CA GLU F 194 27.95 -21.05 -4.77
C GLU F 194 26.75 -21.97 -4.56
N ILE F 195 25.91 -21.60 -3.59
CA ILE F 195 24.72 -22.37 -3.25
C ILE F 195 23.71 -22.48 -4.39
N TYR F 196 23.46 -21.37 -5.09
CA TYR F 196 22.51 -21.39 -6.22
C TYR F 196 22.93 -22.47 -7.21
N LYS F 197 24.23 -22.53 -7.49
CA LYS F 197 24.76 -23.45 -8.49
C LYS F 197 24.63 -24.92 -8.07
N THR F 198 24.94 -25.23 -6.82
CA THR F 198 24.94 -26.62 -6.35
C THR F 198 23.53 -27.19 -6.22
N GLU F 199 22.57 -26.32 -5.92
CA GLU F 199 21.16 -26.72 -5.82
C GLU F 199 20.50 -26.95 -7.17
N VAL F 200 20.82 -26.10 -8.14
CA VAL F 200 20.27 -26.26 -9.48
C VAL F 200 20.73 -27.58 -10.07
N GLU F 201 21.98 -27.95 -9.79
CA GLU F 201 22.50 -29.23 -10.22
C GLU F 201 21.69 -30.39 -9.62
N LYS F 202 21.24 -30.24 -8.39
CA LYS F 202 20.39 -31.27 -7.78
C LYS F 202 19.16 -31.51 -8.64
N LEU F 203 18.61 -30.44 -9.19
CA LEU F 203 17.41 -30.53 -10.01
C LEU F 203 17.72 -31.24 -11.33
N GLU F 204 18.88 -30.93 -11.89
CA GLU F 204 19.27 -31.43 -13.20
C GLU F 204 19.65 -32.91 -13.18
N ASN F 205 20.21 -33.37 -12.07
CA ASN F 205 20.45 -34.80 -11.88
C ASN F 205 19.13 -35.52 -11.67
N SER F 206 18.15 -34.80 -11.12
CA SER F 206 16.82 -35.32 -10.94
C SER F 206 15.93 -34.94 -12.13
N ASN F 207 16.56 -34.81 -13.29
CA ASN F 207 15.93 -34.55 -14.59
C ASN F 207 14.79 -33.51 -14.58
N PHE F 208 15.08 -32.36 -14.02
CA PHE F 208 14.30 -31.16 -14.26
C PHE F 208 15.05 -30.37 -15.32
N GLU F 209 14.32 -29.66 -16.18
CA GLU F 209 14.97 -28.98 -17.28
C GLU F 209 15.05 -27.47 -17.02
N THR F 210 16.17 -27.04 -16.45
CA THR F 210 16.38 -25.66 -16.07
C THR F 210 16.05 -24.68 -17.21
N ILE F 211 15.06 -23.82 -16.98
CA ILE F 211 14.61 -22.90 -18.01
C ILE F 211 15.17 -21.49 -17.78
N GLN F 212 15.09 -21.04 -16.52
CA GLN F 212 15.49 -19.68 -16.21
C GLN F 212 15.85 -19.55 -14.74
N ILE F 213 16.91 -18.79 -14.45
CA ILE F 213 17.32 -18.56 -13.07
C ILE F 213 17.41 -17.07 -12.74
N ILE F 214 16.58 -16.63 -11.81
CA ILE F 214 16.49 -15.21 -11.49
C ILE F 214 17.05 -14.84 -10.12
N ASN F 215 17.80 -13.73 -10.06
CA ASN F 215 18.29 -13.19 -8.80
C ASN F 215 17.33 -12.09 -8.31
N LEU F 216 16.76 -12.31 -7.12
CA LEU F 216 15.70 -11.45 -6.60
C LEU F 216 16.17 -10.11 -6.00
N ASP F 217 17.48 -9.94 -5.83
CA ASP F 217 18.02 -8.68 -5.34
C ASP F 217 17.62 -7.56 -6.30
N PRO F 218 17.17 -6.42 -5.75
CA PRO F 218 17.13 -6.02 -4.34
C PRO F 218 15.83 -6.38 -3.62
N TYR F 219 14.88 -7.00 -4.31
CA TYR F 219 13.60 -7.33 -3.69
C TYR F 219 13.77 -8.35 -2.57
N ASP F 220 14.63 -9.34 -2.78
CA ASP F 220 14.99 -10.25 -1.70
C ASP F 220 16.49 -10.56 -1.70
N LYS F 221 17.16 -10.22 -0.60
CA LYS F 221 18.62 -10.39 -0.52
C LYS F 221 19.02 -11.84 -0.31
N ASP F 222 20.08 -12.24 -1.01
CA ASP F 222 20.61 -13.60 -0.94
C ASP F 222 19.54 -14.62 -1.28
N HIS F 223 18.73 -14.28 -2.28
CA HIS F 223 17.71 -15.18 -2.78
C HIS F 223 17.81 -15.31 -4.31
N ALA F 224 17.46 -16.49 -4.81
CA ALA F 224 17.36 -16.70 -6.25
C ALA F 224 16.18 -17.63 -6.52
N ILE F 225 15.54 -17.49 -7.67
CA ILE F 225 14.44 -18.38 -8.01
C ILE F 225 14.68 -19.08 -9.35
N VAL F 226 14.46 -20.39 -9.35
CA VAL F 226 14.69 -21.20 -10.54
C VAL F 226 13.39 -21.67 -11.18
N LEU F 227 13.31 -21.55 -12.50
CA LEU F 227 12.22 -22.16 -13.24
C LEU F 227 12.75 -23.33 -14.06
N SER F 228 12.11 -24.49 -13.90
CA SER F 228 12.49 -25.68 -14.64
C SER F 228 11.28 -26.56 -14.89
N LYS F 229 11.40 -27.48 -15.85
CA LYS F 229 10.31 -28.37 -16.22
C LYS F 229 10.59 -29.81 -15.85
N TYR F 230 9.64 -30.42 -15.16
CA TYR F 230 9.76 -31.81 -14.72
C TYR F 230 9.45 -32.78 -15.83
N LYS F 231 10.22 -33.86 -15.91
CA LYS F 231 10.05 -34.86 -16.95
C LYS F 231 9.59 -36.19 -16.36
N LYS M 3 -33.17 6.83 -83.08
CA LYS M 3 -33.32 6.94 -81.64
C LYS M 3 -34.70 6.49 -81.17
N ILE M 4 -34.74 5.48 -80.32
CA ILE M 4 -36.00 4.93 -79.81
C ILE M 4 -36.11 5.09 -78.29
N TYR M 5 -37.20 5.72 -77.85
CA TYR M 5 -37.47 5.87 -76.42
C TYR M 5 -38.21 4.63 -75.92
N LEU M 6 -37.64 3.94 -74.93
CA LEU M 6 -38.16 2.64 -74.48
C LEU M 6 -38.87 2.68 -73.13
N ILE M 7 -40.00 1.98 -73.07
CA ILE M 7 -40.82 1.90 -71.86
C ILE M 7 -40.81 0.48 -71.26
N GLU M 8 -40.76 0.41 -69.93
CA GLU M 8 -40.92 -0.84 -69.19
C GLU M 8 -42.03 -0.71 -68.15
N HIS M 9 -42.97 -1.66 -68.16
CA HIS M 9 -44.16 -1.58 -67.32
C HIS M 9 -44.67 -2.98 -67.00
N VAL M 10 -45.68 -3.07 -66.12
CA VAL M 10 -46.39 -4.33 -65.87
C VAL M 10 -47.02 -4.85 -67.17
N ILE M 11 -47.50 -3.91 -67.97
CA ILE M 11 -48.18 -4.15 -69.23
C ILE M 11 -47.27 -4.83 -70.27
N GLY M 12 -45.96 -4.70 -70.09
CA GLY M 12 -44.99 -5.20 -71.07
C GLY M 12 -43.88 -4.20 -71.39
N ALA M 13 -43.28 -4.33 -72.57
CA ALA M 13 -42.25 -3.41 -73.03
C ALA M 13 -42.63 -2.78 -74.37
N VAL M 14 -42.68 -1.45 -74.40
CA VAL M 14 -43.11 -0.71 -75.58
C VAL M 14 -41.96 0.18 -76.07
N ALA M 15 -41.81 0.25 -77.40
CA ALA M 15 -40.84 1.14 -78.01
C ALA M 15 -41.52 2.37 -78.61
N TYR M 16 -40.90 3.53 -78.44
CA TYR M 16 -41.45 4.78 -78.95
C TYR M 16 -40.44 5.53 -79.81
N ASP M 17 -40.94 6.29 -80.77
CA ASP M 17 -40.10 7.28 -81.44
C ASP M 17 -40.14 8.55 -80.59
N GLU M 18 -39.41 9.58 -80.99
CA GLU M 18 -39.34 10.82 -80.22
C GLU M 18 -40.64 11.62 -80.25
N ASN M 19 -41.53 11.29 -81.18
CA ASN M 19 -42.80 11.98 -81.31
C ASN M 19 -43.83 11.54 -80.25
N GLY M 20 -43.73 10.27 -79.86
CA GLY M 20 -44.68 9.68 -78.92
C GLY M 20 -45.66 8.74 -79.60
N ASN M 21 -45.18 8.05 -80.64
CA ASN M 21 -45.97 7.03 -81.33
C ASN M 21 -45.41 5.63 -81.13
N ILE M 22 -46.30 4.67 -80.88
CA ILE M 22 -45.87 3.30 -80.67
C ILE M 22 -45.25 2.71 -81.92
N VAL M 23 -43.92 2.62 -81.94
CA VAL M 23 -43.20 2.03 -83.07
C VAL M 23 -43.36 0.52 -83.10
N ASP M 24 -43.16 -0.10 -81.94
CA ASP M 24 -43.38 -1.53 -81.77
C ASP M 24 -43.54 -1.90 -80.29
N TYR M 25 -44.20 -3.02 -80.03
CA TYR M 25 -44.41 -3.47 -78.65
C TYR M 25 -44.36 -4.99 -78.51
N ILE M 26 -43.96 -5.47 -77.33
CA ILE M 26 -44.11 -6.88 -77.00
C ILE M 26 -44.77 -7.03 -75.63
N THR M 27 -45.98 -7.56 -75.66
CA THR M 27 -46.83 -7.66 -74.47
C THR M 27 -46.31 -8.68 -73.44
N ASN M 28 -46.41 -8.32 -72.16
CA ASN M 28 -46.05 -9.21 -71.08
C ASN M 28 -47.07 -10.34 -70.95
N PRO M 29 -46.68 -11.46 -70.32
CA PRO M 29 -47.62 -12.53 -69.99
C PRO M 29 -48.51 -12.15 -68.82
N ARG M 30 -49.78 -12.52 -68.87
CA ARG M 30 -50.70 -12.23 -67.78
C ARG M 30 -50.49 -13.24 -66.65
N ASP M 31 -49.31 -13.16 -66.02
CA ASP M 31 -48.94 -14.08 -64.94
C ASP M 31 -48.36 -13.35 -63.73
N LEU M 32 -49.07 -13.42 -62.60
CA LEU M 32 -48.62 -12.81 -61.34
C LEU M 32 -47.18 -13.14 -61.00
N GLY M 33 -46.87 -14.43 -60.94
CA GLY M 33 -45.55 -14.92 -60.59
C GLY M 33 -44.37 -14.26 -61.31
N LYS M 34 -44.41 -14.28 -62.64
CA LYS M 34 -43.28 -13.84 -63.45
C LYS M 34 -43.12 -12.31 -63.50
N ILE M 35 -44.23 -11.59 -63.52
CA ILE M 35 -44.18 -10.12 -63.55
C ILE M 35 -43.57 -9.60 -62.25
N THR M 36 -44.04 -10.10 -61.12
CA THR M 36 -43.49 -9.74 -59.82
C THR M 36 -41.97 -9.92 -59.73
N GLU M 37 -41.47 -11.04 -60.25
CA GLU M 37 -40.04 -11.33 -60.20
C GLU M 37 -39.21 -10.37 -61.04
N GLU M 38 -39.72 -10.00 -62.21
CA GLU M 38 -38.99 -9.10 -63.09
C GLU M 38 -39.00 -7.66 -62.59
N LEU M 39 -40.05 -7.28 -61.85
CA LEU M 39 -40.11 -5.96 -61.24
C LEU M 39 -39.09 -5.86 -60.10
N LEU M 40 -39.03 -6.89 -59.27
CA LEU M 40 -38.00 -6.99 -58.24
C LEU M 40 -36.63 -6.98 -58.91
N ASN M 41 -36.53 -7.70 -60.02
CA ASN M 41 -35.30 -7.79 -60.80
C ASN M 41 -34.99 -6.45 -61.46
N ASN M 42 -36.03 -5.75 -61.88
CA ASN M 42 -35.90 -4.46 -62.53
C ASN M 42 -35.22 -3.43 -61.60
N GLU M 43 -35.42 -3.61 -60.31
CA GLU M 43 -34.79 -2.77 -59.29
C GLU M 43 -33.25 -2.82 -59.31
N LYS M 44 -32.71 -4.00 -59.58
CA LYS M 44 -31.26 -4.19 -59.57
C LYS M 44 -30.60 -3.84 -60.90
N GLY M 45 -31.42 -3.46 -61.89
CA GLY M 45 -30.90 -3.10 -63.19
C GLY M 45 -31.28 -4.10 -64.26
N ILE M 46 -31.78 -5.25 -63.83
CA ILE M 46 -32.15 -6.33 -64.75
C ILE M 46 -33.36 -5.98 -65.61
N PRO M 47 -33.16 -6.03 -66.94
CA PRO M 47 -34.21 -5.75 -67.93
C PRO M 47 -35.29 -6.84 -67.97
N PHE M 48 -36.51 -6.47 -68.32
CA PHE M 48 -37.57 -7.43 -68.61
C PHE M 48 -37.15 -8.40 -69.71
N SER M 49 -37.75 -9.59 -69.73
CA SER M 49 -37.49 -10.53 -70.82
C SER M 49 -38.19 -10.06 -72.09
N ALA M 50 -39.28 -9.32 -71.91
CA ALA M 50 -40.03 -8.74 -73.04
C ALA M 50 -39.27 -7.61 -73.73
N THR M 51 -38.43 -6.91 -72.96
CA THR M 51 -37.63 -5.83 -73.51
C THR M 51 -36.50 -6.40 -74.38
N VAL M 52 -35.94 -7.54 -73.95
CA VAL M 52 -34.88 -8.21 -74.69
C VAL M 52 -35.31 -8.61 -76.09
N GLU M 53 -36.49 -9.20 -76.18
CA GLU M 53 -37.06 -9.57 -77.48
C GLU M 53 -37.33 -8.34 -78.36
N LEU M 54 -37.78 -7.27 -77.74
CA LEU M 54 -38.16 -6.07 -78.46
C LEU M 54 -36.96 -5.32 -79.04
N LEU M 55 -35.87 -5.28 -78.28
CA LEU M 55 -34.62 -4.65 -78.73
C LEU M 55 -33.88 -5.49 -79.78
N LYS M 56 -34.38 -6.70 -80.03
CA LYS M 56 -33.85 -7.54 -81.09
C LYS M 56 -34.65 -7.33 -82.39
N LYS M 57 -35.97 -7.34 -82.26
CA LYS M 57 -36.86 -7.09 -83.39
C LYS M 57 -36.51 -5.75 -84.06
N VAL M 58 -36.68 -4.67 -83.30
CA VAL M 58 -36.24 -3.35 -83.75
C VAL M 58 -34.73 -3.26 -83.54
N ASN M 59 -34.02 -2.59 -84.44
CA ASN M 59 -32.57 -2.45 -84.31
C ASN M 59 -32.14 -0.99 -84.22
N PRO M 60 -32.32 -0.37 -83.04
CA PRO M 60 -32.07 1.07 -82.88
C PRO M 60 -30.62 1.34 -82.49
N GLN M 61 -30.03 2.35 -83.11
CA GLN M 61 -28.64 2.71 -82.87
C GLN M 61 -28.47 3.38 -81.51
N GLU M 62 -29.34 4.35 -81.22
CA GLU M 62 -29.34 5.03 -79.93
C GLU M 62 -30.64 4.73 -79.18
N VAL M 63 -30.53 4.04 -78.05
CA VAL M 63 -31.67 3.79 -77.19
C VAL M 63 -31.56 4.54 -75.86
N VAL M 64 -32.70 4.95 -75.32
CA VAL M 64 -32.74 5.70 -74.07
C VAL M 64 -33.84 5.15 -73.15
N VAL M 65 -33.46 4.78 -71.93
CA VAL M 65 -34.37 4.09 -71.01
C VAL M 65 -34.78 4.96 -69.82
N GLU M 66 -35.65 4.43 -68.99
CA GLU M 66 -36.20 5.16 -67.84
C GLU M 66 -35.31 5.12 -66.61
N ASN M 67 -34.59 4.02 -66.42
CA ASN M 67 -33.78 3.80 -65.22
C ASN M 67 -32.28 3.86 -65.54
N GLU M 68 -31.50 4.52 -64.69
CA GLU M 68 -30.06 4.69 -64.92
C GLU M 68 -29.30 3.42 -64.55
N ALA M 69 -29.99 2.52 -63.85
CA ALA M 69 -29.41 1.25 -63.43
C ALA M 69 -29.44 0.25 -64.58
N GLU M 70 -30.34 0.50 -65.53
CA GLU M 70 -30.53 -0.38 -66.68
C GLU M 70 -29.41 -0.26 -67.71
N VAL M 71 -28.89 0.94 -67.88
CA VAL M 71 -27.89 1.26 -68.90
C VAL M 71 -26.69 0.32 -68.96
N PRO M 72 -26.01 0.06 -67.81
CA PRO M 72 -24.85 -0.83 -67.95
C PRO M 72 -25.21 -2.27 -68.32
N LYS M 73 -26.38 -2.73 -67.88
CA LYS M 73 -26.85 -4.07 -68.23
C LYS M 73 -27.07 -4.18 -69.72
N LEU M 74 -27.65 -3.12 -70.31
CA LEU M 74 -27.96 -3.12 -71.73
C LEU M 74 -26.72 -2.81 -72.57
N GLN M 75 -25.72 -2.17 -71.95
CA GLN M 75 -24.44 -1.97 -72.62
C GLN M 75 -23.71 -3.30 -72.73
N ALA M 76 -23.84 -4.12 -71.69
CA ALA M 76 -23.25 -5.46 -71.68
C ALA M 76 -23.89 -6.36 -72.73
N LEU M 77 -25.11 -6.00 -73.16
CA LEU M 77 -25.84 -6.78 -74.15
C LEU M 77 -25.57 -6.32 -75.59
N GLY M 78 -24.88 -5.20 -75.73
CA GLY M 78 -24.41 -4.75 -77.03
C GLY M 78 -24.84 -3.38 -77.55
N TYR M 79 -25.79 -2.73 -76.89
CA TYR M 79 -26.32 -1.47 -77.40
C TYR M 79 -25.67 -0.27 -76.73
N ARG M 80 -25.68 0.88 -77.41
CA ARG M 80 -25.31 2.14 -76.79
C ARG M 80 -26.56 2.71 -76.11
N VAL M 81 -26.46 2.95 -74.81
CA VAL M 81 -27.64 3.26 -74.01
C VAL M 81 -27.46 4.49 -73.10
N SER M 82 -28.53 5.27 -72.94
CA SER M 82 -28.58 6.36 -71.99
C SER M 82 -29.92 6.37 -71.26
N TYR M 83 -30.17 7.41 -70.46
CA TYR M 83 -31.47 7.54 -69.79
C TYR M 83 -31.93 8.99 -69.64
N GLU M 84 -33.25 9.19 -69.74
CA GLU M 84 -33.87 10.46 -69.37
C GLU M 84 -34.98 10.18 -68.36
N PRO M 85 -34.85 10.76 -67.15
CA PRO M 85 -35.63 10.42 -65.96
C PRO M 85 -37.15 10.66 -66.05
N TYR M 86 -37.58 11.89 -66.28
CA TYR M 86 -39.02 12.18 -66.30
C TYR M 86 -39.40 12.73 -67.65
N SER M 87 -39.08 11.95 -68.69
CA SER M 87 -39.19 12.40 -70.07
C SER M 87 -40.63 12.60 -70.52
N LYS M 88 -40.79 13.37 -71.59
CA LYS M 88 -42.10 13.60 -72.18
C LYS M 88 -42.69 12.31 -72.76
N VAL M 89 -41.81 11.44 -73.27
CA VAL M 89 -42.21 10.16 -73.85
C VAL M 89 -42.79 9.22 -72.79
N SER M 90 -42.08 9.15 -71.68
CA SER M 90 -42.51 8.34 -70.54
C SER M 90 -43.85 8.86 -70.00
N ARG M 91 -44.01 10.18 -70.01
CA ARG M 91 -45.28 10.81 -69.62
C ARG M 91 -46.38 10.50 -70.63
N ILE M 92 -46.09 10.69 -71.91
CA ILE M 92 -47.03 10.38 -73.00
C ILE M 92 -47.60 8.96 -72.87
N PHE M 93 -46.72 8.01 -72.57
CA PHE M 93 -47.13 6.61 -72.41
C PHE M 93 -48.10 6.45 -71.24
N ARG M 94 -47.76 7.06 -70.10
CA ARG M 94 -48.59 6.94 -68.89
C ARG M 94 -49.88 7.78 -68.94
N GLU M 95 -49.91 8.83 -69.74
CA GLU M 95 -51.14 9.62 -69.91
C GLU M 95 -52.24 8.80 -70.58
N SER M 96 -51.83 7.85 -71.42
CA SER M 96 -52.77 7.05 -72.19
C SER M 96 -52.75 5.62 -71.67
N LEU M 97 -52.28 5.44 -70.45
CA LEU M 97 -52.13 4.10 -69.86
C LEU M 97 -53.44 3.40 -69.43
N PRO M 98 -54.50 4.16 -69.06
CA PRO M 98 -55.78 3.44 -68.92
C PRO M 98 -56.18 2.72 -70.20
N LYS M 99 -55.89 3.34 -71.35
CA LYS M 99 -56.30 2.83 -72.65
C LYS M 99 -55.39 1.73 -73.16
N VAL M 100 -54.10 2.03 -73.31
CA VAL M 100 -53.18 1.15 -74.04
C VAL M 100 -53.04 -0.26 -73.44
N ALA M 101 -53.75 -0.51 -72.35
CA ALA M 101 -53.83 -1.86 -71.79
C ALA M 101 -54.62 -2.74 -72.73
N ILE M 102 -55.67 -2.17 -73.29
CA ILE M 102 -56.55 -2.89 -74.20
C ILE M 102 -55.94 -2.99 -75.60
N ASP M 103 -55.35 -1.90 -76.06
CA ASP M 103 -54.80 -1.82 -77.41
C ASP M 103 -53.66 -2.80 -77.68
N ILE M 104 -52.74 -2.95 -76.74
CA ILE M 104 -51.64 -3.89 -76.94
C ILE M 104 -52.02 -5.28 -76.44
N LYS M 105 -53.31 -5.42 -76.13
CA LYS M 105 -53.92 -6.68 -75.74
C LYS M 105 -53.16 -7.39 -74.62
N PHE M 106 -53.10 -6.72 -73.46
CA PHE M 106 -52.60 -7.32 -72.23
C PHE M 106 -53.79 -7.88 -71.47
N ALA M 107 -54.93 -7.21 -71.62
CA ALA M 107 -56.22 -7.65 -71.10
C ALA M 107 -57.31 -7.28 -72.09
N SER M 108 -58.46 -7.93 -71.98
CA SER M 108 -59.56 -7.71 -72.91
C SER M 108 -60.20 -6.32 -72.76
N ASN M 109 -60.48 -5.94 -71.53
CA ASN M 109 -61.08 -4.63 -71.27
C ASN M 109 -60.48 -3.98 -70.04
N GLU M 110 -60.90 -2.75 -69.75
CA GLU M 110 -60.41 -2.00 -68.59
C GLU M 110 -60.78 -2.68 -67.29
N GLU M 111 -61.96 -3.31 -67.27
CA GLU M 111 -62.44 -4.03 -66.09
C GLU M 111 -61.41 -4.94 -65.42
N ASP M 112 -60.74 -5.79 -66.19
CA ASP M 112 -59.80 -6.74 -65.58
C ASP M 112 -58.32 -6.48 -65.83
N TYR M 113 -58.00 -5.32 -66.40
CA TYR M 113 -56.63 -4.83 -66.32
C TYR M 113 -56.44 -4.38 -64.88
N TYR M 114 -57.40 -3.61 -64.40
CA TYR M 114 -57.37 -3.07 -63.05
C TYR M 114 -57.57 -4.17 -62.01
N ASN M 115 -58.41 -5.15 -62.32
CA ASN M 115 -58.53 -6.34 -61.47
C ASN M 115 -57.22 -7.08 -61.30
N PHE M 116 -56.49 -7.18 -62.39
CA PHE M 116 -55.19 -7.82 -62.36
C PHE M 116 -54.17 -6.95 -61.64
N LEU M 117 -54.10 -5.68 -62.03
CA LEU M 117 -53.13 -4.73 -61.46
C LEU M 117 -53.31 -4.61 -59.95
N HIS M 118 -54.55 -4.71 -59.49
CA HIS M 118 -54.85 -4.70 -58.06
C HIS M 118 -54.15 -5.81 -57.30
N GLU M 119 -54.31 -7.04 -57.78
CA GLU M 119 -53.74 -8.17 -57.07
C GLU M 119 -52.24 -8.30 -57.32
N LEU M 120 -51.77 -7.73 -58.42
CA LEU M 120 -50.34 -7.61 -58.63
C LEU M 120 -49.78 -6.72 -57.54
N SER M 121 -50.39 -5.55 -57.36
CA SER M 121 -49.97 -4.62 -56.31
C SER M 121 -49.99 -5.33 -54.96
N LEU M 122 -51.09 -6.04 -54.70
CA LEU M 122 -51.20 -6.89 -53.51
C LEU M 122 -50.05 -7.89 -53.42
N GLU M 123 -49.81 -8.61 -54.51
CA GLU M 123 -48.75 -9.61 -54.54
C GLU M 123 -47.33 -9.01 -54.59
N TYR M 124 -47.20 -7.81 -55.17
CA TYR M 124 -45.90 -7.16 -55.27
C TYR M 124 -45.41 -6.66 -53.92
N THR M 125 -46.31 -6.14 -53.10
CA THR M 125 -45.95 -5.64 -51.78
C THR M 125 -45.88 -6.78 -50.77
N ARG M 126 -46.74 -7.78 -50.94
CA ARG M 126 -46.64 -9.00 -50.13
C ARG M 126 -45.25 -9.62 -50.21
N ARG M 127 -44.65 -9.58 -51.39
CA ARG M 127 -43.31 -10.12 -51.60
C ARG M 127 -42.28 -9.25 -50.89
N LYS M 128 -42.46 -7.94 -51.01
CA LYS M 128 -41.57 -6.96 -50.38
C LYS M 128 -41.71 -7.00 -48.85
N LEU M 129 -42.94 -7.16 -48.38
CA LEU M 129 -43.23 -7.26 -46.94
C LEU M 129 -42.47 -8.40 -46.27
N ARG M 130 -42.22 -9.47 -47.01
CA ARG M 130 -41.58 -10.64 -46.46
C ARG M 130 -40.07 -10.46 -46.36
N SER M 131 -39.47 -9.86 -47.38
CA SER M 131 -38.02 -9.64 -47.39
C SER M 131 -37.61 -8.67 -46.29
N ALA M 132 -38.56 -7.85 -45.83
CA ALA M 132 -38.28 -6.92 -44.75
C ALA M 132 -38.22 -7.64 -43.41
N ALA M 133 -39.15 -8.57 -43.21
CA ALA M 133 -39.22 -9.36 -41.98
C ALA M 133 -38.05 -10.31 -41.87
N GLN M 134 -37.42 -10.60 -43.01
CA GLN M 134 -36.36 -11.59 -43.08
C GLN M 134 -34.99 -11.04 -42.70
N LYS M 135 -34.90 -9.72 -42.53
CA LYS M 135 -33.63 -9.11 -42.15
C LYS M 135 -33.25 -9.57 -40.74
N ARG M 136 -31.98 -9.92 -40.57
CA ARG M 136 -31.51 -10.57 -39.35
C ARG M 136 -31.40 -9.60 -38.19
N ASP M 137 -31.17 -8.33 -38.50
CA ASP M 137 -30.95 -7.33 -37.46
C ASP M 137 -32.21 -7.05 -36.64
N LEU M 138 -33.37 -7.42 -37.16
CA LEU M 138 -34.63 -7.14 -36.49
C LEU M 138 -34.80 -7.89 -35.17
N LEU M 139 -34.32 -9.13 -35.15
CA LEU M 139 -34.49 -9.96 -33.95
C LEU M 139 -33.57 -9.47 -32.85
N ALA M 140 -32.42 -8.94 -33.27
CA ALA M 140 -31.48 -8.33 -32.34
C ALA M 140 -32.13 -7.16 -31.60
N ILE M 141 -32.81 -6.31 -32.36
CA ILE M 141 -33.47 -5.14 -31.81
C ILE M 141 -34.58 -5.53 -30.83
N GLN M 142 -35.42 -6.47 -31.25
CA GLN M 142 -36.52 -6.96 -30.42
C GLN M 142 -36.03 -7.59 -29.11
N ALA M 143 -34.93 -8.33 -29.20
CA ALA M 143 -34.36 -9.00 -28.03
C ALA M 143 -33.87 -8.03 -26.97
N VAL M 144 -33.01 -7.09 -27.38
CA VAL M 144 -32.45 -6.12 -26.45
C VAL M 144 -33.56 -5.21 -25.90
N ARG M 145 -34.61 -5.00 -26.69
CA ARG M 145 -35.78 -4.28 -26.22
C ARG M 145 -36.50 -5.07 -25.13
N ALA M 146 -36.63 -6.38 -25.34
CA ALA M 146 -37.21 -7.26 -24.34
C ALA M 146 -36.31 -7.36 -23.11
N MET M 147 -35.00 -7.42 -23.33
CA MET M 147 -34.04 -7.40 -22.23
C MET M 147 -34.17 -6.11 -21.42
N ASP M 148 -34.34 -4.99 -22.13
CA ASP M 148 -34.46 -3.69 -21.48
C ASP M 148 -35.78 -3.55 -20.75
N ASP M 149 -36.78 -4.32 -21.19
CA ASP M 149 -38.06 -4.39 -20.48
C ASP M 149 -37.92 -5.16 -19.19
N ILE M 150 -37.11 -6.22 -19.23
CA ILE M 150 -36.88 -7.06 -18.07
C ILE M 150 -36.04 -6.30 -17.04
N ASP M 151 -35.00 -5.61 -17.49
CA ASP M 151 -34.18 -4.74 -16.65
C ASP M 151 -35.07 -3.83 -15.78
N LYS M 152 -36.02 -3.18 -16.45
CA LYS M 152 -37.00 -2.29 -15.83
C LYS M 152 -37.94 -3.04 -14.89
N THR M 153 -38.31 -4.25 -15.28
CA THR M 153 -39.25 -5.07 -14.49
C THR M 153 -38.60 -5.61 -13.21
N ILE M 154 -37.38 -6.12 -13.33
CA ILE M 154 -36.62 -6.59 -12.17
C ILE M 154 -36.50 -5.49 -11.12
N ASN M 155 -36.09 -4.31 -11.57
CA ASN M 155 -35.93 -3.18 -10.68
C ASN M 155 -37.21 -2.75 -10.01
N LEU M 156 -38.30 -2.71 -10.77
CA LEU M 156 -39.61 -2.33 -10.25
C LEU M 156 -40.09 -3.32 -9.20
N PHE M 157 -39.98 -4.61 -9.51
CA PHE M 157 -40.42 -5.65 -8.60
C PHE M 157 -39.54 -5.71 -7.36
N SER M 158 -38.25 -5.52 -7.54
CA SER M 158 -37.34 -5.58 -6.39
C SER M 158 -37.62 -4.44 -5.41
N GLU M 159 -37.82 -3.23 -5.94
CA GLU M 159 -38.09 -2.05 -5.11
C GLU M 159 -39.40 -2.19 -4.35
N ARG M 160 -40.38 -2.83 -5.01
CA ARG M 160 -41.67 -3.17 -4.41
C ARG M 160 -41.52 -4.24 -3.33
N LEU M 161 -40.78 -5.29 -3.67
CA LEU M 161 -40.56 -6.42 -2.77
C LEU M 161 -39.93 -5.97 -1.46
N ARG M 162 -38.89 -5.12 -1.56
CA ARG M 162 -38.20 -4.61 -0.38
C ARG M 162 -39.13 -3.80 0.52
N GLU M 163 -39.91 -2.91 -0.09
CA GLU M 163 -40.87 -2.09 0.63
C GLU M 163 -41.94 -2.94 1.28
N TRP M 164 -42.31 -4.02 0.59
CA TRP M 164 -43.34 -4.93 1.06
C TRP M 164 -42.85 -5.85 2.16
N TYR M 165 -41.71 -6.49 1.91
CA TYR M 165 -41.18 -7.49 2.83
C TYR M 165 -40.67 -6.84 4.11
N SER M 166 -40.28 -5.57 4.04
CA SER M 166 -39.75 -4.86 5.21
C SER M 166 -40.83 -4.56 6.25
N ILE M 167 -42.07 -4.92 5.95
CA ILE M 167 -43.15 -4.86 6.93
C ILE M 167 -42.88 -5.93 7.98
N HIS M 168 -42.31 -7.03 7.50
CA HIS M 168 -42.03 -8.19 8.33
C HIS M 168 -40.61 -8.17 8.89
N PHE M 169 -39.66 -7.74 8.05
CA PHE M 169 -38.24 -7.85 8.39
C PHE M 169 -37.48 -6.67 7.78
N PRO M 170 -37.62 -5.47 8.40
CA PRO M 170 -37.08 -4.22 7.88
C PRO M 170 -35.56 -4.16 7.84
N GLU M 171 -34.90 -4.77 8.82
CA GLU M 171 -33.44 -4.68 8.92
C GLU M 171 -32.74 -5.43 7.78
N LEU M 172 -33.48 -6.30 7.11
CA LEU M 172 -32.90 -7.11 6.05
C LEU M 172 -32.61 -6.27 4.80
N ASP M 173 -33.41 -5.23 4.62
CA ASP M 173 -33.34 -4.36 3.44
C ASP M 173 -31.96 -3.71 3.24
N LYS M 174 -31.46 -3.03 4.25
CA LYS M 174 -30.18 -2.35 4.16
C LYS M 174 -29.02 -3.31 4.35
N LEU M 175 -29.33 -4.57 4.63
CA LEU M 175 -28.29 -5.57 4.88
C LEU M 175 -27.88 -6.30 3.61
N ILE M 176 -28.77 -6.33 2.62
CA ILE M 176 -28.44 -6.97 1.34
C ILE M 176 -28.46 -5.95 0.21
N GLU M 177 -27.27 -5.63 -0.30
CA GLU M 177 -27.15 -4.62 -1.34
C GLU M 177 -27.80 -5.10 -2.64
N ASP M 178 -27.44 -6.31 -3.06
CA ASP M 178 -27.83 -6.84 -4.36
C ASP M 178 -29.27 -7.34 -4.34
N HIS M 179 -30.03 -7.01 -5.39
CA HIS M 179 -31.44 -7.41 -5.45
C HIS M 179 -31.67 -8.92 -5.52
N GLU M 180 -30.90 -9.63 -6.36
CA GLU M 180 -31.10 -11.08 -6.52
C GLU M 180 -30.91 -11.87 -5.23
N GLU M 181 -29.91 -11.48 -4.43
CA GLU M 181 -29.67 -12.11 -3.14
C GLU M 181 -30.89 -11.93 -2.24
N TYR M 182 -31.32 -10.68 -2.10
CA TYR M 182 -32.53 -10.33 -1.35
C TYR M 182 -33.72 -11.18 -1.79
N ALA M 183 -33.95 -11.25 -3.10
CA ALA M 183 -35.02 -12.06 -3.69
C ALA M 183 -34.95 -13.54 -3.33
N THR M 184 -33.74 -14.10 -3.39
CA THR M 184 -33.52 -15.51 -3.09
C THR M 184 -33.86 -15.84 -1.63
N ILE M 185 -33.53 -14.93 -0.73
CA ILE M 185 -33.80 -15.09 0.70
C ILE M 185 -35.30 -15.14 0.95
N VAL M 186 -36.02 -14.13 0.45
CA VAL M 186 -37.47 -14.05 0.63
C VAL M 186 -38.16 -15.28 0.02
N SER M 187 -37.64 -15.74 -1.11
CA SER M 187 -38.18 -16.91 -1.80
C SER M 187 -38.02 -18.22 -1.02
N ARG M 188 -36.81 -18.48 -0.56
CA ARG M 188 -36.48 -19.78 0.01
C ARG M 188 -37.04 -19.96 1.43
N PHE M 189 -37.07 -18.88 2.21
CA PHE M 189 -37.42 -18.98 3.62
C PHE M 189 -38.84 -18.47 3.90
N GLY M 190 -39.12 -17.23 3.50
CA GLY M 190 -40.40 -16.63 3.81
C GLY M 190 -40.30 -15.87 5.12
N ASP M 191 -40.89 -16.45 6.17
CA ASP M 191 -40.81 -15.87 7.50
C ASP M 191 -39.35 -15.74 7.94
N ARG M 192 -39.05 -14.69 8.70
CA ARG M 192 -37.69 -14.40 9.12
C ARG M 192 -37.21 -15.45 10.10
N GLY M 193 -38.16 -16.10 10.77
CA GLY M 193 -37.86 -17.11 11.77
C GLY M 193 -37.60 -18.52 11.26
N PHE M 194 -37.38 -18.65 9.96
CA PHE M 194 -37.05 -19.96 9.38
C PHE M 194 -35.59 -20.01 8.96
N LEU M 195 -34.89 -18.90 9.17
CA LEU M 195 -33.49 -18.81 8.76
C LEU M 195 -32.58 -19.69 9.61
N THR M 196 -31.75 -20.49 8.92
CA THR M 196 -30.75 -21.35 9.55
C THR M 196 -29.44 -21.29 8.78
N ILE M 197 -28.34 -21.49 9.49
CA ILE M 197 -27.01 -21.22 8.97
C ILE M 197 -26.66 -21.93 7.65
N ASP M 198 -27.01 -23.21 7.53
CA ASP M 198 -26.53 -24.00 6.40
C ASP M 198 -27.19 -23.61 5.09
N SER M 199 -28.47 -23.30 5.16
CA SER M 199 -29.22 -22.82 4.00
C SER M 199 -28.67 -21.51 3.46
N LEU M 200 -28.14 -20.67 4.35
CA LEU M 200 -27.60 -19.37 3.95
C LEU M 200 -26.17 -19.46 3.44
N LYS M 201 -25.42 -20.42 3.98
CA LYS M 201 -24.09 -20.74 3.49
C LYS M 201 -24.19 -21.21 2.03
N GLU M 202 -25.37 -21.68 1.67
CA GLU M 202 -25.62 -22.22 0.35
C GLU M 202 -25.68 -21.18 -0.79
N LEU M 203 -26.03 -19.93 -0.47
CA LEU M 203 -25.98 -18.86 -1.48
C LEU M 203 -24.59 -18.29 -1.75
N GLY M 204 -23.70 -18.43 -0.78
CA GLY M 204 -22.34 -17.94 -0.96
C GLY M 204 -22.01 -16.90 0.08
N PHE M 205 -22.97 -16.65 0.96
CA PHE M 205 -22.83 -15.64 1.99
C PHE M 205 -21.64 -15.96 2.88
N ASN M 206 -20.71 -15.01 3.04
CA ASN M 206 -19.60 -15.26 3.94
C ASN M 206 -20.20 -15.42 5.34
N GLU M 207 -19.58 -16.27 6.16
CA GLU M 207 -20.21 -16.66 7.42
C GLU M 207 -20.54 -15.48 8.32
N GLN M 208 -19.71 -14.44 8.25
CA GLN M 208 -19.89 -13.25 9.06
C GLN M 208 -21.20 -12.54 8.76
N ARG M 209 -21.55 -12.48 7.49
CA ARG M 209 -22.78 -11.78 7.08
C ARG M 209 -24.03 -12.57 7.45
N ILE M 210 -23.92 -13.88 7.38
CA ILE M 210 -25.00 -14.76 7.79
C ILE M 210 -25.40 -14.50 9.25
N ASN M 211 -24.37 -14.37 10.10
CA ASN M 211 -24.57 -14.14 11.52
C ASN M 211 -25.21 -12.78 11.77
N ARG M 212 -24.86 -11.80 10.94
CA ARG M 212 -25.45 -10.47 11.06
C ARG M 212 -26.93 -10.56 10.68
N ILE M 213 -27.23 -11.37 9.66
CA ILE M 213 -28.60 -11.64 9.25
C ILE M 213 -29.43 -12.29 10.35
N LEU M 214 -28.89 -13.36 10.92
CA LEU M 214 -29.59 -14.09 11.98
C LEU M 214 -29.83 -13.23 13.20
N ASP M 215 -28.84 -12.40 13.54
CA ASP M 215 -28.97 -11.51 14.70
C ASP M 215 -30.02 -10.43 14.43
N ALA M 216 -30.01 -9.88 13.21
CA ALA M 216 -30.96 -8.85 12.81
C ALA M 216 -32.38 -9.43 12.77
N ALA M 217 -32.49 -10.69 12.39
CA ALA M 217 -33.79 -11.37 12.36
C ALA M 217 -34.31 -11.61 13.76
N LYS M 218 -33.39 -11.93 14.67
CA LYS M 218 -33.72 -12.15 16.07
C LYS M 218 -34.25 -10.90 16.78
N LYS M 219 -33.52 -9.80 16.63
CA LYS M 219 -33.85 -8.53 17.29
C LYS M 219 -34.77 -7.65 16.45
N SER M 220 -35.39 -8.24 15.43
CA SER M 220 -36.17 -7.47 14.46
C SER M 220 -37.42 -6.80 15.05
N ILE M 221 -37.58 -5.52 14.72
CA ILE M 221 -38.76 -4.76 15.14
C ILE M 221 -39.82 -4.85 14.03
N GLY M 222 -39.79 -5.95 13.29
CA GLY M 222 -40.73 -6.14 12.21
C GLY M 222 -42.05 -6.65 12.75
N ALA M 223 -43.02 -6.81 11.87
CA ALA M 223 -44.35 -7.22 12.27
C ALA M 223 -44.49 -8.73 12.12
N ASP M 224 -45.19 -9.33 13.07
CA ASP M 224 -45.51 -10.75 13.00
C ASP M 224 -46.70 -10.94 12.07
N ILE M 225 -46.58 -11.88 11.14
CA ILE M 225 -47.45 -11.91 9.99
C ILE M 225 -47.83 -13.36 9.63
N SER M 226 -49.02 -13.54 9.07
CA SER M 226 -49.53 -14.89 8.78
C SER M 226 -48.80 -15.50 7.60
N GLU M 227 -48.97 -16.80 7.39
CA GLU M 227 -48.31 -17.48 6.29
C GLU M 227 -48.91 -17.14 4.94
N ASP M 228 -50.19 -16.77 4.94
CA ASP M 228 -50.84 -16.34 3.72
C ASP M 228 -50.20 -15.05 3.18
N ASP M 229 -50.02 -14.08 4.08
CA ASP M 229 -49.44 -12.79 3.72
C ASP M 229 -48.03 -12.94 3.15
N LEU M 230 -47.26 -13.87 3.71
CA LEU M 230 -45.88 -14.06 3.27
C LEU M 230 -45.83 -14.64 1.87
N SER M 231 -46.75 -15.57 1.56
CA SER M 231 -46.75 -16.22 0.26
C SER M 231 -47.05 -15.24 -0.86
N ALA M 232 -47.82 -14.20 -0.54
CA ALA M 232 -48.08 -13.11 -1.46
C ALA M 232 -46.77 -12.43 -1.85
N MET M 233 -45.96 -12.09 -0.85
CA MET M 233 -44.66 -11.48 -1.10
C MET M 233 -43.78 -12.39 -1.94
N ARG M 234 -43.76 -13.67 -1.58
CA ARG M 234 -42.89 -14.66 -2.22
C ARG M 234 -43.22 -14.89 -3.70
N MET M 235 -44.45 -14.58 -4.11
CA MET M 235 -44.79 -14.66 -5.53
C MET M 235 -43.94 -13.66 -6.30
N ILE M 236 -43.82 -12.45 -5.77
CA ILE M 236 -43.00 -11.44 -6.41
C ILE M 236 -41.55 -11.90 -6.38
N ALA M 237 -41.16 -12.46 -5.24
CA ALA M 237 -39.81 -12.94 -5.05
C ALA M 237 -39.43 -13.99 -6.10
N ASN M 238 -40.36 -14.89 -6.40
CA ASN M 238 -40.09 -15.94 -7.36
C ASN M 238 -39.98 -15.42 -8.79
N THR M 239 -40.77 -14.41 -9.11
CA THR M 239 -40.74 -13.80 -10.42
C THR M 239 -39.41 -13.08 -10.65
N ILE M 240 -38.93 -12.40 -9.61
CA ILE M 240 -37.64 -11.70 -9.68
C ILE M 240 -36.51 -12.66 -10.01
N LEU M 241 -36.50 -13.81 -9.34
CA LEU M 241 -35.48 -14.84 -9.62
C LEU M 241 -35.62 -15.38 -11.03
N ASP M 242 -36.85 -15.64 -11.43
CA ASP M 242 -37.19 -16.01 -12.79
C ASP M 242 -36.62 -15.04 -13.82
N LEU M 243 -36.88 -13.75 -13.62
CA LEU M 243 -36.48 -12.73 -14.57
C LEU M 243 -34.96 -12.72 -14.74
N TYR M 244 -34.25 -12.91 -13.64
CA TYR M 244 -32.80 -12.95 -13.66
C TYR M 244 -32.31 -14.07 -14.57
N ASN M 245 -33.03 -15.19 -14.57
CA ASN M 245 -32.68 -16.30 -15.44
C ASN M 245 -32.89 -15.95 -16.91
N ILE M 246 -34.05 -15.41 -17.22
CA ILE M 246 -34.36 -15.06 -18.60
C ILE M 246 -33.40 -14.00 -19.13
N ARG M 247 -33.06 -13.03 -18.27
CA ARG M 247 -32.16 -11.95 -18.69
C ARG M 247 -30.80 -12.50 -19.12
N ARG M 248 -30.29 -13.44 -18.34
CA ARG M 248 -29.02 -14.06 -18.66
C ARG M 248 -29.13 -14.90 -19.93
N ASN M 249 -30.27 -15.55 -20.12
CA ASN M 249 -30.54 -16.28 -21.35
C ASN M 249 -30.60 -15.36 -22.57
N LEU M 250 -31.23 -14.22 -22.39
CA LEU M 250 -31.34 -13.26 -23.49
C LEU M 250 -29.97 -12.67 -23.84
N ASN M 251 -29.13 -12.45 -22.83
CA ASN M 251 -27.77 -11.95 -23.06
C ASN M 251 -26.98 -12.94 -23.90
N ASN M 252 -27.14 -14.23 -23.62
CA ASN M 252 -26.51 -15.28 -24.41
C ASN M 252 -27.07 -15.34 -25.83
N TYR M 253 -28.38 -15.19 -25.94
CA TYR M 253 -29.05 -15.15 -27.24
C TYR M 253 -28.63 -13.91 -28.03
N LEU M 254 -28.63 -12.77 -27.37
CA LEU M 254 -28.29 -11.49 -28.00
C LEU M 254 -26.87 -11.54 -28.56
N GLU M 255 -25.94 -12.03 -27.73
CA GLU M 255 -24.54 -12.20 -28.11
C GLU M 255 -24.34 -13.00 -29.39
N GLY M 256 -25.13 -14.06 -29.56
CA GLY M 256 -25.01 -14.89 -30.74
C GLY M 256 -25.35 -14.14 -32.02
N VAL M 257 -26.50 -13.49 -32.01
CA VAL M 257 -27.00 -12.76 -33.17
C VAL M 257 -26.16 -11.53 -33.50
N MET M 258 -25.66 -10.87 -32.46
CA MET M 258 -24.96 -9.60 -32.65
C MET M 258 -23.60 -9.78 -33.29
N LYS M 259 -22.91 -10.85 -32.92
CA LYS M 259 -21.62 -11.16 -33.52
C LYS M 259 -21.86 -11.60 -34.95
N GLU M 260 -23.00 -12.23 -35.17
CA GLU M 260 -23.42 -12.66 -36.50
C GLU M 260 -23.74 -11.48 -37.42
N VAL M 261 -24.61 -10.58 -36.97
CA VAL M 261 -25.12 -9.53 -37.85
C VAL M 261 -24.28 -8.25 -37.83
N ALA M 262 -23.52 -8.02 -36.77
CA ALA M 262 -22.66 -6.83 -36.69
C ALA M 262 -21.48 -7.05 -35.75
N PRO M 263 -20.53 -7.90 -36.16
CA PRO M 263 -19.38 -8.26 -35.31
C PRO M 263 -18.51 -7.06 -34.95
N ASN M 264 -18.27 -6.18 -35.91
CA ASN M 264 -17.39 -5.03 -35.69
C ASN M 264 -17.97 -4.06 -34.66
N VAL M 265 -19.26 -3.79 -34.75
CA VAL M 265 -19.91 -2.96 -33.74
C VAL M 265 -19.81 -3.66 -32.39
N THR M 266 -20.07 -4.97 -32.39
CA THR M 266 -19.96 -5.78 -31.19
C THR M 266 -18.54 -5.74 -30.62
N ALA M 267 -17.56 -5.80 -31.50
CA ALA M 267 -16.16 -5.65 -31.13
C ALA M 267 -15.89 -4.35 -30.38
N LEU M 268 -16.59 -3.29 -30.76
CA LEU M 268 -16.38 -1.98 -30.15
C LEU M 268 -17.13 -1.80 -28.83
N VAL M 269 -18.40 -2.15 -28.80
CA VAL M 269 -19.22 -1.84 -27.62
C VAL M 269 -19.86 -3.05 -26.97
N GLY M 270 -19.64 -4.23 -27.54
CA GLY M 270 -20.23 -5.44 -26.96
C GLY M 270 -21.61 -5.68 -27.51
N PRO M 271 -22.19 -6.86 -27.22
CA PRO M 271 -23.50 -7.25 -27.74
C PRO M 271 -24.62 -6.31 -27.28
N ALA M 272 -24.73 -6.10 -25.98
CA ALA M 272 -25.83 -5.32 -25.41
C ALA M 272 -25.94 -3.90 -25.98
N LEU M 273 -24.88 -3.11 -25.84
CA LEU M 273 -24.91 -1.71 -26.31
C LEU M 273 -25.03 -1.60 -27.84
N GLY M 274 -24.47 -2.56 -28.56
CA GLY M 274 -24.58 -2.57 -30.02
C GLY M 274 -26.00 -2.71 -30.51
N ALA M 275 -26.72 -3.69 -29.94
CA ALA M 275 -28.14 -3.89 -30.25
C ALA M 275 -28.98 -2.66 -29.92
N ARG M 276 -28.72 -2.07 -28.76
CA ARG M 276 -29.42 -0.88 -28.30
C ARG M 276 -29.31 0.22 -29.35
N LEU M 277 -28.11 0.37 -29.93
CA LEU M 277 -27.86 1.38 -30.95
C LEU M 277 -28.61 1.10 -32.25
N LEU M 278 -28.75 -0.19 -32.58
CA LEU M 278 -29.60 -0.60 -33.70
C LEU M 278 -31.07 -0.25 -33.45
N SER M 279 -31.49 -0.42 -32.21
CA SER M 279 -32.87 -0.18 -31.80
C SER M 279 -33.28 1.28 -31.95
N ILE M 280 -32.38 2.19 -31.60
CA ILE M 280 -32.66 3.63 -31.68
C ILE M 280 -32.62 4.07 -33.13
N ALA M 281 -31.65 3.55 -33.89
CA ALA M 281 -31.50 3.89 -35.29
C ALA M 281 -32.60 3.26 -36.13
N GLY M 282 -33.01 2.05 -35.76
CA GLY M 282 -34.04 1.33 -36.49
C GLY M 282 -33.51 0.11 -37.21
N SER M 283 -32.32 0.23 -37.79
CA SER M 283 -31.68 -0.89 -38.47
C SER M 283 -30.17 -0.70 -38.54
N LEU M 284 -29.47 -1.71 -39.04
CA LEU M 284 -28.03 -1.60 -39.24
C LEU M 284 -27.71 -0.64 -40.39
N ASP M 285 -28.50 -0.74 -41.45
CA ASP M 285 -28.28 0.07 -42.63
C ASP M 285 -28.51 1.55 -42.35
N GLU M 286 -29.35 1.84 -41.37
CA GLU M 286 -29.58 3.22 -40.96
C GLU M 286 -28.45 3.71 -40.05
N LEU M 287 -27.95 2.82 -39.20
CA LEU M 287 -26.82 3.16 -38.33
C LEU M 287 -25.58 3.53 -39.14
N ALA M 288 -25.35 2.80 -40.23
CA ALA M 288 -24.21 3.02 -41.08
C ALA M 288 -24.21 4.42 -41.68
N LYS M 289 -25.38 4.89 -42.09
CA LYS M 289 -25.49 6.17 -42.76
C LYS M 289 -25.38 7.36 -41.82
N MET M 290 -25.27 7.09 -40.54
CA MET M 290 -25.24 8.15 -39.55
C MET M 290 -23.83 8.70 -39.37
N PRO M 291 -23.74 10.02 -39.13
CA PRO M 291 -22.46 10.60 -38.72
C PRO M 291 -22.15 10.25 -37.28
N ALA M 292 -20.87 10.34 -36.89
CA ALA M 292 -20.48 10.04 -35.53
C ALA M 292 -21.16 11.02 -34.58
N SER M 293 -21.38 12.25 -35.07
CA SER M 293 -22.01 13.30 -34.27
C SER M 293 -23.44 12.96 -33.92
N THR M 294 -24.02 12.03 -34.68
CA THR M 294 -25.35 11.52 -34.38
C THR M 294 -25.28 10.29 -33.47
N ILE M 295 -24.44 9.34 -33.86
CA ILE M 295 -24.22 8.13 -33.06
C ILE M 295 -23.80 8.44 -31.62
N GLN M 296 -23.04 9.53 -31.44
CA GLN M 296 -22.54 9.91 -30.13
C GLN M 296 -23.64 10.31 -29.17
N VAL M 297 -24.76 10.79 -29.71
CA VAL M 297 -25.81 11.36 -28.89
C VAL M 297 -27.12 10.59 -28.97
N LEU M 298 -27.12 9.44 -29.65
CA LEU M 298 -28.31 8.59 -29.69
C LEU M 298 -28.81 8.25 -28.29
N GLY M 299 -30.09 8.52 -28.03
CA GLY M 299 -30.65 8.27 -26.72
C GLY M 299 -30.67 9.48 -25.81
N ALA M 300 -30.25 10.63 -26.34
CA ALA M 300 -30.26 11.87 -25.58
C ALA M 300 -31.07 12.95 -26.28
N GLU M 301 -32.15 12.54 -26.94
CA GLU M 301 -32.94 13.47 -27.73
C GLU M 301 -33.57 14.63 -26.95
N LYS M 302 -34.05 14.37 -25.73
CA LYS M 302 -34.59 15.47 -24.93
C LYS M 302 -33.47 16.47 -24.67
N ALA M 303 -32.31 15.92 -24.36
CA ALA M 303 -31.13 16.71 -24.05
C ALA M 303 -30.66 17.48 -25.27
N LEU M 304 -30.74 16.84 -26.43
CA LEU M 304 -30.25 17.40 -27.69
C LEU M 304 -31.13 18.57 -28.14
N PHE M 305 -32.41 18.28 -28.30
CA PHE M 305 -33.33 19.26 -28.86
C PHE M 305 -33.59 20.41 -27.91
N ARG M 306 -33.27 20.21 -26.63
CA ARG M 306 -33.35 21.30 -25.67
C ARG M 306 -32.26 22.32 -25.95
N ALA M 307 -31.07 21.81 -26.26
CA ALA M 307 -29.93 22.66 -26.58
C ALA M 307 -30.12 23.36 -27.93
N LEU M 308 -30.77 22.66 -28.87
CA LEU M 308 -31.01 23.22 -30.19
C LEU M 308 -32.04 24.36 -30.14
N ARG M 309 -33.03 24.24 -29.26
CA ARG M 309 -34.07 25.26 -29.12
C ARG M 309 -33.62 26.52 -28.37
N SER M 310 -32.72 26.33 -27.41
CA SER M 310 -32.36 27.40 -26.48
C SER M 310 -30.95 27.93 -26.70
N GLY M 311 -30.18 27.22 -27.53
CA GLY M 311 -28.79 27.61 -27.76
C GLY M 311 -27.96 27.30 -26.53
N GLY M 312 -28.44 26.37 -25.72
CA GLY M 312 -27.73 25.93 -24.54
C GLY M 312 -26.73 24.82 -24.82
N ARG M 313 -26.29 24.15 -23.76
CA ARG M 313 -25.28 23.11 -23.87
C ARG M 313 -25.87 21.76 -24.33
N PRO M 314 -25.28 21.16 -25.38
CA PRO M 314 -25.69 19.86 -25.92
C PRO M 314 -25.14 18.70 -25.09
N PRO M 315 -25.70 17.49 -25.22
CA PRO M 315 -25.16 16.32 -24.53
C PRO M 315 -23.80 15.86 -25.06
N LYS M 316 -22.91 15.40 -24.18
CA LYS M 316 -21.61 14.89 -24.61
C LYS M 316 -21.78 13.48 -25.15
N HIS M 317 -22.79 12.79 -24.63
CA HIS M 317 -22.97 11.35 -24.87
C HIS M 317 -24.43 11.01 -24.65
N GLY M 318 -24.92 10.06 -25.43
CA GLY M 318 -26.29 9.59 -25.30
C GLY M 318 -26.35 8.24 -24.60
N ILE M 319 -26.77 7.20 -25.33
CA ILE M 319 -26.78 5.85 -24.78
C ILE M 319 -25.36 5.28 -24.76
N ILE M 320 -24.46 5.96 -25.46
CA ILE M 320 -23.05 5.61 -25.51
C ILE M 320 -22.43 5.68 -24.11
N PHE M 321 -23.09 6.44 -23.23
CA PHE M 321 -22.69 6.60 -21.83
C PHE M 321 -22.44 5.27 -21.11
N GLN M 322 -23.09 4.20 -21.58
CA GLN M 322 -22.96 2.88 -20.95
C GLN M 322 -21.60 2.23 -21.16
N TYR M 323 -20.88 2.69 -22.18
CA TYR M 323 -19.54 2.20 -22.44
C TYR M 323 -18.65 2.44 -21.22
N PRO M 324 -18.05 1.37 -20.67
CA PRO M 324 -17.22 1.36 -19.47
C PRO M 324 -16.23 2.53 -19.35
N ALA M 325 -15.48 2.79 -20.42
CA ALA M 325 -14.49 3.85 -20.44
C ALA M 325 -15.04 5.26 -20.14
N ILE M 326 -16.31 5.48 -20.46
CA ILE M 326 -16.89 6.82 -20.35
C ILE M 326 -17.37 7.19 -18.95
N HIS M 327 -18.30 6.41 -18.40
CA HIS M 327 -18.96 6.80 -17.16
C HIS M 327 -18.06 6.65 -15.94
N THR M 328 -16.94 5.94 -16.10
CA THR M 328 -15.94 5.84 -15.03
C THR M 328 -15.00 7.04 -14.97
N SER M 329 -14.73 7.63 -16.13
CA SER M 329 -13.86 8.80 -16.21
C SER M 329 -14.52 10.06 -15.65
N PRO M 330 -13.71 10.99 -15.13
CA PRO M 330 -14.22 12.30 -14.68
C PRO M 330 -14.99 13.03 -15.77
N ARG M 331 -15.79 14.00 -15.37
CA ARG M 331 -16.76 14.64 -16.26
C ARG M 331 -16.12 15.27 -17.49
N TRP M 332 -14.92 15.81 -17.33
CA TRP M 332 -14.27 16.53 -18.43
C TRP M 332 -13.64 15.58 -19.45
N GLN M 333 -13.38 14.35 -19.04
CA GLN M 333 -12.75 13.40 -19.95
C GLN M 333 -13.79 12.71 -20.82
N ARG M 334 -15.03 12.69 -20.36
CA ARG M 334 -16.12 11.96 -21.02
C ARG M 334 -16.32 12.42 -22.46
N GLY M 335 -16.36 13.74 -22.66
CA GLY M 335 -16.53 14.33 -23.97
C GLY M 335 -15.56 13.84 -25.02
N LYS M 336 -14.27 13.79 -24.68
CA LYS M 336 -13.25 13.36 -25.64
C LYS M 336 -13.32 11.86 -25.94
N ILE M 337 -13.61 11.07 -24.91
CA ILE M 337 -13.74 9.63 -25.05
C ILE M 337 -14.97 9.24 -25.86
N ALA M 338 -16.09 9.88 -25.56
CA ALA M 338 -17.35 9.65 -26.26
C ALA M 338 -17.22 10.03 -27.74
N ARG M 339 -16.71 11.22 -27.99
CA ARG M 339 -16.48 11.72 -29.35
C ARG M 339 -15.58 10.75 -30.12
N ALA M 340 -14.63 10.15 -29.42
CA ALA M 340 -13.70 9.20 -30.02
C ALA M 340 -14.35 7.86 -30.31
N LEU M 341 -15.20 7.40 -29.40
CA LEU M 341 -15.89 6.12 -29.57
C LEU M 341 -16.82 6.14 -30.78
N ALA M 342 -17.73 7.10 -30.81
CA ALA M 342 -18.69 7.29 -31.90
C ALA M 342 -18.02 7.36 -33.27
N ALA M 343 -16.86 7.99 -33.32
CA ALA M 343 -16.07 8.09 -34.54
C ALA M 343 -15.74 6.69 -35.07
N LYS M 344 -15.23 5.85 -34.19
CA LYS M 344 -14.90 4.47 -34.51
C LYS M 344 -16.16 3.63 -34.74
N LEU M 345 -17.21 3.94 -33.97
CA LEU M 345 -18.50 3.26 -34.11
C LEU M 345 -19.09 3.43 -35.50
N ALA M 346 -19.00 4.66 -36.01
CA ALA M 346 -19.53 4.99 -37.32
C ALA M 346 -18.81 4.18 -38.40
N ILE M 347 -17.49 4.10 -38.27
CA ILE M 347 -16.65 3.28 -39.15
C ILE M 347 -17.04 1.82 -39.02
N ALA M 348 -17.22 1.39 -37.78
CA ALA M 348 -17.66 0.04 -37.49
C ALA M 348 -19.01 -0.26 -38.12
N ALA M 349 -19.95 0.66 -37.98
CA ALA M 349 -21.29 0.48 -38.50
C ALA M 349 -21.27 0.33 -40.02
N ARG M 350 -20.44 1.12 -40.68
CA ARG M 350 -20.37 1.11 -42.13
C ARG M 350 -19.70 -0.16 -42.66
N VAL M 351 -18.61 -0.60 -42.02
CA VAL M 351 -17.96 -1.84 -42.46
C VAL M 351 -18.89 -3.01 -42.17
N ASP M 352 -19.66 -2.92 -41.09
CA ASP M 352 -20.61 -3.97 -40.76
C ASP M 352 -21.79 -4.05 -41.74
N ALA M 353 -22.40 -2.91 -42.05
CA ALA M 353 -23.62 -2.88 -42.87
C ALA M 353 -23.30 -3.18 -44.33
N PHE M 354 -22.23 -2.59 -44.82
CA PHE M 354 -21.78 -2.79 -46.19
C PHE M 354 -20.84 -3.98 -46.31
N SER M 355 -21.01 -4.93 -45.39
CA SER M 355 -20.56 -6.33 -45.56
C SER M 355 -19.07 -6.61 -45.38
N GLY M 356 -18.33 -5.67 -44.80
CA GLY M 356 -16.92 -5.90 -44.49
C GLY M 356 -16.65 -7.06 -43.52
N ARG M 357 -15.51 -7.75 -43.72
CA ARG M 357 -15.06 -8.78 -42.78
C ARG M 357 -14.48 -8.11 -41.52
N PHE M 358 -14.39 -8.87 -40.43
CA PHE M 358 -14.01 -8.32 -39.13
C PHE M 358 -12.70 -7.52 -39.12
N ILE M 359 -12.75 -6.32 -38.54
CA ILE M 359 -11.57 -5.49 -38.32
C ILE M 359 -11.61 -4.79 -36.96
N GLY M 360 -12.48 -5.26 -36.08
CA GLY M 360 -12.71 -4.61 -34.79
C GLY M 360 -11.48 -4.51 -33.91
N ASP M 361 -10.54 -5.43 -34.11
CA ASP M 361 -9.35 -5.49 -33.29
C ASP M 361 -8.52 -4.22 -33.36
N GLN M 362 -8.24 -3.76 -34.57
CA GLN M 362 -7.47 -2.52 -34.73
C GLN M 362 -8.31 -1.34 -34.28
N LEU M 363 -9.62 -1.43 -34.52
CA LEU M 363 -10.53 -0.40 -34.07
C LEU M 363 -10.48 -0.31 -32.54
N ASN M 364 -10.50 -1.47 -31.89
CA ASN M 364 -10.36 -1.50 -30.44
C ASN M 364 -9.00 -0.94 -30.00
N GLU M 365 -7.96 -1.33 -30.73
CA GLU M 365 -6.61 -0.86 -30.44
C GLU M 365 -6.47 0.65 -30.65
N GLN M 366 -6.95 1.13 -31.80
CA GLN M 366 -6.96 2.55 -32.11
C GLN M 366 -7.70 3.34 -31.03
N LEU M 367 -8.82 2.79 -30.58
CA LEU M 367 -9.63 3.44 -29.56
C LEU M 367 -8.86 3.49 -28.23
N LYS M 368 -8.32 2.34 -27.82
CA LYS M 368 -7.63 2.27 -26.53
C LYS M 368 -6.38 3.13 -26.50
N LYS M 369 -5.77 3.34 -27.67
CA LYS M 369 -4.68 4.28 -27.78
C LYS M 369 -5.15 5.70 -27.45
N ARG M 370 -6.22 6.14 -28.11
CA ARG M 370 -6.78 7.47 -27.89
C ARG M 370 -7.21 7.64 -26.43
N ILE M 371 -7.72 6.57 -25.84
CA ILE M 371 -8.14 6.60 -24.45
C ILE M 371 -6.93 6.80 -23.54
N ASP M 372 -5.87 6.05 -23.78
CA ASP M 372 -4.66 6.15 -22.96
C ASP M 372 -4.05 7.55 -23.02
N GLU M 373 -4.13 8.18 -24.20
CA GLU M 373 -3.59 9.53 -24.38
C GLU M 373 -4.38 10.57 -23.59
N ILE M 374 -5.71 10.48 -23.69
CA ILE M 374 -6.62 11.37 -22.98
C ILE M 374 -6.42 11.34 -21.46
N LYS M 375 -6.26 10.14 -20.92
CA LYS M 375 -6.17 9.93 -19.48
C LYS M 375 -4.84 10.44 -18.92
N GLU M 376 -3.86 10.65 -19.81
CA GLU M 376 -2.56 11.19 -19.41
C GLU M 376 -2.50 12.71 -19.50
N LYS M 377 -3.27 13.37 -18.64
CA LYS M 377 -3.25 14.82 -18.52
C LYS M 377 -3.82 15.26 -17.17
N ALA N 7 -11.36 -0.27 -56.61
CA ALA N 7 -12.30 -0.10 -55.51
C ALA N 7 -13.73 -0.37 -55.97
N SER N 8 -14.59 -0.71 -55.01
CA SER N 8 -15.94 -1.18 -55.32
C SER N 8 -17.03 -0.16 -55.02
N TYR N 9 -16.72 0.85 -54.19
CA TYR N 9 -17.67 1.90 -53.87
C TYR N 9 -17.64 3.00 -54.93
N VAL N 10 -16.72 2.85 -55.88
CA VAL N 10 -16.59 3.78 -56.99
C VAL N 10 -17.59 3.40 -58.09
N LYS N 11 -18.61 4.24 -58.28
CA LYS N 11 -19.72 3.91 -59.16
C LYS N 11 -19.38 4.05 -60.65
N PHE N 12 -18.68 5.12 -61.01
CA PHE N 12 -18.29 5.34 -62.40
C PHE N 12 -16.83 5.77 -62.56
N GLU N 13 -16.36 5.88 -63.80
CA GLU N 13 -14.95 6.15 -64.07
C GLU N 13 -14.65 7.60 -64.48
N VAL N 14 -13.86 8.29 -63.67
CA VAL N 14 -13.54 9.69 -63.91
C VAL N 14 -12.12 9.87 -64.44
N PRO N 15 -11.99 10.45 -65.64
CA PRO N 15 -10.69 10.77 -66.26
C PRO N 15 -9.93 11.83 -65.47
N GLN N 16 -8.61 11.76 -65.48
CA GLN N 16 -7.78 12.61 -64.63
C GLN N 16 -7.91 14.11 -64.89
N ASP N 17 -8.33 14.49 -66.09
CA ASP N 17 -8.57 15.90 -66.40
C ASP N 17 -9.76 16.47 -65.62
N LEU N 18 -10.84 15.69 -65.51
CA LEU N 18 -12.00 16.09 -64.73
C LEU N 18 -11.66 16.14 -63.24
N ALA N 19 -11.01 15.09 -62.75
CA ALA N 19 -10.56 15.00 -61.36
C ALA N 19 -9.75 16.22 -60.97
N ASP N 20 -9.00 16.75 -61.93
CA ASP N 20 -8.19 17.93 -61.71
C ASP N 20 -9.07 19.18 -61.73
N LYS N 21 -10.06 19.20 -62.62
CA LYS N 21 -11.01 20.32 -62.69
C LYS N 21 -11.85 20.37 -61.42
N VAL N 22 -12.01 19.20 -60.80
CA VAL N 22 -12.67 19.08 -59.52
C VAL N 22 -11.83 19.75 -58.44
N LEU N 23 -10.60 19.25 -58.29
CA LEU N 23 -9.68 19.73 -57.28
C LEU N 23 -9.51 21.26 -57.26
N GLU N 24 -9.45 21.86 -58.45
CA GLU N 24 -9.33 23.31 -58.54
C GLU N 24 -10.66 23.94 -58.07
N ALA N 25 -11.77 23.37 -58.51
CA ALA N 25 -13.11 23.86 -58.15
C ALA N 25 -13.30 23.89 -56.64
N VAL N 26 -12.73 22.89 -55.97
CA VAL N 26 -12.78 22.86 -54.52
C VAL N 26 -11.98 24.05 -53.97
N ARG N 27 -10.75 24.20 -54.47
CA ARG N 27 -9.84 25.25 -53.99
C ARG N 27 -10.39 26.66 -54.15
N LYS N 28 -10.98 26.94 -55.30
CA LYS N 28 -11.59 28.24 -55.53
C LYS N 28 -12.80 28.42 -54.62
N ALA N 29 -13.42 27.32 -54.22
CA ALA N 29 -14.56 27.37 -53.33
C ALA N 29 -14.12 27.65 -51.89
N LYS N 30 -12.86 27.33 -51.56
CA LYS N 30 -12.28 27.75 -50.29
C LYS N 30 -12.09 29.25 -50.20
N GLU N 31 -11.58 29.82 -51.30
CA GLU N 31 -11.28 31.25 -51.38
C GLU N 31 -12.56 32.07 -51.41
N SER N 32 -13.46 31.72 -52.31
CA SER N 32 -14.64 32.55 -52.62
C SER N 32 -15.95 32.04 -52.05
N GLY N 33 -16.03 30.76 -51.71
CA GLY N 33 -17.28 30.23 -51.19
C GLY N 33 -17.16 29.51 -49.85
N LYS N 34 -18.03 28.53 -49.65
CA LYS N 34 -18.05 27.71 -48.45
C LYS N 34 -18.12 26.22 -48.78
N ILE N 35 -17.16 25.45 -48.26
CA ILE N 35 -17.14 24.00 -48.42
C ILE N 35 -17.17 23.28 -47.08
N LYS N 36 -17.35 21.96 -47.13
CA LYS N 36 -17.25 21.14 -45.94
C LYS N 36 -16.21 20.05 -46.19
N LYS N 37 -15.36 19.80 -45.21
CA LYS N 37 -14.25 18.87 -45.37
C LYS N 37 -14.33 17.79 -44.29
N GLY N 38 -14.24 16.53 -44.71
CA GLY N 38 -14.38 15.39 -43.81
C GLY N 38 -15.64 14.61 -44.13
N THR N 39 -15.64 13.30 -43.87
CA THR N 39 -16.77 12.47 -44.25
C THR N 39 -18.01 12.72 -43.39
N ASN N 40 -17.80 12.93 -42.10
CA ASN N 40 -18.91 13.19 -41.20
C ASN N 40 -19.54 14.57 -41.46
N GLU N 41 -18.71 15.57 -41.74
CA GLU N 41 -19.23 16.90 -42.07
C GLU N 41 -19.87 16.89 -43.46
N THR N 42 -19.34 16.04 -44.35
CA THR N 42 -19.90 15.85 -45.69
C THR N 42 -21.25 15.15 -45.62
N THR N 43 -21.33 14.12 -44.80
CA THR N 43 -22.56 13.37 -44.56
C THR N 43 -23.68 14.25 -44.01
N LYS N 44 -23.39 15.03 -42.97
CA LYS N 44 -24.39 15.93 -42.41
C LYS N 44 -24.83 16.96 -43.45
N ALA N 45 -23.89 17.33 -44.31
CA ALA N 45 -24.14 18.34 -45.33
C ALA N 45 -25.10 17.84 -46.40
N VAL N 46 -25.07 16.53 -46.64
CA VAL N 46 -25.94 15.90 -47.62
C VAL N 46 -27.33 15.71 -47.05
N GLU N 47 -27.38 15.24 -45.80
CA GLU N 47 -28.62 15.08 -45.06
C GLU N 47 -29.43 16.38 -45.00
N ARG N 48 -28.72 17.50 -44.86
CA ARG N 48 -29.35 18.81 -44.72
C ARG N 48 -29.67 19.43 -46.10
N GLY N 49 -29.14 18.83 -47.16
CA GLY N 49 -29.38 19.31 -48.51
C GLY N 49 -28.76 20.66 -48.78
N GLN N 50 -27.67 20.96 -48.08
CA GLN N 50 -26.97 22.22 -48.27
C GLN N 50 -25.96 22.11 -49.41
N ALA N 51 -25.38 20.93 -49.55
CA ALA N 51 -24.31 20.69 -50.52
C ALA N 51 -24.83 20.60 -51.94
N LYS N 52 -24.08 21.15 -52.88
CA LYS N 52 -24.42 21.05 -54.29
C LYS N 52 -23.59 19.96 -54.96
N LEU N 53 -22.38 19.72 -54.47
CA LEU N 53 -21.49 18.73 -55.06
C LEU N 53 -20.65 18.01 -54.02
N VAL N 54 -20.60 16.69 -54.13
CA VAL N 54 -19.84 15.87 -53.19
C VAL N 54 -18.62 15.20 -53.83
N ILE N 55 -17.46 15.38 -53.20
CA ILE N 55 -16.23 14.82 -53.73
C ILE N 55 -15.77 13.67 -52.86
N ILE N 56 -15.58 12.51 -53.47
CA ILE N 56 -15.19 11.30 -52.75
C ILE N 56 -13.89 10.69 -53.26
N ALA N 57 -13.03 10.28 -52.34
CA ALA N 57 -11.72 9.71 -52.69
C ALA N 57 -11.81 8.23 -53.06
N GLU N 58 -10.86 7.79 -53.89
CA GLU N 58 -10.82 6.40 -54.38
C GLU N 58 -9.85 5.53 -53.59
N ASP N 59 -9.07 6.13 -52.69
CA ASP N 59 -8.05 5.41 -51.93
C ASP N 59 -8.28 5.46 -50.43
N VAL N 60 -9.54 5.33 -50.01
CA VAL N 60 -9.86 5.35 -48.58
C VAL N 60 -9.62 3.98 -47.96
N GLN N 61 -9.22 3.96 -46.70
CA GLN N 61 -8.92 2.71 -46.01
C GLN N 61 -9.56 2.66 -44.63
N PRO N 62 -10.54 1.77 -44.40
CA PRO N 62 -11.13 0.77 -45.29
C PRO N 62 -12.24 1.35 -46.20
N GLU N 63 -12.52 0.66 -47.30
CA GLU N 63 -13.46 1.10 -48.32
C GLU N 63 -14.80 1.63 -47.81
N GLU N 64 -15.40 0.90 -46.88
CA GLU N 64 -16.77 1.16 -46.42
C GLU N 64 -17.01 2.50 -45.71
N ILE N 65 -15.94 3.19 -45.35
CA ILE N 65 -16.05 4.45 -44.63
C ILE N 65 -16.92 5.49 -45.36
N VAL N 66 -16.80 5.54 -46.69
CA VAL N 66 -17.51 6.52 -47.51
C VAL N 66 -18.52 5.88 -48.45
N ALA N 67 -18.68 4.56 -48.32
CA ALA N 67 -19.57 3.78 -49.18
C ALA N 67 -21.04 4.17 -49.05
N HIS N 68 -21.40 4.79 -47.93
CA HIS N 68 -22.80 5.16 -47.70
C HIS N 68 -23.15 6.44 -48.47
N LEU N 69 -22.13 7.20 -48.85
CA LEU N 69 -22.35 8.46 -49.55
C LEU N 69 -23.05 8.32 -50.93
N PRO N 70 -22.70 7.31 -51.76
CA PRO N 70 -23.50 7.11 -52.98
C PRO N 70 -24.99 6.91 -52.71
N LEU N 71 -25.31 6.09 -51.74
CA LEU N 71 -26.70 5.85 -51.34
C LEU N 71 -27.38 7.12 -50.87
N LEU N 72 -26.75 7.82 -49.93
CA LEU N 72 -27.33 9.02 -49.32
C LEU N 72 -27.50 10.14 -50.35
N CYS N 73 -26.50 10.28 -51.21
CA CYS N 73 -26.49 11.33 -52.22
C CYS N 73 -27.54 11.08 -53.29
N ASP N 74 -27.91 9.82 -53.48
CA ASP N 74 -28.92 9.47 -54.49
C ASP N 74 -30.33 9.73 -53.98
N GLU N 75 -30.53 9.59 -52.68
CA GLU N 75 -31.80 9.94 -52.06
C GLU N 75 -32.08 11.45 -52.16
N LYS N 76 -31.08 12.25 -51.84
CA LYS N 76 -31.24 13.71 -51.88
C LYS N 76 -30.80 14.29 -53.23
N LYS N 77 -30.44 13.40 -54.14
CA LYS N 77 -30.09 13.75 -55.52
C LYS N 77 -28.99 14.80 -55.64
N ILE N 78 -27.94 14.67 -54.84
CA ILE N 78 -26.77 15.53 -54.94
C ILE N 78 -25.68 14.79 -55.74
N PRO N 79 -25.14 15.44 -56.78
CA PRO N 79 -24.12 14.79 -57.62
C PRO N 79 -22.80 14.57 -56.89
N TYR N 80 -22.15 13.45 -57.17
CA TYR N 80 -20.86 13.16 -56.55
C TYR N 80 -19.81 12.80 -57.59
N VAL N 81 -18.55 13.07 -57.26
CA VAL N 81 -17.45 12.89 -58.21
C VAL N 81 -16.27 12.27 -57.46
N TYR N 82 -15.41 11.55 -58.17
CA TYR N 82 -14.25 10.91 -57.56
C TYR N 82 -12.92 11.53 -57.93
N VAL N 83 -11.97 11.46 -57.00
CA VAL N 83 -10.58 11.78 -57.26
C VAL N 83 -9.72 10.59 -56.88
N SER N 84 -8.48 10.57 -57.35
CA SER N 84 -7.61 9.41 -57.13
C SER N 84 -6.90 9.44 -55.77
N SER N 85 -6.48 10.62 -55.34
CA SER N 85 -5.73 10.73 -54.09
C SER N 85 -6.47 11.49 -53.00
N LYS N 86 -6.49 10.91 -51.80
CA LYS N 86 -7.13 11.53 -50.65
C LYS N 86 -6.23 12.61 -50.06
N LYS N 87 -4.91 12.38 -50.09
CA LYS N 87 -3.95 13.36 -49.63
C LYS N 87 -4.02 14.63 -50.47
N ALA N 88 -4.20 14.45 -51.77
CA ALA N 88 -4.30 15.57 -52.71
C ALA N 88 -5.56 16.35 -52.46
N LEU N 89 -6.65 15.64 -52.15
CA LEU N 89 -7.93 16.28 -51.89
C LEU N 89 -7.90 17.02 -50.56
N GLY N 90 -7.27 16.42 -49.57
CA GLY N 90 -7.10 17.04 -48.26
C GLY N 90 -6.20 18.26 -48.32
N GLU N 91 -5.08 18.13 -49.02
CA GLU N 91 -4.12 19.22 -49.15
C GLU N 91 -4.66 20.29 -50.12
N ALA N 92 -5.63 19.91 -50.94
CA ALA N 92 -6.45 20.88 -51.67
C ALA N 92 -7.35 21.64 -50.71
N CYS N 93 -8.02 20.89 -49.84
CA CYS N 93 -9.07 21.42 -48.94
C CYS N 93 -8.60 22.49 -47.95
N GLY N 94 -7.30 22.76 -47.95
CA GLY N 94 -6.71 23.72 -47.05
C GLY N 94 -6.19 23.03 -45.80
N LEU N 95 -5.99 21.73 -45.91
CA LEU N 95 -5.42 20.94 -44.83
C LEU N 95 -4.02 20.48 -45.22
N GLN N 96 -3.18 20.21 -44.23
CA GLN N 96 -1.88 19.62 -44.53
C GLN N 96 -1.94 18.14 -44.24
N VAL N 97 -3.16 17.67 -43.97
CA VAL N 97 -3.43 16.26 -43.79
C VAL N 97 -4.40 15.79 -44.87
N ALA N 98 -4.51 14.49 -45.04
CA ALA N 98 -5.41 13.92 -46.04
C ALA N 98 -6.87 14.15 -45.67
N THR N 99 -7.77 13.86 -46.61
CA THR N 99 -9.22 13.80 -46.36
C THR N 99 -9.86 12.74 -47.24
N ALA N 100 -10.84 12.02 -46.71
CA ALA N 100 -11.47 10.93 -47.44
C ALA N 100 -12.63 11.39 -48.34
N SER N 101 -13.31 12.47 -47.95
CA SER N 101 -14.39 13.03 -48.77
C SER N 101 -14.71 14.47 -48.39
N ALA N 102 -15.24 15.23 -49.35
CA ALA N 102 -15.60 16.62 -49.12
C ALA N 102 -16.88 16.99 -49.89
N ALA N 103 -17.40 18.17 -49.59
CA ALA N 103 -18.62 18.66 -50.24
C ALA N 103 -18.53 20.18 -50.46
N ILE N 104 -19.04 20.64 -51.59
CA ILE N 104 -19.12 22.07 -51.87
C ILE N 104 -20.52 22.60 -51.55
N LEU N 105 -20.60 23.57 -50.64
CA LEU N 105 -21.89 24.13 -50.27
C LEU N 105 -22.22 25.34 -51.15
N GLU N 106 -21.23 26.20 -51.33
CA GLU N 106 -21.37 27.37 -52.19
C GLU N 106 -20.13 27.52 -53.08
N PRO N 107 -20.33 27.47 -54.40
CA PRO N 107 -19.21 27.50 -55.35
C PRO N 107 -18.53 28.86 -55.42
N GLY N 108 -19.31 29.95 -55.39
CA GLY N 108 -18.75 31.29 -55.50
C GLY N 108 -18.08 31.50 -56.84
N GLU N 109 -16.78 31.79 -56.80
CA GLU N 109 -15.98 31.96 -58.01
C GLU N 109 -15.54 30.58 -58.53
N ALA N 110 -16.46 29.63 -58.50
CA ALA N 110 -16.25 28.31 -59.06
C ALA N 110 -17.57 27.79 -59.59
N LYS N 111 -18.58 28.67 -59.59
CA LYS N 111 -19.93 28.35 -60.09
C LYS N 111 -19.93 27.76 -61.50
N ASP N 112 -19.31 28.45 -62.44
CA ASP N 112 -19.20 27.98 -63.82
C ASP N 112 -18.33 26.72 -63.90
N LEU N 113 -17.25 26.71 -63.13
CA LEU N 113 -16.33 25.57 -63.11
C LEU N 113 -17.02 24.32 -62.58
N VAL N 114 -17.82 24.49 -61.53
CA VAL N 114 -18.57 23.38 -60.94
C VAL N 114 -19.70 22.93 -61.86
N ASP N 115 -20.44 23.89 -62.42
CA ASP N 115 -21.57 23.60 -63.28
C ASP N 115 -21.19 22.73 -64.47
N GLU N 116 -19.96 22.88 -64.94
CA GLU N 116 -19.45 22.03 -66.01
C GLU N 116 -19.13 20.65 -65.48
N ILE N 117 -18.65 20.60 -64.23
CA ILE N 117 -18.32 19.33 -63.59
C ILE N 117 -19.57 18.49 -63.35
N ILE N 118 -20.59 19.09 -62.76
CA ILE N 118 -21.83 18.37 -62.46
C ILE N 118 -22.57 18.00 -63.75
N LYS N 119 -22.15 18.59 -64.86
CA LYS N 119 -22.75 18.28 -66.16
C LYS N 119 -21.88 17.35 -67.00
N ARG N 120 -20.57 17.33 -66.76
CA ARG N 120 -19.75 16.33 -67.43
C ARG N 120 -20.00 14.97 -66.80
N VAL N 121 -20.17 14.95 -65.48
CA VAL N 121 -20.38 13.70 -64.76
C VAL N 121 -21.76 13.10 -64.99
N ASN N 122 -22.68 13.91 -65.51
CA ASN N 122 -23.98 13.41 -65.94
C ASN N 122 -23.88 12.56 -67.20
N GLU N 123 -23.07 13.03 -68.15
CA GLU N 123 -22.92 12.35 -69.44
C GLU N 123 -22.23 11.00 -69.33
N ILE N 124 -21.15 10.93 -68.55
CA ILE N 124 -20.40 9.70 -68.37
C ILE N 124 -21.24 8.73 -67.52
N LYS N 125 -22.32 9.27 -66.96
CA LYS N 125 -23.24 8.49 -66.17
C LYS N 125 -24.38 8.05 -67.10
N GLY N 126 -24.26 8.45 -68.36
CA GLY N 126 -25.25 8.12 -69.38
C GLY N 126 -26.58 8.83 -69.27
N LYS N 127 -26.55 10.14 -69.03
CA LYS N 127 -27.78 10.93 -68.87
C LYS N 127 -28.15 11.80 -70.08
N THR N 128 -29.41 11.72 -70.47
CA THR N 128 -29.96 12.55 -71.55
C THR N 128 -30.81 13.68 -70.98
N ILE O 5 -81.66 11.64 -36.59
CA ILE O 5 -80.55 11.48 -37.52
C ILE O 5 -80.96 11.87 -38.93
N THR O 6 -80.03 12.43 -39.68
CA THR O 6 -80.26 12.78 -41.08
C THR O 6 -78.94 12.89 -41.83
N VAL O 7 -78.94 12.49 -43.09
CA VAL O 7 -77.75 12.61 -43.93
C VAL O 7 -78.03 13.45 -45.17
N LYS O 8 -77.09 14.32 -45.53
CA LYS O 8 -77.25 15.16 -46.71
C LYS O 8 -75.90 15.46 -47.37
N GLN O 9 -75.93 15.60 -48.69
CA GLN O 9 -74.76 15.92 -49.49
C GLN O 9 -74.13 17.27 -49.12
N THR O 10 -72.85 17.44 -49.44
CA THR O 10 -72.19 18.73 -49.28
C THR O 10 -71.81 19.28 -50.65
N ASN O 11 -71.15 20.44 -50.68
CA ASN O 11 -70.71 21.05 -51.94
C ASN O 11 -69.81 20.13 -52.76
N MET O 12 -69.20 19.16 -52.09
CA MET O 12 -68.25 18.26 -52.72
C MET O 12 -68.83 16.85 -52.85
N GLU O 13 -68.54 16.21 -53.97
CA GLU O 13 -69.06 14.86 -54.28
C GLU O 13 -68.86 13.81 -53.21
N ASN O 14 -69.88 12.97 -53.05
CA ASN O 14 -69.88 11.84 -52.11
C ASN O 14 -69.34 12.16 -50.72
N ILE O 15 -69.59 13.38 -50.26
CA ILE O 15 -69.21 13.81 -48.93
C ILE O 15 -70.44 14.38 -48.23
N TYR O 16 -70.72 13.85 -47.04
CA TYR O 16 -71.99 14.13 -46.39
C TYR O 16 -71.82 14.64 -44.97
N GLU O 17 -72.84 15.34 -44.48
CA GLU O 17 -72.89 15.80 -43.11
C GLU O 17 -74.06 15.11 -42.42
N CYS O 18 -73.97 14.87 -41.12
CA CYS O 18 -75.07 14.29 -40.37
C CYS O 18 -75.59 15.20 -39.28
N GLU O 19 -76.91 15.44 -39.30
CA GLU O 19 -77.58 16.00 -38.13
C GLU O 19 -77.71 14.84 -37.16
N PHE O 20 -77.37 15.07 -35.89
CA PHE O 20 -77.34 13.97 -34.94
C PHE O 20 -78.37 14.08 -33.84
N ASN O 21 -78.56 12.97 -33.13
CA ASN O 21 -79.42 12.88 -31.95
C ASN O 21 -79.25 14.04 -30.97
N ASP O 22 -78.05 14.60 -30.94
CA ASP O 22 -77.69 15.65 -29.98
C ASP O 22 -77.72 17.04 -30.63
N GLY O 23 -77.47 17.08 -31.92
CA GLY O 23 -77.43 18.33 -32.66
C GLY O 23 -76.04 18.67 -33.15
N SER O 24 -75.26 17.64 -33.46
CA SER O 24 -73.94 17.83 -34.04
C SER O 24 -73.89 17.55 -35.53
N PHE O 25 -72.87 18.08 -36.19
CA PHE O 25 -72.65 17.85 -37.61
C PHE O 25 -71.29 17.20 -37.76
N ARG O 26 -71.28 15.95 -38.21
CA ARG O 26 -70.01 15.26 -38.41
C ARG O 26 -69.86 14.73 -39.82
N LEU O 27 -68.65 14.85 -40.35
CA LEU O 27 -68.37 14.40 -41.71
C LEU O 27 -68.51 12.88 -41.81
N CYS O 28 -68.88 12.42 -42.99
CA CYS O 28 -68.96 10.99 -43.26
C CYS O 28 -68.84 10.76 -44.76
N THR O 29 -68.47 9.55 -45.14
CA THR O 29 -68.36 9.21 -46.56
C THR O 29 -69.14 7.94 -46.84
N ARG O 30 -69.49 7.75 -48.10
CA ARG O 30 -70.31 6.62 -48.51
C ARG O 30 -69.51 5.33 -48.52
N ASN O 31 -69.94 4.36 -47.71
CA ASN O 31 -69.17 3.16 -47.46
C ASN O 31 -69.11 2.24 -48.68
N LEU O 32 -67.92 2.11 -49.26
CA LEU O 32 -67.73 1.23 -50.41
C LEU O 32 -67.87 -0.24 -50.05
N VAL O 33 -67.49 -0.60 -48.83
CA VAL O 33 -67.61 -1.97 -48.36
C VAL O 33 -68.36 -2.03 -47.05
N PRO O 34 -69.69 -1.98 -47.11
CA PRO O 34 -70.60 -1.91 -45.95
C PRO O 34 -70.34 -3.01 -44.93
N ASN O 35 -70.61 -2.71 -43.67
CA ASN O 35 -70.37 -3.57 -42.50
C ASN O 35 -68.90 -3.65 -42.08
N PHE O 36 -68.05 -2.84 -42.70
CA PHE O 36 -66.62 -2.90 -42.42
C PHE O 36 -65.95 -1.54 -42.18
N ASN O 37 -65.21 -1.47 -41.08
CA ASN O 37 -64.54 -0.24 -40.67
C ASN O 37 -63.03 -0.41 -40.65
N VAL O 38 -62.32 0.59 -41.16
CA VAL O 38 -60.86 0.49 -41.28
C VAL O 38 -60.21 0.84 -39.92
N TYR O 39 -60.76 1.82 -39.21
CA TYR O 39 -60.39 2.04 -37.82
C TYR O 39 -61.59 1.73 -36.91
N GLY O 40 -61.78 2.49 -35.85
CA GLY O 40 -62.89 2.23 -34.94
C GLY O 40 -64.17 2.98 -35.26
N GLU O 41 -64.21 3.64 -36.42
CA GLU O 41 -65.27 4.59 -36.73
C GLU O 41 -66.68 4.02 -36.67
N ARG O 42 -67.61 4.90 -36.33
CA ARG O 42 -69.03 4.60 -36.32
C ARG O 42 -69.54 4.33 -37.74
N LEU O 43 -70.34 3.29 -37.89
CA LEU O 43 -71.05 3.06 -39.14
C LEU O 43 -72.49 3.55 -39.02
N ILE O 44 -72.96 4.28 -40.03
CA ILE O 44 -74.28 4.88 -39.96
C ILE O 44 -75.16 4.55 -41.17
N LYS O 45 -76.35 4.01 -40.88
CA LYS O 45 -77.39 3.83 -41.88
C LYS O 45 -78.47 4.92 -41.82
N TYR O 46 -78.82 5.48 -42.98
CA TYR O 46 -79.91 6.43 -43.07
C TYR O 46 -80.62 6.25 -44.41
N GLU O 47 -81.92 5.97 -44.34
CA GLU O 47 -82.68 5.48 -45.49
C GLU O 47 -81.94 4.35 -46.19
N GLY O 48 -81.46 3.39 -45.40
CA GLY O 48 -80.80 2.18 -45.89
C GLY O 48 -79.53 2.30 -46.71
N VAL O 49 -78.77 3.39 -46.52
CA VAL O 49 -77.47 3.53 -47.16
C VAL O 49 -76.43 3.78 -46.08
N GLU O 50 -75.28 3.11 -46.17
CA GLU O 50 -74.30 3.17 -45.08
C GLU O 50 -73.14 4.12 -45.35
N TYR O 51 -72.84 4.94 -44.35
CA TYR O 51 -71.76 5.91 -44.44
C TYR O 51 -70.71 5.64 -43.36
N ARG O 52 -69.47 6.04 -43.63
CA ARG O 52 -68.36 5.90 -42.67
C ARG O 52 -68.06 7.23 -42.00
N GLU O 53 -68.05 7.26 -40.66
CA GLU O 53 -67.78 8.51 -39.96
C GLU O 53 -66.33 8.93 -40.15
N TRP O 54 -66.14 10.16 -40.64
CA TRP O 54 -64.84 10.66 -41.04
C TRP O 54 -64.24 11.55 -39.96
N ASN O 55 -63.47 10.97 -39.04
CA ASN O 55 -62.88 11.75 -37.96
C ASN O 55 -61.84 12.75 -38.44
N ALA O 56 -62.11 14.03 -38.22
CA ALA O 56 -61.23 15.09 -38.69
C ALA O 56 -59.91 15.13 -37.94
N PHE O 57 -59.93 14.69 -36.69
CA PHE O 57 -58.73 14.67 -35.87
C PHE O 57 -57.71 13.64 -36.38
N ARG O 58 -58.19 12.66 -37.13
CA ARG O 58 -57.32 11.61 -37.68
C ARG O 58 -56.94 11.87 -39.13
N SER O 59 -57.90 12.32 -39.92
CA SER O 59 -57.67 12.53 -41.35
C SER O 59 -57.51 13.99 -41.69
N LYS O 60 -56.36 14.32 -42.28
CA LYS O 60 -56.05 15.69 -42.65
C LYS O 60 -57.03 16.22 -43.68
N LEU O 61 -57.56 15.35 -44.52
CA LEU O 61 -58.51 15.75 -45.54
C LEU O 61 -59.79 16.25 -44.90
N ALA O 62 -60.27 15.52 -43.89
CA ALA O 62 -61.46 15.91 -43.15
C ALA O 62 -61.26 17.22 -42.41
N GLY O 63 -60.05 17.42 -41.90
CA GLY O 63 -59.69 18.67 -41.25
C GLY O 63 -59.72 19.84 -42.22
N ALA O 64 -59.09 19.64 -43.37
CA ALA O 64 -59.01 20.68 -44.40
C ALA O 64 -60.40 21.10 -44.84
N ILE O 65 -61.31 20.15 -44.87
CA ILE O 65 -62.70 20.40 -45.19
C ILE O 65 -63.34 21.28 -44.12
N LEU O 66 -63.22 20.86 -42.86
CA LEU O 66 -63.79 21.61 -41.75
C LEU O 66 -63.14 22.97 -41.52
N LYS O 67 -62.08 23.25 -42.26
CA LYS O 67 -61.43 24.55 -42.17
C LYS O 67 -61.68 25.37 -43.44
N GLY O 68 -62.66 24.97 -44.23
CA GLY O 68 -63.06 25.78 -45.38
C GLY O 68 -62.46 25.41 -46.73
N LEU O 69 -62.26 24.12 -47.00
CA LEU O 69 -61.75 23.70 -48.31
C LEU O 69 -62.64 24.20 -49.45
N LYS O 70 -62.10 25.14 -50.20
CA LYS O 70 -62.82 25.85 -51.25
C LYS O 70 -63.43 24.87 -52.24
N THR O 71 -62.56 24.06 -52.84
CA THR O 71 -62.95 23.09 -53.84
C THR O 71 -62.18 21.80 -53.60
N ASN O 72 -62.79 20.68 -53.92
CA ASN O 72 -62.12 19.39 -53.74
C ASN O 72 -61.81 18.71 -55.06
N PRO O 73 -60.51 18.53 -55.36
CA PRO O 73 -60.12 17.87 -56.60
C PRO O 73 -60.27 16.36 -56.52
N ILE O 74 -60.59 15.84 -55.34
CA ILE O 74 -60.85 14.40 -55.20
C ILE O 74 -62.35 14.16 -55.18
N ARG O 75 -62.84 13.51 -56.23
CA ARG O 75 -64.27 13.26 -56.39
C ARG O 75 -64.51 11.92 -57.06
N LYS O 76 -65.76 11.70 -57.48
CA LYS O 76 -66.13 10.51 -58.23
C LYS O 76 -65.19 10.24 -59.39
N GLY O 77 -64.61 9.05 -59.42
CA GLY O 77 -63.78 8.64 -60.52
C GLY O 77 -62.46 9.38 -60.65
N THR O 78 -61.92 9.85 -59.53
CA THR O 78 -60.65 10.56 -59.57
C THR O 78 -59.49 9.58 -59.38
N LYS O 79 -58.43 9.75 -60.16
CA LYS O 79 -57.22 8.97 -60.01
C LYS O 79 -56.23 9.75 -59.18
N VAL O 80 -55.90 9.22 -58.01
CA VAL O 80 -55.04 9.95 -57.07
C VAL O 80 -53.75 9.20 -56.78
N LEU O 81 -52.65 9.94 -56.74
CA LEU O 81 -51.38 9.42 -56.25
C LEU O 81 -51.19 9.84 -54.79
N TYR O 82 -51.09 8.86 -53.91
CA TYR O 82 -51.10 9.13 -52.48
C TYR O 82 -49.74 8.78 -51.86
N LEU O 83 -48.86 9.76 -51.73
CA LEU O 83 -47.56 9.54 -51.11
C LEU O 83 -47.70 9.59 -49.59
N GLY O 84 -47.27 8.53 -48.91
CA GLY O 84 -47.40 8.41 -47.48
C GLY O 84 -48.75 7.83 -47.09
N ALA O 85 -49.05 6.65 -47.61
CA ALA O 85 -50.37 6.05 -47.44
C ALA O 85 -50.61 5.63 -46.00
N ALA O 86 -49.51 5.34 -45.29
CA ALA O 86 -49.53 4.95 -43.89
C ALA O 86 -50.48 3.78 -43.59
N SER O 87 -51.16 3.86 -42.44
CA SER O 87 -52.02 2.80 -41.96
C SER O 87 -53.31 2.66 -42.76
N GLY O 88 -53.63 3.68 -43.55
CA GLY O 88 -54.78 3.63 -44.43
C GLY O 88 -56.03 4.32 -43.92
N THR O 89 -55.90 5.09 -42.84
CA THR O 89 -57.02 5.82 -42.27
C THR O 89 -57.64 6.76 -43.29
N THR O 90 -56.84 7.73 -43.74
CA THR O 90 -57.29 8.73 -44.69
C THR O 90 -57.56 8.13 -46.08
N ILE O 91 -56.64 7.28 -46.56
CA ILE O 91 -56.74 6.76 -47.93
C ILE O 91 -57.99 5.92 -48.13
N SER O 92 -58.54 5.40 -47.05
CA SER O 92 -59.79 4.63 -47.12
C SER O 92 -60.96 5.54 -47.45
N HIS O 93 -60.87 6.79 -47.01
CA HIS O 93 -61.92 7.77 -47.27
C HIS O 93 -61.89 8.28 -48.72
N VAL O 94 -60.70 8.33 -49.32
CA VAL O 94 -60.62 8.74 -50.73
C VAL O 94 -61.13 7.59 -51.59
N SER O 95 -61.09 6.40 -51.05
CA SER O 95 -61.69 5.22 -51.68
C SER O 95 -63.20 5.37 -51.77
N ASP O 96 -63.83 5.78 -50.68
CA ASP O 96 -65.27 6.03 -50.65
C ASP O 96 -65.73 7.07 -51.66
N ILE O 97 -64.95 8.12 -51.80
CA ILE O 97 -65.29 9.24 -52.68
C ILE O 97 -65.17 8.86 -54.15
N ILE O 98 -64.04 8.32 -54.55
CA ILE O 98 -63.79 8.04 -55.97
C ILE O 98 -64.67 6.89 -56.47
N GLU O 99 -64.95 5.93 -55.61
CA GLU O 99 -66.10 5.03 -55.76
C GLU O 99 -66.00 4.11 -56.98
N LEU O 100 -64.93 3.33 -57.04
CA LEU O 100 -64.72 2.26 -58.04
C LEU O 100 -64.25 2.80 -59.39
N ASN O 101 -64.82 3.93 -59.80
CA ASN O 101 -64.40 4.57 -61.03
C ASN O 101 -62.99 5.13 -60.84
N GLY O 102 -62.75 5.71 -59.67
CA GLY O 102 -61.46 6.29 -59.34
C GLY O 102 -60.45 5.28 -58.81
N LYS O 103 -59.18 5.64 -58.86
CA LYS O 103 -58.12 4.74 -58.39
C LYS O 103 -57.16 5.46 -57.47
N ALA O 104 -56.68 4.74 -56.45
CA ALA O 104 -55.80 5.33 -55.46
C ALA O 104 -54.52 4.52 -55.30
N TYR O 105 -53.40 5.12 -55.67
CA TYR O 105 -52.11 4.46 -55.57
C TYR O 105 -51.36 4.93 -54.33
N GLY O 106 -51.25 4.04 -53.36
CA GLY O 106 -50.66 4.38 -52.07
C GLY O 106 -49.21 4.00 -51.91
N VAL O 107 -48.33 4.99 -51.98
CA VAL O 107 -46.92 4.75 -51.76
C VAL O 107 -46.61 4.83 -50.26
N GLU O 108 -45.83 3.88 -49.77
CA GLU O 108 -45.49 3.79 -48.34
C GLU O 108 -44.29 2.87 -48.15
N PHE O 109 -43.23 3.35 -47.49
CA PHE O 109 -41.96 2.60 -47.44
C PHE O 109 -41.64 1.99 -46.08
N SER O 110 -42.55 2.11 -45.13
CA SER O 110 -42.37 1.53 -43.79
C SER O 110 -43.17 0.23 -43.65
N PRO O 111 -42.48 -0.92 -43.66
CA PRO O 111 -43.08 -2.26 -43.72
C PRO O 111 -44.00 -2.58 -42.55
N ARG O 112 -43.64 -2.14 -41.35
CA ARG O 112 -44.44 -2.36 -40.14
C ARG O 112 -45.89 -1.87 -40.26
N VAL O 113 -46.11 -0.90 -41.14
CA VAL O 113 -47.40 -0.21 -41.22
C VAL O 113 -48.12 -0.65 -42.49
N VAL O 114 -47.35 -0.90 -43.55
CA VAL O 114 -47.92 -1.48 -44.78
C VAL O 114 -48.62 -2.79 -44.44
N ARG O 115 -48.18 -3.40 -43.34
CA ARG O 115 -48.82 -4.57 -42.74
C ARG O 115 -50.32 -4.37 -42.57
N GLU O 116 -50.71 -3.24 -41.97
CA GLU O 116 -52.11 -2.94 -41.73
C GLU O 116 -52.78 -2.22 -42.90
N LEU O 117 -51.98 -1.65 -43.80
CA LEU O 117 -52.52 -1.05 -45.02
C LEU O 117 -53.06 -2.14 -45.96
N LEU O 118 -52.32 -3.24 -46.10
CA LEU O 118 -52.73 -4.42 -46.86
C LEU O 118 -54.18 -4.86 -46.63
N LEU O 119 -54.54 -5.07 -45.36
CA LEU O 119 -55.86 -5.54 -45.01
C LEU O 119 -56.95 -4.65 -45.56
N VAL O 120 -56.74 -3.34 -45.46
CA VAL O 120 -57.72 -2.41 -45.98
C VAL O 120 -57.73 -2.48 -47.50
N ALA O 121 -56.56 -2.59 -48.10
CA ALA O 121 -56.44 -2.52 -49.55
C ALA O 121 -56.89 -3.82 -50.22
N GLN O 122 -56.92 -4.89 -49.44
CA GLN O 122 -57.49 -6.14 -49.89
C GLN O 122 -58.99 -6.00 -50.13
N ARG O 123 -59.68 -5.48 -49.12
CA ARG O 123 -61.12 -5.29 -49.15
C ARG O 123 -61.60 -4.29 -50.20
N ARG O 124 -60.68 -3.51 -50.73
CA ARG O 124 -61.04 -2.40 -51.61
C ARG O 124 -60.23 -2.44 -52.90
N PRO O 125 -60.84 -2.89 -54.01
CA PRO O 125 -60.20 -2.91 -55.33
C PRO O 125 -59.77 -1.51 -55.79
N ASN O 126 -60.34 -0.49 -55.16
CA ASN O 126 -59.95 0.90 -55.35
C ASN O 126 -58.47 1.18 -55.12
N ILE O 127 -57.87 0.49 -54.15
CA ILE O 127 -56.58 0.90 -53.60
C ILE O 127 -55.45 -0.03 -54.03
N PHE O 128 -54.38 0.56 -54.54
CA PHE O 128 -53.24 -0.18 -55.07
C PHE O 128 -51.97 0.12 -54.27
N PRO O 129 -51.70 -0.68 -53.23
CA PRO O 129 -50.56 -0.50 -52.32
C PRO O 129 -49.21 -0.62 -53.00
N LEU O 130 -48.24 0.17 -52.56
CA LEU O 130 -46.88 0.10 -53.09
C LEU O 130 -45.85 0.34 -51.98
N LEU O 131 -45.17 -0.72 -51.57
CA LEU O 131 -44.09 -0.60 -50.60
C LEU O 131 -42.83 -0.10 -51.31
N ALA O 132 -42.67 1.21 -51.38
CA ALA O 132 -41.52 1.83 -52.05
C ALA O 132 -41.17 3.20 -51.47
N ASP O 133 -39.98 3.70 -51.79
CA ASP O 133 -39.53 4.99 -51.28
C ASP O 133 -39.99 6.08 -52.24
N ALA O 134 -40.83 6.98 -51.75
CA ALA O 134 -41.40 8.05 -52.58
C ALA O 134 -40.34 9.01 -53.11
N ARG O 135 -39.12 8.93 -52.57
CA ARG O 135 -38.01 9.73 -53.07
C ARG O 135 -37.53 9.15 -54.40
N PHE O 136 -37.86 7.89 -54.64
CA PHE O 136 -37.54 7.25 -55.91
C PHE O 136 -38.82 6.84 -56.64
N PRO O 137 -39.44 7.78 -57.38
CA PRO O 137 -40.64 7.42 -58.14
C PRO O 137 -40.33 6.40 -59.24
N GLN O 138 -39.05 6.13 -59.48
CA GLN O 138 -38.60 5.13 -60.45
C GLN O 138 -38.95 3.70 -60.05
N SER O 139 -39.03 3.44 -58.75
CA SER O 139 -39.28 2.10 -58.22
C SER O 139 -40.74 1.64 -58.30
N TYR O 140 -41.65 2.59 -58.44
CA TYR O 140 -43.06 2.27 -58.65
C TYR O 140 -43.52 2.82 -60.00
N LYS O 141 -42.60 3.47 -60.71
CA LYS O 141 -42.77 3.87 -62.11
C LYS O 141 -43.49 2.83 -62.97
N SER O 142 -43.15 1.56 -62.75
CA SER O 142 -43.61 0.46 -63.59
C SER O 142 -44.94 -0.16 -63.14
N VAL O 143 -45.72 0.56 -62.33
CA VAL O 143 -46.99 0.04 -61.83
C VAL O 143 -48.16 1.02 -61.96
N VAL O 144 -47.87 2.30 -61.81
CA VAL O 144 -48.92 3.32 -61.78
C VAL O 144 -49.15 3.96 -63.14
N GLU O 145 -50.21 4.77 -63.20
CA GLU O 145 -50.50 5.58 -64.39
C GLU O 145 -50.37 7.04 -64.01
N ASN O 146 -50.72 7.96 -64.90
CA ASN O 146 -50.78 9.36 -64.49
C ASN O 146 -52.10 9.64 -63.78
N VAL O 147 -52.14 10.71 -63.01
CA VAL O 147 -53.26 10.94 -62.09
C VAL O 147 -53.76 12.38 -62.11
N ASP O 148 -54.96 12.58 -61.58
CA ASP O 148 -55.56 13.91 -61.49
C ASP O 148 -55.13 14.63 -60.22
N VAL O 149 -55.02 13.88 -59.12
CA VAL O 149 -54.67 14.48 -57.84
C VAL O 149 -53.40 13.87 -57.26
N LEU O 150 -52.49 14.73 -56.81
CA LEU O 150 -51.29 14.29 -56.11
C LEU O 150 -51.44 14.64 -54.63
N TYR O 151 -51.88 13.67 -53.83
CA TYR O 151 -52.05 13.89 -52.40
C TYR O 151 -50.79 13.40 -51.67
N VAL O 152 -50.09 14.33 -51.02
CA VAL O 152 -48.78 14.04 -50.42
C VAL O 152 -48.77 14.34 -48.92
N ASP O 153 -48.74 13.29 -48.10
CA ASP O 153 -48.66 13.44 -46.65
C ASP O 153 -47.51 12.61 -46.10
N ILE O 154 -46.29 13.08 -46.35
CA ILE O 154 -45.09 12.35 -45.93
C ILE O 154 -44.21 13.14 -44.95
N ALA O 155 -43.73 12.46 -43.91
CA ALA O 155 -42.82 13.07 -42.96
C ALA O 155 -41.39 13.06 -43.51
N GLN O 156 -40.97 14.19 -44.06
CA GLN O 156 -39.66 14.34 -44.66
C GLN O 156 -39.26 15.81 -44.66
N PRO O 157 -37.98 16.07 -44.39
CA PRO O 157 -37.49 17.47 -44.42
C PRO O 157 -37.64 18.07 -45.81
N ASP O 158 -37.36 17.26 -46.82
CA ASP O 158 -37.46 17.69 -48.22
C ASP O 158 -38.75 17.21 -48.87
N GLN O 159 -39.82 17.10 -48.10
CA GLN O 159 -41.09 16.57 -48.60
C GLN O 159 -41.58 17.31 -49.82
N THR O 160 -41.37 18.63 -49.85
CA THR O 160 -41.81 19.46 -50.95
C THR O 160 -41.04 19.12 -52.22
N ASP O 161 -39.72 19.05 -52.11
CA ASP O 161 -38.86 18.62 -53.22
C ASP O 161 -39.24 17.23 -53.72
N ILE O 162 -39.43 16.31 -52.78
CA ILE O 162 -39.93 14.96 -53.10
C ILE O 162 -41.24 14.97 -53.88
N ALA O 163 -42.19 15.75 -53.41
CA ALA O 163 -43.52 15.87 -54.04
C ALA O 163 -43.43 16.37 -55.49
N ILE O 164 -42.61 17.42 -55.70
CA ILE O 164 -42.42 18.01 -57.03
C ILE O 164 -41.76 17.00 -57.97
N TYR O 165 -40.82 16.21 -57.45
CA TYR O 165 -40.16 15.16 -58.23
C TYR O 165 -41.19 14.15 -58.72
N ASN O 166 -42.09 13.75 -57.81
CA ASN O 166 -43.21 12.89 -58.18
C ASN O 166 -44.15 13.53 -59.18
N ALA O 167 -44.28 14.84 -59.08
CA ALA O 167 -45.22 15.58 -59.94
C ALA O 167 -44.84 15.51 -61.41
N LYS O 168 -43.60 15.87 -61.75
CA LYS O 168 -43.16 15.85 -63.13
C LYS O 168 -43.03 14.43 -63.67
N PHE O 169 -43.17 13.44 -62.79
CA PHE O 169 -43.34 12.07 -63.23
C PHE O 169 -44.77 11.72 -63.60
N PHE O 170 -45.69 11.88 -62.66
CA PHE O 170 -47.02 11.28 -62.79
C PHE O 170 -48.21 12.25 -62.79
N LEU O 171 -47.98 13.51 -62.44
CA LEU O 171 -49.10 14.44 -62.31
C LEU O 171 -49.44 15.08 -63.66
N LYS O 172 -50.67 14.82 -64.13
CA LYS O 172 -51.19 15.42 -65.36
C LYS O 172 -51.06 16.94 -65.35
N VAL O 173 -50.85 17.51 -66.53
CA VAL O 173 -50.85 18.96 -66.66
C VAL O 173 -52.27 19.45 -66.34
N ASN O 174 -52.35 20.56 -65.61
CA ASN O 174 -53.60 21.12 -65.09
C ASN O 174 -54.25 20.23 -64.03
N GLY O 175 -53.47 19.30 -63.48
CA GLY O 175 -53.88 18.49 -62.35
C GLY O 175 -53.71 19.23 -61.03
N ASP O 176 -54.25 18.67 -59.95
CA ASP O 176 -54.18 19.32 -58.66
C ASP O 176 -53.29 18.57 -57.67
N MET O 177 -52.61 19.30 -56.80
CA MET O 177 -51.81 18.69 -55.74
C MET O 177 -52.20 19.19 -54.36
N LEU O 178 -52.52 18.26 -53.47
CA LEU O 178 -52.68 18.58 -52.04
C LEU O 178 -51.44 18.21 -51.22
N LEU O 179 -50.70 19.22 -50.77
CA LEU O 179 -49.47 18.98 -50.02
C LEU O 179 -49.68 19.35 -48.56
N VAL O 180 -49.58 18.36 -47.67
CA VAL O 180 -49.64 18.66 -46.25
C VAL O 180 -48.25 19.05 -45.75
N ILE O 181 -48.14 20.25 -45.18
CA ILE O 181 -46.86 20.73 -44.67
C ILE O 181 -46.68 20.39 -43.20
N LYS O 182 -45.72 19.51 -42.91
CA LYS O 182 -45.37 19.15 -41.54
C LYS O 182 -44.25 20.01 -41.03
N ALA O 183 -44.61 21.09 -40.34
CA ALA O 183 -43.65 22.06 -39.83
C ALA O 183 -42.58 21.39 -38.99
N ARG O 184 -43.02 20.58 -38.03
CA ARG O 184 -42.10 20.03 -37.06
C ARG O 184 -41.28 18.86 -37.63
N SER O 185 -41.61 18.41 -38.83
CA SER O 185 -40.82 17.35 -39.45
C SER O 185 -39.96 17.91 -40.58
N ILE O 186 -40.07 19.22 -40.80
CA ILE O 186 -39.16 19.92 -41.69
C ILE O 186 -38.05 20.57 -40.86
N ASP O 187 -38.44 21.24 -39.77
CA ASP O 187 -37.49 21.86 -38.87
C ASP O 187 -38.18 22.25 -37.56
N VAL O 188 -37.80 21.57 -36.48
CA VAL O 188 -38.37 21.89 -35.18
C VAL O 188 -37.88 23.22 -34.63
N THR O 189 -36.78 23.72 -35.20
CA THR O 189 -36.21 24.97 -34.73
C THR O 189 -36.93 26.16 -35.33
N LYS O 190 -37.06 26.18 -36.65
CA LYS O 190 -37.76 27.27 -37.32
C LYS O 190 -39.24 27.32 -36.95
N ASP O 191 -39.81 28.52 -37.07
CA ASP O 191 -41.23 28.76 -36.79
C ASP O 191 -42.06 28.16 -37.92
N PRO O 192 -43.13 27.44 -37.56
CA PRO O 192 -44.03 26.79 -38.54
C PRO O 192 -44.45 27.71 -39.67
N LYS O 193 -44.65 28.99 -39.35
CA LYS O 193 -45.14 29.99 -40.31
C LYS O 193 -44.05 30.42 -41.29
N GLU O 194 -42.79 30.36 -40.84
CA GLU O 194 -41.64 30.62 -41.72
C GLU O 194 -41.53 29.49 -42.72
N ILE O 195 -41.73 28.27 -42.23
CA ILE O 195 -41.65 27.06 -43.05
C ILE O 195 -42.70 27.07 -44.15
N TYR O 196 -43.94 27.42 -43.80
CA TYR O 196 -45.04 27.45 -44.77
C TYR O 196 -44.75 28.32 -45.99
N LYS O 197 -44.21 29.51 -45.75
CA LYS O 197 -43.95 30.47 -46.80
C LYS O 197 -42.87 29.93 -47.73
N THR O 198 -41.82 29.35 -47.13
CA THR O 198 -40.68 28.84 -47.90
C THR O 198 -40.99 27.56 -48.67
N GLU O 199 -41.90 26.74 -48.16
CA GLU O 199 -42.30 25.51 -48.84
C GLU O 199 -43.21 25.80 -50.03
N VAL O 200 -44.12 26.76 -49.87
CA VAL O 200 -45.01 27.16 -50.96
C VAL O 200 -44.19 27.75 -52.10
N GLU O 201 -43.15 28.50 -51.75
CA GLU O 201 -42.23 29.13 -52.72
C GLU O 201 -41.59 28.11 -53.65
N LYS O 202 -41.22 26.95 -53.09
CA LYS O 202 -40.62 25.88 -53.87
C LYS O 202 -41.55 25.46 -55.00
N LEU O 203 -42.84 25.45 -54.70
CA LEU O 203 -43.86 25.07 -55.67
C LEU O 203 -43.98 26.11 -56.77
N GLU O 204 -43.95 27.37 -56.37
CA GLU O 204 -44.19 28.48 -57.28
C GLU O 204 -43.00 28.74 -58.20
N ASN O 205 -41.79 28.47 -57.72
CA ASN O 205 -40.62 28.48 -58.59
C ASN O 205 -40.60 27.25 -59.48
N SER O 206 -41.22 26.16 -59.00
CA SER O 206 -41.41 24.95 -59.78
C SER O 206 -42.78 24.99 -60.46
N ASN O 207 -43.22 26.21 -60.76
CA ASN O 207 -44.45 26.54 -61.48
C ASN O 207 -45.70 25.74 -61.09
N PHE O 208 -45.94 25.67 -59.78
CA PHE O 208 -47.25 25.31 -59.25
C PHE O 208 -48.01 26.57 -58.88
N GLU O 209 -49.31 26.57 -59.11
CA GLU O 209 -50.10 27.77 -58.93
C GLU O 209 -50.96 27.67 -57.68
N THR O 210 -50.43 28.19 -56.58
CA THR O 210 -51.07 28.14 -55.27
C THR O 210 -52.52 28.62 -55.33
N ILE O 211 -53.43 27.72 -54.95
CA ILE O 211 -54.86 28.00 -55.02
C ILE O 211 -55.38 28.40 -53.66
N GLN O 212 -54.98 27.65 -52.64
CA GLN O 212 -55.47 27.87 -51.30
C GLN O 212 -54.51 27.30 -50.25
N ILE O 213 -54.31 28.05 -49.17
CA ILE O 213 -53.46 27.57 -48.08
C ILE O 213 -54.26 27.54 -46.78
N ILE O 214 -54.45 26.34 -46.27
CA ILE O 214 -55.26 26.14 -45.06
C ILE O 214 -54.47 25.65 -43.85
N ASN O 215 -54.74 26.23 -42.69
CA ASN O 215 -54.12 25.83 -41.44
C ASN O 215 -54.99 24.80 -40.72
N LEU O 216 -54.44 23.61 -40.48
CA LEU O 216 -55.21 22.49 -39.94
C LEU O 216 -55.50 22.54 -38.44
N ASP O 217 -54.86 23.46 -37.73
CA ASP O 217 -55.12 23.65 -36.30
C ASP O 217 -56.62 23.96 -36.12
N PRO O 218 -57.26 23.39 -35.08
CA PRO O 218 -56.74 22.58 -33.98
C PRO O 218 -56.73 21.07 -34.22
N TYR O 219 -57.21 20.62 -35.37
CA TYR O 219 -57.27 19.20 -35.68
C TYR O 219 -55.86 18.62 -35.77
N ASP O 220 -54.94 19.41 -36.34
CA ASP O 220 -53.54 19.03 -36.38
C ASP O 220 -52.62 20.23 -36.05
N LYS O 221 -51.82 20.09 -34.99
CA LYS O 221 -50.92 21.18 -34.58
C LYS O 221 -49.69 21.25 -35.46
N ASP O 222 -49.28 22.47 -35.79
CA ASP O 222 -48.10 22.73 -36.62
C ASP O 222 -48.18 21.99 -37.95
N HIS O 223 -49.37 22.00 -38.54
CA HIS O 223 -49.58 21.44 -39.87
C HIS O 223 -50.37 22.39 -40.77
N ALA O 224 -50.06 22.38 -42.05
CA ALA O 224 -50.81 23.15 -43.03
C ALA O 224 -50.93 22.37 -44.33
N ILE O 225 -51.99 22.62 -45.08
CA ILE O 225 -52.15 21.95 -46.37
C ILE O 225 -52.33 22.93 -47.53
N VAL O 226 -51.58 22.70 -48.60
CA VAL O 226 -51.60 23.56 -49.78
C VAL O 226 -52.31 22.90 -50.95
N LEU O 227 -53.16 23.66 -51.63
CA LEU O 227 -53.72 23.21 -52.90
C LEU O 227 -53.18 24.05 -54.05
N SER O 228 -52.62 23.39 -55.06
CA SER O 228 -52.03 24.10 -56.21
C SER O 228 -52.18 23.32 -57.51
N LYS O 229 -52.01 24.01 -58.63
CA LYS O 229 -52.17 23.40 -59.95
C LYS O 229 -50.86 23.32 -60.74
N TYR O 230 -50.55 22.12 -61.23
CA TYR O 230 -49.34 21.88 -62.01
C TYR O 230 -49.50 22.28 -63.48
N LYS O 231 -48.46 22.87 -64.05
CA LYS O 231 -48.48 23.29 -65.44
C LYS O 231 -47.45 22.53 -66.28
#